data_4G3J
#
_entry.id   4G3J
#
_cell.length_a   60.013
_cell.length_b   79.480
_cell.length_c   116.353
_cell.angle_alpha   74.59
_cell.angle_beta   79.28
_cell.angle_gamma   68.48
#
_symmetry.space_group_name_H-M   'P 1'
#
loop_
_entity.id
_entity.type
_entity.pdbx_description
1 polymer 'sterol 14-alpha-demethylase'
2 non-polymer 'PROTOPORPHYRIN IX CONTAINING FE'
3 non-polymer N-[(1R)-1-(2,4-dichlorophenyl)-2-(1H-1,2,4-triazol-1-yl)ethyl]-4-(5-phenyl-1,3,4-oxadiazol-2-yl)benzamide
4 water water
#
_entity_poly.entity_id   1
_entity_poly.type   'polypeptide(L)'
_entity_poly.pdbx_seq_one_letter_code
;GKLPPVYPVTVPILGHIIQFGKSPLGFMQECKRQLKSGIFTINIVGKRVTIVGDPHEHSRFFLPRNEVLSPREVYSFMVP
VFGEGVAYAAPYPRMREQLNFLAEELTIAKFQNFVPAIQHEVRKFMAANWDKDEGEINLLEDCSTMIINTACQCLFGEDL
RKRLDARRFAQLLAKMESSLIPAAVFLPILLKLPLPQSARCHEARTELQKILSEIIIARKEEEVNKDSSTSDLLSGLLSA
VYRDGTPMSLHEVCGMIVAAMFAGQHTSSITTTWSMLHLMHPANVKHLEALRKEIEEFPAQLNYNNVMDEMPFAERCARE
SIRRDPPLLMLMRKVMADVKVGSYVVPKGDIIACSPLLSHHDEEAFPEPRRWDPERDEKVEGAFIGFGAGVHKCIGQKFG
LLQVKTILATAFRSYDFQLLRDEVPDPDYHTMVVGPTASQCRVKYIRR
;
_entity_poly.pdbx_strand_id   A,B,C,D
#
# COMPACT_ATOMS: atom_id res chain seq x y z
N GLY A 1 -53.92 -74.27 -21.98
CA GLY A 1 -53.29 -75.30 -22.86
C GLY A 1 -51.98 -75.81 -22.32
N LYS A 2 -51.05 -74.89 -22.05
CA LYS A 2 -49.75 -75.23 -21.47
C LYS A 2 -49.39 -74.27 -20.32
N LEU A 3 -50.42 -73.61 -19.79
CA LEU A 3 -50.30 -72.72 -18.64
C LEU A 3 -49.75 -73.42 -17.40
N PRO A 4 -49.00 -72.68 -16.57
CA PRO A 4 -48.71 -73.14 -15.24
C PRO A 4 -49.99 -73.38 -14.45
N PRO A 5 -49.91 -74.21 -13.41
CA PRO A 5 -51.01 -74.40 -12.48
C PRO A 5 -51.48 -73.09 -11.83
N VAL A 6 -52.79 -72.85 -11.86
CA VAL A 6 -53.39 -71.70 -11.18
C VAL A 6 -53.79 -72.05 -9.75
N TYR A 7 -53.29 -71.30 -8.76
CA TYR A 7 -53.75 -71.48 -7.38
C TYR A 7 -55.20 -71.00 -7.24
N PRO A 8 -56.07 -71.84 -6.64
CA PRO A 8 -57.51 -71.53 -6.74
C PRO A 8 -57.86 -70.18 -6.09
N VAL A 9 -58.70 -69.41 -6.78
CA VAL A 9 -59.27 -68.17 -6.24
C VAL A 9 -60.52 -68.48 -5.39
N THR A 10 -60.45 -68.19 -4.09
CA THR A 10 -61.63 -68.43 -3.23
C THR A 10 -62.29 -67.14 -2.70
N VAL A 11 -61.53 -66.04 -2.66
CA VAL A 11 -62.10 -64.73 -2.43
C VAL A 11 -61.80 -63.79 -3.60
N PRO A 12 -62.83 -63.48 -4.42
CA PRO A 12 -62.62 -63.03 -5.80
C PRO A 12 -61.84 -61.72 -6.05
N ILE A 13 -62.18 -60.62 -5.37
CA ILE A 13 -61.60 -59.31 -5.73
C ILE A 13 -60.09 -59.25 -5.48
N LEU A 14 -59.70 -59.71 -4.30
CA LEU A 14 -58.33 -59.91 -3.92
C LEU A 14 -58.08 -61.39 -3.79
N GLY A 15 -57.54 -61.99 -4.84
CA GLY A 15 -57.39 -63.45 -4.90
C GLY A 15 -56.41 -64.07 -3.90
N HIS A 16 -55.23 -63.45 -3.76
CA HIS A 16 -54.22 -64.00 -2.89
C HIS A 16 -53.45 -62.93 -2.15
N ILE A 17 -53.81 -61.68 -2.40
CA ILE A 17 -53.07 -60.57 -1.82
C ILE A 17 -53.19 -60.52 -0.29
N ILE A 18 -54.37 -60.78 0.25
CA ILE A 18 -54.52 -60.80 1.71
C ILE A 18 -53.73 -61.94 2.37
N GLN A 19 -53.83 -63.16 1.84
CA GLN A 19 -53.02 -64.27 2.38
C GLN A 19 -51.53 -64.01 2.24
N PHE A 20 -51.15 -63.40 1.13
CA PHE A 20 -49.75 -63.01 0.91
C PHE A 20 -49.31 -61.99 1.96
N GLY A 21 -50.17 -61.01 2.25
CA GLY A 21 -49.87 -60.01 3.28
C GLY A 21 -49.64 -60.62 4.66
N LYS A 22 -50.45 -61.62 5.00
CA LYS A 22 -50.37 -62.30 6.28
C LYS A 22 -49.07 -63.10 6.45
N SER A 23 -48.63 -63.74 5.37
CA SER A 23 -47.41 -64.55 5.41
C SER A 23 -46.84 -64.74 4.01
N PRO A 24 -45.99 -63.81 3.56
CA PRO A 24 -45.54 -63.86 2.17
C PRO A 24 -44.85 -65.18 1.84
N LEU A 25 -43.92 -65.60 2.69
CA LEU A 25 -43.20 -66.85 2.50
C LEU A 25 -44.10 -68.07 2.69
N GLY A 26 -44.85 -68.08 3.79
CA GLY A 26 -45.76 -69.19 4.06
C GLY A 26 -46.73 -69.37 2.93
N PHE A 27 -47.29 -68.27 2.46
CA PHE A 27 -48.27 -68.35 1.39
C PHE A 27 -47.67 -68.97 0.13
N MET A 28 -46.51 -68.47 -0.29
CA MET A 28 -45.94 -68.90 -1.56
C MET A 28 -45.50 -70.36 -1.51
N GLN A 29 -44.97 -70.77 -0.36
CA GLN A 29 -44.58 -72.15 -0.17
C GLN A 29 -45.78 -73.09 -0.25
N GLU A 30 -46.91 -72.66 0.29
CA GLU A 30 -48.13 -73.47 0.26
C GLU A 30 -48.61 -73.64 -1.18
N CYS A 31 -48.55 -72.57 -1.96
CA CYS A 31 -48.87 -72.69 -3.39
C CYS A 31 -47.95 -73.71 -4.05
N LYS A 32 -46.65 -73.59 -3.77
CA LYS A 32 -45.63 -74.46 -4.36
C LYS A 32 -45.86 -75.93 -4.01
N ARG A 33 -46.15 -76.18 -2.74
CA ARG A 33 -46.38 -77.51 -2.22
C ARG A 33 -47.69 -78.10 -2.72
N GLN A 34 -48.78 -77.36 -2.49
CA GLN A 34 -50.10 -77.83 -2.86
C GLN A 34 -50.20 -78.11 -4.35
N LEU A 35 -49.56 -77.27 -5.16
CA LEU A 35 -49.66 -77.42 -6.62
C LEU A 35 -48.55 -78.34 -7.15
N LYS A 36 -47.64 -78.75 -6.27
CA LYS A 36 -46.53 -79.62 -6.68
C LYS A 36 -45.78 -79.07 -7.88
N SER A 37 -45.46 -77.79 -7.83
CA SER A 37 -44.82 -77.12 -8.95
C SER A 37 -44.18 -75.83 -8.49
N GLY A 38 -42.92 -75.64 -8.85
CA GLY A 38 -42.20 -74.41 -8.55
C GLY A 38 -42.74 -73.23 -9.34
N ILE A 39 -43.34 -73.52 -10.49
CA ILE A 39 -43.90 -72.50 -11.37
C ILE A 39 -45.42 -72.50 -11.30
N PHE A 40 -45.98 -71.44 -10.75
CA PHE A 40 -47.42 -71.38 -10.52
C PHE A 40 -47.96 -69.97 -10.70
N THR A 41 -49.27 -69.85 -10.88
CA THR A 41 -49.88 -68.54 -11.09
C THR A 41 -50.80 -68.19 -9.92
N ILE A 42 -50.57 -67.02 -9.33
CA ILE A 42 -51.52 -66.50 -8.35
C ILE A 42 -52.31 -65.34 -8.96
N ASN A 43 -53.33 -64.89 -8.25
CA ASN A 43 -54.20 -63.85 -8.74
C ASN A 43 -54.19 -62.67 -7.79
N ILE A 44 -53.57 -61.58 -8.21
CA ILE A 44 -53.44 -60.41 -7.34
C ILE A 44 -54.35 -59.30 -7.82
N VAL A 45 -55.40 -59.00 -7.05
CA VAL A 45 -56.39 -58.01 -7.46
C VAL A 45 -56.83 -58.22 -8.91
N GLY A 46 -57.08 -59.47 -9.29
CA GLY A 46 -57.59 -59.78 -10.63
C GLY A 46 -56.52 -60.02 -11.68
N LYS A 47 -55.27 -59.76 -11.33
CA LYS A 47 -54.16 -59.91 -12.28
C LYS A 47 -53.42 -61.23 -12.08
N ARG A 48 -53.22 -61.96 -13.17
CA ARG A 48 -52.39 -63.15 -13.14
C ARG A 48 -50.95 -62.77 -12.87
N VAL A 49 -50.37 -63.40 -11.84
CA VAL A 49 -48.96 -63.27 -11.56
C VAL A 49 -48.34 -64.66 -11.51
N THR A 50 -47.54 -64.96 -12.51
CA THR A 50 -46.88 -66.26 -12.57
C THR A 50 -45.53 -66.20 -11.91
N ILE A 51 -45.37 -66.97 -10.84
CA ILE A 51 -44.13 -66.95 -10.08
C ILE A 51 -43.20 -68.03 -10.56
N VAL A 52 -41.98 -67.64 -10.89
CA VAL A 52 -40.94 -68.58 -11.25
C VAL A 52 -40.23 -69.00 -9.99
N GLY A 53 -40.79 -70.01 -9.32
CA GLY A 53 -40.37 -70.37 -7.96
C GLY A 53 -39.47 -71.59 -7.92
N ASP A 54 -39.00 -72.02 -9.09
CA ASP A 54 -38.02 -73.11 -9.19
C ASP A 54 -36.67 -72.54 -9.60
N PRO A 55 -35.70 -72.57 -8.67
CA PRO A 55 -34.39 -71.95 -8.87
C PRO A 55 -33.71 -72.40 -10.17
N HIS A 56 -33.98 -73.63 -10.60
CA HIS A 56 -33.38 -74.16 -11.82
C HIS A 56 -33.82 -73.36 -13.02
N GLU A 57 -34.93 -72.63 -12.87
CA GLU A 57 -35.53 -71.92 -13.99
C GLU A 57 -35.33 -70.40 -13.88
N HIS A 58 -34.43 -69.95 -13.01
CA HIS A 58 -34.24 -68.51 -12.80
C HIS A 58 -33.89 -67.78 -14.11
N SER A 59 -33.05 -68.40 -14.93
CA SER A 59 -32.61 -67.74 -16.16
C SER A 59 -33.77 -67.41 -17.11
N ARG A 60 -34.88 -68.14 -17.02
CA ARG A 60 -36.04 -67.88 -17.88
C ARG A 60 -36.71 -66.52 -17.54
N PHE A 61 -36.44 -66.03 -16.32
CA PHE A 61 -36.90 -64.71 -15.86
C PHE A 61 -35.87 -63.61 -16.12
N PHE A 62 -34.61 -63.87 -15.79
CA PHE A 62 -33.60 -62.83 -15.73
C PHE A 62 -32.94 -62.51 -17.09
N LEU A 63 -33.04 -63.43 -18.04
CA LEU A 63 -32.24 -63.32 -19.29
C LEU A 63 -32.98 -62.76 -20.52
N PRO A 64 -34.30 -62.99 -20.62
CA PRO A 64 -35.02 -62.42 -21.77
C PRO A 64 -34.89 -60.90 -21.86
N ARG A 65 -34.91 -60.36 -23.08
CA ARG A 65 -34.74 -58.93 -23.30
C ARG A 65 -35.95 -58.13 -22.81
N ASN A 66 -35.75 -56.83 -22.59
CA ASN A 66 -36.80 -55.94 -22.13
C ASN A 66 -38.05 -56.01 -22.99
N GLU A 67 -37.87 -56.19 -24.29
CA GLU A 67 -38.98 -56.17 -25.25
C GLU A 67 -39.90 -57.37 -25.06
N VAL A 68 -39.37 -58.38 -24.38
CA VAL A 68 -40.10 -59.61 -24.10
C VAL A 68 -40.58 -59.65 -22.65
N LEU A 69 -39.66 -59.41 -21.71
CA LEU A 69 -40.01 -59.27 -20.28
C LEU A 69 -39.72 -57.86 -19.81
N SER A 70 -40.75 -57.04 -19.69
CA SER A 70 -40.59 -55.58 -19.63
C SER A 70 -40.70 -55.05 -18.20
N PRO A 71 -39.73 -54.23 -17.76
CA PRO A 71 -39.78 -53.69 -16.41
C PRO A 71 -40.55 -52.37 -16.29
N ARG A 72 -40.94 -51.79 -17.41
CA ARG A 72 -41.51 -50.43 -17.40
C ARG A 72 -42.79 -50.37 -16.57
N GLU A 73 -43.70 -51.30 -16.81
CA GLU A 73 -45.02 -51.24 -16.21
C GLU A 73 -44.97 -51.45 -14.69
N VAL A 74 -44.05 -52.28 -14.25
CA VAL A 74 -43.97 -52.64 -12.84
C VAL A 74 -43.27 -51.54 -12.04
N TYR A 75 -42.53 -50.67 -12.72
CA TYR A 75 -41.88 -49.53 -12.05
C TYR A 75 -42.64 -48.22 -12.25
N SER A 76 -43.80 -48.32 -12.89
CA SER A 76 -44.61 -47.13 -13.17
C SER A 76 -44.91 -46.33 -11.91
N PHE A 77 -45.08 -47.02 -10.79
CA PHE A 77 -45.48 -46.35 -9.54
C PHE A 77 -44.35 -45.49 -8.97
N MET A 78 -43.15 -45.67 -9.50
CA MET A 78 -41.97 -44.90 -9.06
C MET A 78 -41.67 -43.71 -9.97
N VAL A 79 -42.50 -43.53 -11.00
CA VAL A 79 -42.31 -42.37 -11.91
C VAL A 79 -42.33 -41.00 -11.19
N PRO A 80 -43.23 -40.83 -10.20
CA PRO A 80 -43.27 -39.56 -9.46
C PRO A 80 -41.94 -39.21 -8.77
N VAL A 81 -41.08 -40.21 -8.56
CA VAL A 81 -39.78 -40.01 -7.92
C VAL A 81 -38.61 -40.01 -8.93
N PHE A 82 -38.57 -41.00 -9.82
CA PHE A 82 -37.52 -41.07 -10.86
C PHE A 82 -37.70 -39.97 -11.90
N GLY A 83 -38.96 -39.67 -12.22
CA GLY A 83 -39.31 -38.68 -13.25
C GLY A 83 -39.81 -39.33 -14.53
N GLU A 84 -40.68 -38.63 -15.25
CA GLU A 84 -41.05 -39.06 -16.61
C GLU A 84 -39.81 -39.22 -17.48
N GLY A 85 -39.76 -40.32 -18.24
CA GLY A 85 -38.69 -40.54 -19.22
C GLY A 85 -37.35 -40.90 -18.61
N VAL A 86 -37.37 -41.28 -17.33
CA VAL A 86 -36.15 -41.64 -16.64
C VAL A 86 -36.16 -43.11 -16.25
N ALA A 87 -34.99 -43.76 -16.37
CA ALA A 87 -34.84 -45.16 -16.06
C ALA A 87 -35.87 -45.97 -16.86
N TYR A 88 -36.68 -46.75 -16.16
CA TYR A 88 -37.59 -47.70 -16.82
C TYR A 88 -38.67 -47.04 -17.66
N ALA A 89 -38.90 -45.75 -17.41
CA ALA A 89 -39.92 -45.01 -18.16
C ALA A 89 -39.42 -44.52 -19.52
N ALA A 90 -38.12 -44.58 -19.75
CA ALA A 90 -37.55 -44.18 -21.04
C ALA A 90 -37.60 -45.34 -22.01
N PRO A 91 -37.50 -45.05 -23.33
CA PRO A 91 -37.35 -46.15 -24.29
C PRO A 91 -36.14 -46.99 -23.90
N TYR A 92 -36.17 -48.29 -24.13
CA TYR A 92 -35.23 -49.19 -23.46
C TYR A 92 -33.77 -48.91 -23.78
N PRO A 93 -33.44 -48.60 -25.04
CA PRO A 93 -32.04 -48.28 -25.31
C PRO A 93 -31.56 -47.07 -24.51
N ARG A 94 -32.43 -46.08 -24.37
CA ARG A 94 -32.13 -44.88 -23.60
C ARG A 94 -32.08 -45.18 -22.09
N MET A 95 -32.99 -46.03 -21.61
CA MET A 95 -32.92 -46.56 -20.25
C MET A 95 -31.54 -47.15 -19.93
N ARG A 96 -31.04 -48.04 -20.79
CA ARG A 96 -29.74 -48.66 -20.54
C ARG A 96 -28.59 -47.65 -20.51
N GLU A 97 -28.61 -46.66 -21.40
CA GLU A 97 -27.59 -45.63 -21.37
C GLU A 97 -27.55 -44.91 -20.02
N GLN A 98 -28.73 -44.50 -19.54
CA GLN A 98 -28.83 -43.83 -18.24
C GLN A 98 -28.27 -44.71 -17.11
N LEU A 99 -28.69 -45.97 -17.06
CA LEU A 99 -28.25 -46.90 -16.05
C LEU A 99 -26.74 -47.16 -16.15
N ASN A 100 -26.23 -47.28 -17.38
CA ASN A 100 -24.80 -47.41 -17.62
C ASN A 100 -24.01 -46.23 -17.07
N PHE A 101 -24.50 -45.02 -17.28
CA PHE A 101 -23.81 -43.84 -16.77
C PHE A 101 -23.75 -43.87 -15.27
N LEU A 102 -24.84 -44.25 -14.65
CA LEU A 102 -24.87 -44.39 -13.21
C LEU A 102 -23.87 -45.47 -12.76
N ALA A 103 -23.87 -46.61 -13.44
CA ALA A 103 -22.95 -47.68 -13.09
C ALA A 103 -21.49 -47.21 -13.12
N GLU A 104 -21.17 -46.35 -14.08
CA GLU A 104 -19.80 -45.87 -14.24
C GLU A 104 -19.36 -44.98 -13.10
N GLU A 105 -20.31 -44.38 -12.41
CA GLU A 105 -20.00 -43.54 -11.25
C GLU A 105 -19.77 -44.35 -9.97
N LEU A 106 -20.02 -45.66 -10.04
CA LEU A 106 -19.92 -46.52 -8.87
C LEU A 106 -18.85 -47.59 -9.06
N THR A 107 -17.87 -47.30 -9.90
CA THR A 107 -16.88 -48.31 -10.22
C THR A 107 -15.80 -48.40 -9.17
N ILE A 108 -15.16 -49.56 -9.13
CA ILE A 108 -14.18 -49.91 -8.13
C ILE A 108 -12.98 -48.94 -8.05
N ALA A 109 -12.67 -48.25 -9.16
CA ALA A 109 -11.54 -47.31 -9.20
C ALA A 109 -11.67 -46.17 -8.17
N LYS A 110 -12.90 -45.75 -7.93
CA LYS A 110 -13.17 -44.67 -6.96
C LYS A 110 -13.00 -45.13 -5.52
N PHE A 111 -12.97 -46.44 -5.31
CA PHE A 111 -12.99 -47.02 -3.95
C PHE A 111 -11.68 -46.77 -3.19
N GLN A 112 -10.61 -46.46 -3.91
CA GLN A 112 -9.34 -46.09 -3.29
C GLN A 112 -9.55 -44.96 -2.29
N ASN A 113 -10.36 -43.98 -2.70
CA ASN A 113 -10.72 -42.87 -1.83
C ASN A 113 -11.94 -43.16 -0.98
N PHE A 114 -12.87 -43.95 -1.50
CA PHE A 114 -14.12 -44.17 -0.77
C PHE A 114 -13.86 -44.84 0.57
N VAL A 115 -12.98 -45.83 0.60
CA VAL A 115 -12.80 -46.61 1.83
C VAL A 115 -12.40 -45.75 3.05
N PRO A 116 -11.32 -44.95 2.95
CA PRO A 116 -11.03 -44.08 4.11
C PRO A 116 -12.11 -43.02 4.36
N ALA A 117 -12.72 -42.49 3.29
CA ALA A 117 -13.82 -41.54 3.45
C ALA A 117 -14.99 -42.15 4.23
N ILE A 118 -15.37 -43.37 3.85
CA ILE A 118 -16.44 -44.08 4.52
C ILE A 118 -16.08 -44.33 5.98
N GLN A 119 -14.89 -44.88 6.23
CA GLN A 119 -14.53 -45.18 7.61
C GLN A 119 -14.50 -43.92 8.47
N HIS A 120 -14.03 -42.81 7.88
CA HIS A 120 -13.98 -41.55 8.61
C HIS A 120 -15.37 -41.16 9.07
N GLU A 121 -16.35 -41.22 8.18
CA GLU A 121 -17.74 -40.93 8.56
C GLU A 121 -18.23 -41.86 9.64
N VAL A 122 -17.93 -43.15 9.50
CA VAL A 122 -18.35 -44.13 10.50
C VAL A 122 -17.75 -43.79 11.85
N ARG A 123 -16.44 -43.53 11.88
CA ARG A 123 -15.78 -43.23 13.13
C ARG A 123 -16.31 -41.95 13.76
N LYS A 124 -16.57 -40.94 12.92
CA LYS A 124 -17.23 -39.72 13.39
C LYS A 124 -18.57 -40.04 14.04
N PHE A 125 -19.37 -40.88 13.39
CA PHE A 125 -20.65 -41.24 13.97
C PHE A 125 -20.49 -41.91 15.34
N MET A 126 -19.60 -42.90 15.39
CA MET A 126 -19.45 -43.73 16.59
C MET A 126 -18.93 -42.91 17.75
N ALA A 127 -17.96 -42.05 17.45
CA ALA A 127 -17.42 -41.14 18.44
C ALA A 127 -18.54 -40.34 19.09
N ALA A 128 -19.47 -39.84 18.27
CA ALA A 128 -20.47 -38.88 18.75
C ALA A 128 -21.66 -39.57 19.44
N ASN A 129 -21.94 -40.81 19.07
CA ASN A 129 -23.13 -41.48 19.55
C ASN A 129 -22.86 -42.77 20.32
N TRP A 130 -21.73 -43.42 20.04
CA TRP A 130 -21.38 -44.62 20.79
C TRP A 130 -20.19 -44.33 21.69
N ASP A 131 -20.31 -43.28 22.49
CA ASP A 131 -19.16 -42.68 23.15
C ASP A 131 -19.05 -43.11 24.61
N LYS A 132 -19.96 -43.98 25.05
CA LYS A 132 -19.93 -44.46 26.44
C LYS A 132 -19.16 -45.78 26.54
N ASP A 133 -18.94 -46.27 27.76
CA ASP A 133 -18.41 -47.61 27.94
C ASP A 133 -19.42 -48.63 27.45
N GLU A 134 -20.70 -48.33 27.66
CA GLU A 134 -21.76 -49.12 27.06
C GLU A 134 -23.02 -48.28 26.96
N GLY A 135 -23.92 -48.66 26.06
CA GLY A 135 -25.09 -47.85 25.75
C GLY A 135 -26.14 -48.62 25.00
N GLU A 136 -27.37 -48.14 25.02
CA GLU A 136 -28.45 -48.79 24.30
C GLU A 136 -28.82 -47.97 23.07
N ILE A 137 -28.98 -48.67 21.95
CA ILE A 137 -29.28 -47.99 20.71
C ILE A 137 -30.34 -48.76 19.96
N ASN A 138 -30.98 -48.08 19.01
CA ASN A 138 -31.63 -48.79 17.93
C ASN A 138 -30.67 -48.99 16.77
N LEU A 139 -30.33 -50.25 16.50
CA LEU A 139 -29.26 -50.57 15.58
C LEU A 139 -29.66 -50.27 14.14
N LEU A 140 -30.95 -50.42 13.86
CA LEU A 140 -31.46 -50.10 12.53
C LEU A 140 -31.39 -48.60 12.25
N GLU A 141 -31.84 -47.79 13.19
CA GLU A 141 -31.75 -46.33 13.06
C GLU A 141 -30.32 -45.88 12.88
N ASP A 142 -29.43 -46.46 13.67
CA ASP A 142 -28.04 -46.01 13.64
C ASP A 142 -27.32 -46.45 12.37
N CYS A 143 -27.59 -47.67 11.90
CA CYS A 143 -26.99 -48.10 10.64
C CYS A 143 -27.50 -47.24 9.49
N SER A 144 -28.78 -46.87 9.54
CA SER A 144 -29.37 -46.01 8.51
C SER A 144 -28.70 -44.64 8.47
N THR A 145 -28.47 -44.06 9.64
CA THR A 145 -27.79 -42.79 9.73
C THR A 145 -26.37 -42.85 9.19
N MET A 146 -25.67 -43.94 9.50
CA MET A 146 -24.30 -44.09 9.01
C MET A 146 -24.27 -44.19 7.49
N ILE A 147 -25.22 -44.93 6.92
CA ILE A 147 -25.26 -45.16 5.48
C ILE A 147 -25.59 -43.86 4.72
N ILE A 148 -26.48 -43.04 5.27
CA ILE A 148 -26.71 -41.73 4.65
C ILE A 148 -25.43 -40.88 4.64
N ASN A 149 -24.69 -40.87 5.75
CA ASN A 149 -23.44 -40.13 5.81
C ASN A 149 -22.34 -40.70 4.92
N THR A 150 -22.20 -42.03 4.91
CA THR A 150 -21.14 -42.64 4.12
C THR A 150 -21.40 -42.49 2.63
N ALA A 151 -22.64 -42.73 2.22
CA ALA A 151 -22.99 -42.61 0.80
C ALA A 151 -22.83 -41.17 0.31
N CYS A 152 -23.36 -40.22 1.07
CA CYS A 152 -23.26 -38.80 0.69
C CYS A 152 -21.82 -38.32 0.70
N GLN A 153 -21.03 -38.83 1.63
CA GLN A 153 -19.60 -38.51 1.64
C GLN A 153 -18.92 -38.94 0.33
N CYS A 154 -19.27 -40.12 -0.16
CA CYS A 154 -18.66 -40.63 -1.38
C CYS A 154 -19.16 -39.95 -2.64
N LEU A 155 -20.46 -39.65 -2.67
CA LEU A 155 -21.14 -39.33 -3.94
C LEU A 155 -21.54 -37.86 -4.09
N PHE A 156 -21.59 -37.12 -3.00
CA PHE A 156 -21.98 -35.70 -3.04
C PHE A 156 -20.77 -34.83 -2.78
N GLY A 157 -20.56 -33.83 -3.64
CA GLY A 157 -19.59 -32.78 -3.33
C GLY A 157 -19.89 -32.09 -2.01
N GLU A 158 -18.85 -31.51 -1.40
CA GLU A 158 -19.03 -30.84 -0.12
C GLU A 158 -20.04 -29.69 -0.22
N ASP A 159 -20.06 -29.00 -1.34
CA ASP A 159 -21.03 -27.92 -1.52
C ASP A 159 -22.46 -28.45 -1.47
N LEU A 160 -22.70 -29.57 -2.15
CA LEU A 160 -24.01 -30.22 -2.13
C LEU A 160 -24.37 -30.70 -0.72
N ARG A 161 -23.40 -31.26 -0.02
CA ARG A 161 -23.64 -31.73 1.33
C ARG A 161 -24.03 -30.62 2.28
N LYS A 162 -23.45 -29.43 2.10
CA LYS A 162 -23.82 -28.31 2.94
C LYS A 162 -25.28 -27.93 2.72
N ARG A 163 -25.70 -27.92 1.46
CA ARG A 163 -27.07 -27.57 1.11
C ARG A 163 -28.05 -28.64 1.51
N LEU A 164 -27.62 -29.89 1.41
CA LEU A 164 -28.50 -31.01 1.58
C LEU A 164 -27.86 -31.98 2.55
N ASP A 165 -27.93 -31.66 3.84
CA ASP A 165 -27.15 -32.41 4.82
C ASP A 165 -27.86 -33.72 5.20
N ALA A 166 -27.22 -34.48 6.09
CA ALA A 166 -27.73 -35.81 6.44
C ALA A 166 -29.17 -35.78 6.94
N ARG A 167 -29.49 -34.83 7.80
CA ARG A 167 -30.84 -34.75 8.33
C ARG A 167 -31.82 -34.42 7.19
N ARG A 168 -31.49 -33.39 6.41
CA ARG A 168 -32.39 -32.98 5.35
C ARG A 168 -32.51 -34.06 4.27
N PHE A 169 -31.40 -34.69 3.92
CA PHE A 169 -31.46 -35.74 2.90
C PHE A 169 -32.30 -36.94 3.37
N ALA A 170 -32.11 -37.34 4.63
CA ALA A 170 -32.95 -38.38 5.23
C ALA A 170 -34.43 -38.04 5.13
N GLN A 171 -34.79 -36.81 5.47
CA GLN A 171 -36.18 -36.38 5.44
C GLN A 171 -36.77 -36.42 4.03
N LEU A 172 -35.97 -35.98 3.07
CA LEU A 172 -36.36 -36.02 1.67
C LEU A 172 -36.61 -37.46 1.19
N LEU A 173 -35.64 -38.34 1.45
CA LEU A 173 -35.81 -39.74 1.04
C LEU A 173 -37.00 -40.37 1.74
N ALA A 174 -37.19 -40.02 3.01
CA ALA A 174 -38.30 -40.54 3.78
C ALA A 174 -39.65 -40.07 3.22
N LYS A 175 -39.71 -38.82 2.78
CA LYS A 175 -40.92 -38.27 2.20
C LYS A 175 -41.29 -39.04 0.93
N MET A 176 -40.29 -39.30 0.09
CA MET A 176 -40.47 -40.14 -1.09
C MET A 176 -40.89 -41.57 -0.71
N GLU A 177 -40.11 -42.22 0.14
CA GLU A 177 -40.35 -43.62 0.46
C GLU A 177 -41.76 -43.81 1.01
N SER A 178 -42.15 -42.93 1.93
CA SER A 178 -43.41 -43.11 2.64
C SER A 178 -44.61 -42.80 1.74
N SER A 179 -44.33 -42.22 0.58
CA SER A 179 -45.41 -41.73 -0.26
C SER A 179 -45.63 -42.63 -1.50
N LEU A 180 -44.79 -43.65 -1.68
CA LEU A 180 -44.93 -44.59 -2.80
C LEU A 180 -45.91 -45.70 -2.47
N ILE A 181 -46.69 -46.12 -3.46
CA ILE A 181 -47.63 -47.23 -3.28
C ILE A 181 -47.40 -48.37 -4.28
N PRO A 182 -46.62 -49.39 -3.88
CA PRO A 182 -46.34 -50.53 -4.78
C PRO A 182 -47.60 -51.23 -5.27
N ALA A 183 -48.69 -51.15 -4.50
CA ALA A 183 -49.98 -51.71 -4.93
C ALA A 183 -50.46 -51.15 -6.27
N ALA A 184 -49.93 -50.00 -6.67
CA ALA A 184 -50.30 -49.38 -7.94
C ALA A 184 -49.91 -50.26 -9.14
N VAL A 185 -48.95 -51.16 -8.94
CA VAL A 185 -48.62 -52.16 -9.94
C VAL A 185 -49.87 -52.95 -10.36
N PHE A 186 -50.73 -53.19 -9.38
CA PHE A 186 -51.91 -54.04 -9.57
C PHE A 186 -53.20 -53.24 -9.61
N LEU A 187 -53.09 -51.97 -9.23
CA LEU A 187 -54.21 -51.05 -9.23
C LEU A 187 -53.78 -49.79 -9.97
N PRO A 188 -53.51 -49.93 -11.28
CA PRO A 188 -52.88 -48.86 -12.06
C PRO A 188 -53.70 -47.57 -12.09
N ILE A 189 -54.99 -47.65 -11.75
CA ILE A 189 -55.81 -46.45 -11.62
C ILE A 189 -55.15 -45.46 -10.66
N LEU A 190 -54.45 -45.97 -9.66
CA LEU A 190 -53.79 -45.11 -8.66
C LEU A 190 -52.88 -44.06 -9.31
N LEU A 191 -52.28 -44.43 -10.43
CA LEU A 191 -51.30 -43.54 -11.06
C LEU A 191 -51.98 -42.38 -11.78
N LYS A 192 -53.30 -42.46 -11.90
CA LYS A 192 -54.10 -41.47 -12.60
C LYS A 192 -54.91 -40.61 -11.65
N LEU A 193 -55.04 -41.05 -10.41
CA LEU A 193 -55.90 -40.34 -9.44
C LEU A 193 -55.17 -39.19 -8.76
N PRO A 194 -55.93 -38.17 -8.28
CA PRO A 194 -55.36 -37.22 -7.34
C PRO A 194 -55.05 -37.92 -6.02
N LEU A 195 -53.78 -37.93 -5.65
CA LEU A 195 -53.37 -38.51 -4.38
C LEU A 195 -52.42 -37.56 -3.69
N PRO A 196 -52.59 -37.39 -2.37
CA PRO A 196 -51.62 -36.63 -1.61
C PRO A 196 -50.24 -37.24 -1.77
N GLN A 197 -50.17 -38.57 -1.88
CA GLN A 197 -48.88 -39.26 -1.95
C GLN A 197 -48.11 -38.89 -3.21
N SER A 198 -48.82 -38.77 -4.32
CA SER A 198 -48.24 -38.33 -5.58
C SER A 198 -47.72 -36.90 -5.48
N ALA A 199 -48.54 -36.02 -4.91
CA ALA A 199 -48.14 -34.63 -4.68
C ALA A 199 -46.85 -34.57 -3.86
N ARG A 200 -46.75 -35.44 -2.86
CA ARG A 200 -45.60 -35.40 -1.96
C ARG A 200 -44.34 -35.85 -2.66
N CYS A 201 -44.46 -36.90 -3.48
CA CYS A 201 -43.36 -37.30 -4.34
C CYS A 201 -42.89 -36.13 -5.19
N HIS A 202 -43.84 -35.41 -5.80
CA HIS A 202 -43.48 -34.27 -6.66
C HIS A 202 -42.78 -33.16 -5.88
N GLU A 203 -43.28 -32.83 -4.69
CA GLU A 203 -42.65 -31.83 -3.84
C GLU A 203 -41.22 -32.21 -3.49
N ALA A 204 -41.02 -33.45 -3.07
CA ALA A 204 -39.70 -33.93 -2.66
C ALA A 204 -38.72 -33.89 -3.83
N ARG A 205 -39.16 -34.37 -4.99
CA ARG A 205 -38.29 -34.44 -6.14
C ARG A 205 -37.95 -33.04 -6.63
N THR A 206 -38.93 -32.15 -6.58
CA THR A 206 -38.76 -30.76 -6.98
C THR A 206 -37.79 -30.05 -6.04
N GLU A 207 -37.87 -30.36 -4.75
CA GLU A 207 -36.95 -29.78 -3.77
C GLU A 207 -35.53 -30.20 -4.06
N LEU A 208 -35.33 -31.49 -4.33
CA LEU A 208 -34.03 -32.01 -4.71
C LEU A 208 -33.53 -31.38 -6.00
N GLN A 209 -34.38 -31.30 -7.02
CA GLN A 209 -33.93 -30.72 -8.29
C GLN A 209 -33.53 -29.24 -8.14
N LYS A 210 -34.28 -28.51 -7.32
CA LYS A 210 -33.99 -27.10 -7.04
C LYS A 210 -32.62 -26.98 -6.40
N ILE A 211 -32.34 -27.83 -5.42
CA ILE A 211 -31.03 -27.84 -4.79
C ILE A 211 -29.92 -28.14 -5.80
N LEU A 212 -30.11 -29.16 -6.64
CA LEU A 212 -29.11 -29.51 -7.66
C LEU A 212 -28.85 -28.36 -8.64
N SER A 213 -29.91 -27.69 -9.07
CA SER A 213 -29.76 -26.58 -10.01
C SER A 213 -28.97 -25.44 -9.37
N GLU A 214 -29.25 -25.15 -8.10
CA GLU A 214 -28.54 -24.06 -7.39
C GLU A 214 -27.06 -24.39 -7.24
N ILE A 215 -26.78 -25.66 -6.94
CA ILE A 215 -25.41 -26.14 -6.86
C ILE A 215 -24.69 -26.06 -8.22
N ILE A 216 -25.36 -26.48 -9.28
CA ILE A 216 -24.79 -26.39 -10.63
C ILE A 216 -24.46 -24.94 -11.00
N ILE A 217 -25.42 -24.05 -10.76
CA ILE A 217 -25.25 -22.64 -11.07
C ILE A 217 -24.07 -22.05 -10.28
N ALA A 218 -24.01 -22.39 -8.99
CA ALA A 218 -22.91 -21.89 -8.14
C ALA A 218 -21.53 -22.38 -8.60
N ARG A 219 -21.47 -23.63 -9.04
CA ARG A 219 -20.22 -24.17 -9.57
C ARG A 219 -19.80 -23.44 -10.85
N LYS A 220 -20.77 -23.17 -11.73
CA LYS A 220 -20.47 -22.45 -12.97
C LYS A 220 -20.05 -21.00 -12.72
N GLU A 221 -20.67 -20.36 -11.73
CA GLU A 221 -20.27 -19.00 -11.33
C GLU A 221 -18.82 -18.96 -10.90
N GLU A 222 -18.41 -20.00 -10.16
CA GLU A 222 -17.15 -19.99 -9.40
C GLU A 222 -16.01 -20.73 -10.10
N GLU A 223 -16.34 -21.57 -11.08
CA GLU A 223 -15.39 -22.55 -11.67
C GLU A 223 -14.15 -21.93 -12.31
N VAL A 224 -14.34 -20.93 -13.16
CA VAL A 224 -13.22 -20.39 -13.95
C VAL A 224 -12.01 -20.11 -13.07
N ASN A 225 -12.24 -19.58 -11.88
CA ASN A 225 -11.15 -19.29 -10.94
C ASN A 225 -10.57 -20.55 -10.28
N LYS A 226 -11.42 -21.53 -10.02
CA LYS A 226 -11.10 -22.60 -9.08
C LYS A 226 -9.83 -23.38 -9.46
N ASP A 227 -9.69 -23.70 -10.75
CA ASP A 227 -8.55 -24.50 -11.22
C ASP A 227 -8.65 -25.92 -10.64
N SER A 228 -9.69 -26.11 -9.84
CA SER A 228 -9.92 -27.36 -9.14
C SER A 228 -11.39 -27.44 -8.79
N SER A 229 -12.20 -27.88 -9.74
CA SER A 229 -13.64 -27.91 -9.57
C SER A 229 -14.10 -29.19 -8.89
N THR A 230 -15.35 -29.19 -8.46
CA THR A 230 -15.91 -30.29 -7.69
C THR A 230 -16.18 -31.48 -8.59
N SER A 231 -15.76 -32.66 -8.14
CA SER A 231 -16.00 -33.89 -8.86
C SER A 231 -16.82 -34.85 -8.01
N ASP A 232 -18.05 -35.13 -8.45
CA ASP A 232 -18.95 -35.99 -7.68
C ASP A 232 -19.96 -36.66 -8.62
N LEU A 233 -20.95 -37.33 -8.04
CA LEU A 233 -21.96 -38.02 -8.83
C LEU A 233 -22.66 -37.02 -9.76
N LEU A 234 -23.03 -35.88 -9.21
CA LEU A 234 -23.69 -34.82 -9.97
C LEU A 234 -22.86 -34.37 -11.17
N SER A 235 -21.60 -34.01 -10.93
CA SER A 235 -20.75 -33.54 -12.04
C SER A 235 -20.49 -34.65 -13.05
N GLY A 236 -20.32 -35.88 -12.57
CA GLY A 236 -20.12 -37.03 -13.44
C GLY A 236 -21.27 -37.21 -14.41
N LEU A 237 -22.50 -37.24 -13.87
CA LEU A 237 -23.67 -37.48 -14.69
C LEU A 237 -23.91 -36.32 -15.65
N LEU A 238 -23.59 -35.11 -15.21
CA LEU A 238 -23.77 -33.92 -16.04
C LEU A 238 -22.86 -33.93 -17.26
N SER A 239 -21.73 -34.62 -17.15
CA SER A 239 -20.77 -34.68 -18.24
C SER A 239 -21.02 -35.88 -19.16
N ALA A 240 -22.04 -36.67 -18.84
CA ALA A 240 -22.40 -37.81 -19.68
C ALA A 240 -22.99 -37.34 -21.01
N VAL A 241 -22.63 -38.03 -22.09
CA VAL A 241 -23.19 -37.73 -23.40
C VAL A 241 -23.78 -38.99 -23.99
N TYR A 242 -25.03 -38.92 -24.43
CA TYR A 242 -25.69 -40.08 -25.03
C TYR A 242 -25.06 -40.44 -26.36
N ARG A 243 -25.38 -41.62 -26.90
CA ARG A 243 -24.79 -42.08 -28.17
C ARG A 243 -25.22 -41.16 -29.32
N ASP A 244 -26.38 -40.53 -29.20
CA ASP A 244 -26.87 -39.61 -30.23
C ASP A 244 -26.22 -38.22 -30.11
N GLY A 245 -25.30 -38.08 -29.17
CA GLY A 245 -24.54 -36.84 -29.03
C GLY A 245 -25.10 -35.80 -28.07
N THR A 246 -26.25 -36.07 -27.45
CA THR A 246 -26.88 -35.11 -26.54
C THR A 246 -26.52 -35.41 -25.07
N PRO A 247 -26.52 -34.37 -24.21
CA PRO A 247 -26.22 -34.56 -22.80
C PRO A 247 -27.47 -35.01 -22.03
N MET A 248 -27.29 -35.59 -20.84
CA MET A 248 -28.40 -35.77 -19.91
C MET A 248 -28.99 -34.42 -19.55
N SER A 249 -30.30 -34.32 -19.50
CA SER A 249 -30.94 -33.15 -18.91
C SER A 249 -30.82 -33.18 -17.39
N LEU A 250 -30.93 -32.02 -16.77
CA LEU A 250 -31.00 -31.94 -15.32
C LEU A 250 -32.13 -32.83 -14.77
N HIS A 251 -33.27 -32.85 -15.47
CA HIS A 251 -34.37 -33.71 -15.09
C HIS A 251 -33.94 -35.17 -14.99
N GLU A 252 -33.16 -35.63 -15.97
CA GLU A 252 -32.69 -37.01 -15.97
C GLU A 252 -31.63 -37.23 -14.92
N VAL A 253 -30.76 -36.24 -14.76
CA VAL A 253 -29.69 -36.34 -13.78
C VAL A 253 -30.27 -36.46 -12.36
N CYS A 254 -31.21 -35.58 -12.05
CA CYS A 254 -31.93 -35.63 -10.78
C CYS A 254 -32.55 -37.00 -10.54
N GLY A 255 -33.23 -37.50 -11.55
CA GLY A 255 -33.88 -38.80 -11.43
C GLY A 255 -32.90 -39.94 -11.18
N MET A 256 -31.75 -39.90 -11.84
CA MET A 256 -30.76 -40.95 -11.66
C MET A 256 -30.10 -40.85 -10.27
N ILE A 257 -30.00 -39.63 -9.74
CA ILE A 257 -29.53 -39.42 -8.36
C ILE A 257 -30.56 -39.95 -7.36
N VAL A 258 -31.83 -39.65 -7.58
CA VAL A 258 -32.89 -40.25 -6.79
C VAL A 258 -32.77 -41.77 -6.80
N ALA A 259 -32.64 -42.35 -7.98
CA ALA A 259 -32.57 -43.80 -8.12
C ALA A 259 -31.39 -44.36 -7.31
N ALA A 260 -30.22 -43.78 -7.47
CA ALA A 260 -29.01 -44.25 -6.77
C ALA A 260 -29.15 -44.15 -5.26
N MET A 261 -29.58 -42.99 -4.79
CA MET A 261 -29.58 -42.71 -3.37
C MET A 261 -30.68 -43.46 -2.66
N PHE A 262 -31.82 -43.56 -3.31
CA PHE A 262 -32.92 -44.36 -2.80
C PHE A 262 -32.51 -45.82 -2.76
N ALA A 263 -32.04 -46.33 -3.89
CA ALA A 263 -31.66 -47.75 -4.02
C ALA A 263 -30.65 -48.15 -2.95
N GLY A 264 -29.65 -47.30 -2.74
CA GLY A 264 -28.53 -47.63 -1.86
C GLY A 264 -28.86 -47.49 -0.39
N GLN A 265 -29.79 -46.60 -0.08
CA GLN A 265 -29.99 -46.20 1.33
C GLN A 265 -30.58 -47.36 2.14
N HIS A 266 -31.78 -47.83 1.78
CA HIS A 266 -32.47 -48.82 2.60
C HIS A 266 -31.79 -50.18 2.51
N THR A 267 -31.46 -50.62 1.31
CA THR A 267 -30.85 -51.93 1.16
C THR A 267 -29.54 -52.04 1.94
N SER A 268 -28.70 -51.01 1.85
CA SER A 268 -27.40 -51.05 2.52
C SER A 268 -27.53 -50.97 4.03
N SER A 269 -28.44 -50.12 4.51
CA SER A 269 -28.72 -49.99 5.93
C SER A 269 -29.23 -51.31 6.50
N ILE A 270 -30.21 -51.88 5.82
CA ILE A 270 -30.82 -53.14 6.22
C ILE A 270 -29.80 -54.28 6.23
N THR A 271 -28.96 -54.33 5.20
CA THR A 271 -27.95 -55.37 5.08
C THR A 271 -26.94 -55.29 6.24
N THR A 272 -26.47 -54.08 6.52
CA THR A 272 -25.57 -53.87 7.66
C THR A 272 -26.25 -54.30 8.95
N THR A 273 -27.51 -53.88 9.11
CA THR A 273 -28.26 -54.19 10.33
C THR A 273 -28.44 -55.71 10.55
N TRP A 274 -28.97 -56.42 9.56
CA TRP A 274 -29.10 -57.88 9.68
C TRP A 274 -27.75 -58.55 10.01
N SER A 275 -26.69 -58.17 9.30
CA SER A 275 -25.37 -58.77 9.49
C SER A 275 -24.88 -58.65 10.93
N MET A 276 -25.02 -57.47 11.49
CA MET A 276 -24.58 -57.21 12.86
C MET A 276 -25.48 -57.93 13.85
N LEU A 277 -26.77 -57.99 13.55
CA LEU A 277 -27.70 -58.75 14.39
C LEU A 277 -27.33 -60.23 14.47
N HIS A 278 -27.03 -60.84 13.33
CA HIS A 278 -26.70 -62.26 13.30
C HIS A 278 -25.39 -62.49 14.01
N LEU A 279 -24.40 -61.67 13.68
CA LEU A 279 -23.05 -61.83 14.20
C LEU A 279 -22.99 -61.69 15.71
N MET A 280 -23.89 -60.90 16.28
CA MET A 280 -23.88 -60.70 17.73
C MET A 280 -24.72 -61.76 18.46
N HIS A 281 -25.45 -62.59 17.72
CA HIS A 281 -26.28 -63.64 18.34
C HIS A 281 -25.45 -64.82 18.86
N PRO A 282 -25.88 -65.42 19.98
CA PRO A 282 -25.11 -66.55 20.53
C PRO A 282 -24.98 -67.74 19.57
N ALA A 283 -26.01 -68.06 18.80
CA ALA A 283 -25.90 -69.19 17.88
C ALA A 283 -24.70 -69.02 16.91
N ASN A 284 -24.17 -67.80 16.81
CA ASN A 284 -23.20 -67.49 15.73
C ASN A 284 -21.80 -67.08 16.20
N VAL A 285 -21.45 -67.44 17.43
CA VAL A 285 -20.15 -67.10 17.97
C VAL A 285 -18.98 -67.61 17.11
N LYS A 286 -19.11 -68.80 16.51
CA LYS A 286 -18.06 -69.32 15.62
C LYS A 286 -17.84 -68.39 14.44
N HIS A 287 -18.93 -67.70 14.07
CA HIS A 287 -18.92 -66.82 12.91
C HIS A 287 -18.38 -65.46 13.29
N LEU A 288 -18.71 -65.01 14.48
CA LEU A 288 -18.11 -63.79 15.00
C LEU A 288 -16.61 -63.92 15.13
N GLU A 289 -16.14 -65.04 15.65
CA GLU A 289 -14.71 -65.19 15.84
C GLU A 289 -14.00 -65.34 14.48
N ALA A 290 -14.72 -65.86 13.49
CA ALA A 290 -14.22 -65.88 12.11
C ALA A 290 -14.07 -64.47 11.55
N LEU A 291 -15.02 -63.60 11.87
CA LEU A 291 -14.91 -62.18 11.47
C LEU A 291 -13.78 -61.48 12.21
N ARG A 292 -13.68 -61.73 13.51
CA ARG A 292 -12.64 -61.04 14.29
C ARG A 292 -11.25 -61.51 13.87
N LYS A 293 -11.13 -62.77 13.44
CA LYS A 293 -9.85 -63.25 12.93
C LYS A 293 -9.50 -62.60 11.60
N GLU A 294 -10.47 -62.56 10.68
CA GLU A 294 -10.27 -61.91 9.39
C GLU A 294 -9.69 -60.50 9.56
N ILE A 295 -10.20 -59.75 10.53
CA ILE A 295 -9.90 -58.32 10.65
C ILE A 295 -8.81 -58.01 11.68
N GLU A 296 -8.26 -59.06 12.29
CA GLU A 296 -7.44 -58.89 13.50
C GLU A 296 -6.14 -58.11 13.25
N GLU A 297 -5.57 -58.28 12.06
CA GLU A 297 -4.31 -57.64 11.68
C GLU A 297 -4.47 -56.35 10.87
N PHE A 298 -5.71 -55.97 10.58
CA PHE A 298 -5.95 -54.74 9.83
C PHE A 298 -5.39 -53.54 10.55
N PRO A 299 -4.92 -52.53 9.79
CA PRO A 299 -4.61 -51.23 10.37
C PRO A 299 -5.83 -50.57 11.02
N ALA A 300 -5.61 -49.61 11.90
CA ALA A 300 -6.69 -48.78 12.43
C ALA A 300 -7.40 -48.02 11.32
N GLN A 301 -6.62 -47.60 10.33
CA GLN A 301 -7.17 -46.99 9.12
C GLN A 301 -7.33 -48.03 8.04
N LEU A 302 -8.55 -48.53 7.85
CA LEU A 302 -8.82 -49.44 6.75
C LEU A 302 -8.38 -48.79 5.46
N ASN A 303 -7.86 -49.59 4.56
CA ASN A 303 -7.63 -49.14 3.21
C ASN A 303 -8.35 -50.01 2.19
N TYR A 304 -8.29 -49.56 0.95
CA TYR A 304 -8.89 -50.23 -0.16
C TYR A 304 -8.59 -51.74 -0.14
N ASN A 305 -7.34 -52.07 0.14
CA ASN A 305 -6.90 -53.45 0.02
C ASN A 305 -7.49 -54.35 1.11
N ASN A 306 -7.55 -53.83 2.33
CA ASN A 306 -8.25 -54.51 3.42
C ASN A 306 -9.66 -54.93 3.01
N VAL A 307 -10.46 -53.95 2.58
CA VAL A 307 -11.87 -54.18 2.32
C VAL A 307 -12.10 -54.97 1.03
N MET A 308 -11.37 -54.62 -0.03
CA MET A 308 -11.60 -55.23 -1.33
C MET A 308 -11.01 -56.63 -1.41
N ASP A 309 -9.86 -56.83 -0.79
CA ASP A 309 -9.09 -58.06 -1.01
C ASP A 309 -9.12 -59.03 0.18
N GLU A 310 -9.29 -58.52 1.39
CA GLU A 310 -8.99 -59.31 2.58
C GLU A 310 -10.19 -59.49 3.51
N MET A 311 -11.39 -59.30 2.98
CA MET A 311 -12.60 -59.47 3.79
C MET A 311 -13.60 -60.41 3.15
N PRO A 312 -13.14 -61.61 2.71
CA PRO A 312 -14.11 -62.48 2.08
C PRO A 312 -15.15 -63.00 3.06
N PHE A 313 -14.77 -63.18 4.32
CA PHE A 313 -15.73 -63.70 5.28
C PHE A 313 -16.81 -62.69 5.64
N ALA A 314 -16.40 -61.45 5.90
CA ALA A 314 -17.36 -60.36 6.13
C ALA A 314 -18.35 -60.23 4.97
N GLU A 315 -17.86 -60.39 3.76
CA GLU A 315 -18.73 -60.33 2.59
C GLU A 315 -19.70 -61.50 2.54
N ARG A 316 -19.23 -62.68 2.93
CA ARG A 316 -20.10 -63.85 3.03
C ARG A 316 -21.22 -63.60 4.05
N CYS A 317 -20.87 -62.90 5.14
CA CYS A 317 -21.86 -62.51 6.14
C CYS A 317 -22.94 -61.59 5.57
N ALA A 318 -22.51 -60.58 4.82
CA ALA A 318 -23.45 -59.66 4.18
C ALA A 318 -24.36 -60.43 3.22
N ARG A 319 -23.76 -61.25 2.37
CA ARG A 319 -24.52 -61.99 1.34
C ARG A 319 -25.55 -62.95 1.94
N GLU A 320 -25.18 -63.62 3.03
CA GLU A 320 -26.08 -64.59 3.66
C GLU A 320 -27.22 -63.91 4.44
N SER A 321 -26.98 -62.69 4.93
CA SER A 321 -28.04 -61.86 5.50
C SER A 321 -29.10 -61.56 4.45
N ILE A 322 -28.66 -61.23 3.23
CA ILE A 322 -29.54 -60.95 2.11
C ILE A 322 -30.19 -62.23 1.62
N ARG A 323 -29.46 -63.34 1.67
CA ARG A 323 -30.02 -64.64 1.32
C ARG A 323 -31.23 -64.95 2.21
N ARG A 324 -31.02 -64.91 3.52
CA ARG A 324 -32.06 -65.32 4.47
C ARG A 324 -33.22 -64.32 4.50
N ASP A 325 -32.91 -63.03 4.48
CA ASP A 325 -33.95 -62.00 4.52
C ASP A 325 -33.70 -60.95 3.45
N PRO A 326 -34.04 -61.28 2.20
CA PRO A 326 -33.77 -60.38 1.07
C PRO A 326 -34.63 -59.12 1.18
N PRO A 327 -33.98 -57.94 1.10
CA PRO A 327 -34.71 -56.67 1.24
C PRO A 327 -35.77 -56.46 0.16
N LEU A 328 -35.53 -57.03 -1.02
CA LEU A 328 -36.51 -56.99 -2.08
C LEU A 328 -37.12 -58.38 -2.30
N LEU A 329 -38.42 -58.50 -2.01
CA LEU A 329 -39.07 -59.81 -1.86
C LEU A 329 -39.46 -60.40 -3.19
N MET A 330 -39.79 -59.53 -4.13
CA MET A 330 -40.47 -59.91 -5.36
C MET A 330 -39.92 -59.09 -6.51
N LEU A 331 -39.24 -59.76 -7.44
CA LEU A 331 -38.85 -59.10 -8.69
C LEU A 331 -39.85 -59.40 -9.83
N MET A 332 -40.27 -58.39 -10.56
CA MET A 332 -41.39 -58.57 -11.51
C MET A 332 -41.08 -58.02 -12.89
N ARG A 333 -41.69 -58.63 -13.91
CA ARG A 333 -41.75 -58.04 -15.26
C ARG A 333 -43.15 -58.20 -15.84
N LYS A 334 -43.47 -57.39 -16.84
CA LYS A 334 -44.65 -57.64 -17.67
C LYS A 334 -44.28 -58.50 -18.88
N VAL A 335 -45.03 -59.57 -19.10
CA VAL A 335 -44.79 -60.45 -20.24
C VAL A 335 -45.38 -59.85 -21.52
N MET A 336 -44.50 -59.48 -22.44
CA MET A 336 -44.91 -58.81 -23.67
C MET A 336 -45.15 -59.83 -24.78
N ALA A 337 -44.68 -61.05 -24.56
CA ALA A 337 -44.76 -62.12 -25.54
C ALA A 337 -44.66 -63.46 -24.81
N ASP A 338 -45.33 -64.48 -25.32
CA ASP A 338 -45.31 -65.78 -24.67
C ASP A 338 -43.88 -66.24 -24.40
N VAL A 339 -43.63 -66.77 -23.21
CA VAL A 339 -42.30 -67.30 -22.89
C VAL A 339 -42.38 -68.70 -22.31
N LYS A 340 -41.46 -69.54 -22.77
CA LYS A 340 -41.22 -70.83 -22.17
C LYS A 340 -40.55 -70.65 -20.80
N VAL A 341 -41.11 -71.30 -19.78
CA VAL A 341 -40.40 -71.53 -18.52
C VAL A 341 -40.75 -72.94 -18.04
N GLY A 342 -39.73 -73.74 -17.72
CA GLY A 342 -39.93 -75.15 -17.43
C GLY A 342 -40.81 -75.81 -18.49
N SER A 343 -41.82 -76.55 -18.05
CA SER A 343 -42.70 -77.27 -18.97
C SER A 343 -43.84 -76.39 -19.49
N TYR A 344 -43.79 -75.10 -19.21
CA TYR A 344 -44.97 -74.25 -19.37
C TYR A 344 -44.76 -73.13 -20.37
N VAL A 345 -45.86 -72.55 -20.84
CA VAL A 345 -45.82 -71.26 -21.51
C VAL A 345 -46.46 -70.22 -20.59
N VAL A 346 -45.70 -69.18 -20.24
CA VAL A 346 -46.29 -68.04 -19.56
C VAL A 346 -46.83 -67.06 -20.61
N PRO A 347 -48.15 -66.80 -20.57
CA PRO A 347 -48.77 -66.05 -21.65
C PRO A 347 -48.49 -64.56 -21.58
N LYS A 348 -48.33 -63.95 -22.75
CA LYS A 348 -48.44 -62.52 -22.92
C LYS A 348 -49.53 -61.95 -22.02
N GLY A 349 -49.24 -60.87 -21.30
CA GLY A 349 -50.24 -60.25 -20.42
C GLY A 349 -50.05 -60.55 -18.94
N ASP A 350 -49.45 -61.70 -18.62
CA ASP A 350 -49.12 -62.01 -17.24
C ASP A 350 -48.12 -61.00 -16.70
N ILE A 351 -48.17 -60.78 -15.39
CA ILE A 351 -46.96 -60.36 -14.67
C ILE A 351 -46.20 -61.63 -14.31
N ILE A 352 -44.94 -61.70 -14.69
CA ILE A 352 -44.10 -62.79 -14.25
C ILE A 352 -43.21 -62.28 -13.13
N ALA A 353 -42.94 -63.14 -12.16
CA ALA A 353 -42.22 -62.74 -10.96
C ALA A 353 -41.21 -63.77 -10.59
N CYS A 354 -40.10 -63.31 -10.04
CA CYS A 354 -39.14 -64.19 -9.43
C CYS A 354 -38.82 -63.64 -8.05
N SER A 355 -39.10 -64.43 -7.02
CA SER A 355 -39.04 -63.95 -5.65
C SER A 355 -37.79 -64.43 -4.91
N PRO A 356 -36.86 -63.50 -4.64
CA PRO A 356 -35.75 -63.84 -3.77
C PRO A 356 -36.21 -64.45 -2.45
N LEU A 357 -37.36 -64.02 -1.93
CA LEU A 357 -37.87 -64.59 -0.69
C LEU A 357 -38.17 -66.08 -0.84
N LEU A 358 -38.96 -66.42 -1.85
CA LEU A 358 -39.32 -67.82 -2.10
C LEU A 358 -38.10 -68.66 -2.50
N SER A 359 -37.33 -68.16 -3.46
CA SER A 359 -36.24 -68.95 -4.03
C SER A 359 -35.16 -69.19 -3.01
N HIS A 360 -34.94 -68.22 -2.13
CA HIS A 360 -33.92 -68.35 -1.11
C HIS A 360 -34.35 -69.31 -0.03
N HIS A 361 -35.56 -69.86 -0.13
CA HIS A 361 -36.03 -70.83 0.85
C HIS A 361 -36.38 -72.17 0.22
N ASP A 362 -35.97 -72.35 -1.02
CA ASP A 362 -36.00 -73.66 -1.65
C ASP A 362 -34.99 -74.59 -0.97
N GLU A 363 -35.45 -75.69 -0.40
CA GLU A 363 -34.58 -76.48 0.48
C GLU A 363 -33.52 -77.30 -0.28
N GLU A 364 -33.74 -77.54 -1.58
CA GLU A 364 -32.66 -78.10 -2.40
C GLU A 364 -31.50 -77.12 -2.53
N ALA A 365 -31.81 -75.88 -2.85
CA ALA A 365 -30.78 -74.85 -3.04
C ALA A 365 -30.21 -74.37 -1.69
N PHE A 366 -31.06 -74.27 -0.68
CA PHE A 366 -30.66 -73.74 0.62
C PHE A 366 -31.25 -74.56 1.76
N PRO A 367 -30.61 -75.70 2.09
CA PRO A 367 -31.17 -76.55 3.13
C PRO A 367 -31.28 -75.79 4.45
N GLU A 368 -32.37 -76.00 5.18
CA GLU A 368 -32.54 -75.35 6.48
C GLU A 368 -32.49 -73.81 6.38
N PRO A 369 -33.33 -73.25 5.51
CA PRO A 369 -33.13 -71.88 4.99
C PRO A 369 -33.24 -70.78 6.06
N ARG A 370 -33.92 -71.04 7.17
CA ARG A 370 -34.02 -70.02 8.22
C ARG A 370 -32.78 -69.99 9.11
N ARG A 371 -31.90 -70.97 8.95
CA ARG A 371 -30.59 -70.88 9.57
C ARG A 371 -29.67 -69.97 8.77
N TRP A 372 -29.10 -69.01 9.47
CA TRP A 372 -28.12 -68.11 8.90
C TRP A 372 -26.76 -68.75 8.99
N ASP A 373 -26.15 -68.99 7.85
CA ASP A 373 -24.86 -69.66 7.81
C ASP A 373 -24.04 -69.11 6.67
N PRO A 374 -23.12 -68.18 6.97
CA PRO A 374 -22.31 -67.56 5.93
C PRO A 374 -21.37 -68.55 5.22
N GLU A 375 -21.22 -69.76 5.77
CA GLU A 375 -20.35 -70.75 5.14
C GLU A 375 -21.09 -71.62 4.12
N ARG A 376 -22.40 -71.47 4.00
CA ARG A 376 -23.11 -72.24 2.99
C ARG A 376 -22.71 -71.76 1.60
N ASP A 377 -22.78 -72.66 0.64
CA ASP A 377 -22.86 -72.28 -0.76
C ASP A 377 -24.12 -72.88 -1.37
N GLU A 378 -24.67 -72.20 -2.36
CA GLU A 378 -25.81 -72.71 -3.10
C GLU A 378 -25.49 -74.08 -3.72
N LYS A 379 -26.53 -74.92 -3.83
CA LYS A 379 -26.42 -76.27 -4.37
C LYS A 379 -27.11 -76.29 -5.71
N VAL A 380 -27.72 -75.15 -6.04
CA VAL A 380 -28.26 -74.92 -7.36
C VAL A 380 -27.66 -73.65 -7.92
N GLU A 381 -26.98 -73.77 -9.05
CA GLU A 381 -26.44 -72.63 -9.76
C GLU A 381 -27.49 -71.51 -9.89
N GLY A 382 -27.12 -70.31 -9.44
CA GLY A 382 -27.93 -69.12 -9.72
C GLY A 382 -29.15 -68.99 -8.82
N ALA A 383 -29.17 -69.78 -7.74
CA ALA A 383 -30.28 -69.78 -6.78
C ALA A 383 -30.34 -68.48 -5.98
N PHE A 384 -29.19 -67.92 -5.66
CA PHE A 384 -29.11 -66.66 -4.93
C PHE A 384 -29.35 -65.49 -5.85
N ILE A 385 -30.44 -64.79 -5.61
CA ILE A 385 -30.86 -63.70 -6.46
C ILE A 385 -31.08 -62.42 -5.66
N GLY A 386 -30.37 -62.31 -4.55
CA GLY A 386 -30.49 -61.16 -3.64
C GLY A 386 -30.18 -59.84 -4.33
N PHE A 387 -29.31 -59.88 -5.34
CA PHE A 387 -29.03 -58.72 -6.18
C PHE A 387 -29.57 -58.84 -7.59
N GLY A 388 -30.58 -59.68 -7.79
CA GLY A 388 -31.09 -59.94 -9.13
C GLY A 388 -30.04 -60.61 -10.00
N ALA A 389 -30.24 -60.53 -11.31
CA ALA A 389 -29.42 -61.27 -12.24
C ALA A 389 -29.74 -60.83 -13.66
N GLY A 390 -28.90 -61.24 -14.60
CA GLY A 390 -29.17 -61.02 -16.01
C GLY A 390 -29.33 -59.56 -16.36
N VAL A 391 -30.39 -59.26 -17.11
CA VAL A 391 -30.51 -57.98 -17.78
C VAL A 391 -30.48 -56.83 -16.77
N HIS A 392 -31.13 -57.01 -15.63
CA HIS A 392 -31.28 -55.91 -14.67
C HIS A 392 -30.56 -56.16 -13.34
N LYS A 393 -29.46 -56.90 -13.38
CA LYS A 393 -28.70 -57.17 -12.16
C LYS A 393 -28.23 -55.86 -11.51
N CYS A 394 -28.17 -55.86 -10.18
CA CYS A 394 -27.87 -54.65 -9.42
C CYS A 394 -26.53 -54.05 -9.84
N ILE A 395 -26.52 -52.75 -10.12
CA ILE A 395 -25.29 -52.04 -10.49
C ILE A 395 -24.60 -51.42 -9.27
N GLY A 396 -25.29 -51.46 -8.13
CA GLY A 396 -24.79 -50.84 -6.91
C GLY A 396 -24.18 -51.83 -5.94
N GLN A 397 -24.24 -53.12 -6.26
CA GLN A 397 -23.82 -54.19 -5.34
C GLN A 397 -22.48 -53.92 -4.64
N LYS A 398 -21.44 -53.65 -5.43
CA LYS A 398 -20.09 -53.49 -4.90
C LYS A 398 -19.98 -52.28 -3.98
N PHE A 399 -20.63 -51.19 -4.36
CA PHE A 399 -20.64 -49.99 -3.54
C PHE A 399 -21.40 -50.20 -2.22
N GLY A 400 -22.56 -50.86 -2.31
CA GLY A 400 -23.32 -51.22 -1.12
C GLY A 400 -22.50 -52.07 -0.16
N LEU A 401 -21.92 -53.14 -0.68
CA LEU A 401 -21.14 -54.06 0.15
C LEU A 401 -19.86 -53.39 0.67
N LEU A 402 -19.30 -52.49 -0.12
CA LEU A 402 -18.18 -51.70 0.38
C LEU A 402 -18.53 -50.99 1.69
N GLN A 403 -19.69 -50.37 1.73
CA GLN A 403 -20.11 -49.66 2.93
C GLN A 403 -20.41 -50.63 4.07
N VAL A 404 -21.14 -51.71 3.77
CA VAL A 404 -21.47 -52.73 4.76
C VAL A 404 -20.21 -53.28 5.41
N LYS A 405 -19.26 -53.71 4.58
CA LYS A 405 -18.07 -54.35 5.09
C LYS A 405 -17.24 -53.37 5.90
N THR A 406 -17.18 -52.11 5.44
CA THR A 406 -16.43 -51.09 6.17
C THR A 406 -17.04 -50.84 7.55
N ILE A 407 -18.37 -50.80 7.62
CA ILE A 407 -19.02 -50.66 8.92
C ILE A 407 -18.77 -51.87 9.84
N LEU A 408 -18.89 -53.08 9.29
CA LEU A 408 -18.67 -54.32 10.06
C LEU A 408 -17.26 -54.32 10.66
N ALA A 409 -16.27 -54.08 9.81
CA ALA A 409 -14.88 -54.07 10.25
C ALA A 409 -14.64 -52.98 11.30
N THR A 410 -15.27 -51.83 11.14
CA THR A 410 -15.04 -50.71 12.04
C THR A 410 -15.78 -50.89 13.37
N ALA A 411 -17.02 -51.37 13.29
CA ALA A 411 -17.85 -51.59 14.46
C ALA A 411 -17.24 -52.66 15.37
N PHE A 412 -16.89 -53.80 14.76
CA PHE A 412 -16.52 -54.97 15.54
C PHE A 412 -15.06 -54.93 16.01
N ARG A 413 -14.26 -54.03 15.44
CA ARG A 413 -12.91 -53.77 15.97
C ARG A 413 -12.97 -53.10 17.33
N SER A 414 -13.96 -52.23 17.52
CA SER A 414 -14.00 -51.37 18.71
C SER A 414 -15.14 -51.71 19.67
N TYR A 415 -16.10 -52.53 19.24
CA TYR A 415 -17.27 -52.83 20.07
C TYR A 415 -17.65 -54.29 20.03
N ASP A 416 -18.27 -54.75 21.12
CA ASP A 416 -19.20 -55.87 21.05
C ASP A 416 -20.63 -55.39 21.18
N PHE A 417 -21.56 -56.27 20.86
CA PHE A 417 -22.97 -55.95 20.98
C PHE A 417 -23.74 -57.09 21.59
N GLN A 418 -24.78 -56.73 22.33
CA GLN A 418 -25.70 -57.67 22.90
C GLN A 418 -27.11 -57.39 22.38
N LEU A 419 -27.69 -58.39 21.72
CA LEU A 419 -29.10 -58.33 21.34
C LEU A 419 -29.98 -58.41 22.58
N LEU A 420 -30.89 -57.44 22.73
CA LEU A 420 -31.78 -57.40 23.89
C LEU A 420 -33.04 -58.21 23.66
N ARG A 421 -32.85 -59.40 23.11
CA ARG A 421 -33.93 -60.30 22.85
C ARG A 421 -33.29 -61.65 22.74
N ASP A 422 -34.08 -62.70 22.89
CA ASP A 422 -33.57 -64.04 22.71
C ASP A 422 -33.27 -64.37 21.26
N GLU A 423 -34.15 -63.92 20.37
CA GLU A 423 -34.02 -64.26 18.96
C GLU A 423 -33.66 -63.04 18.12
N VAL A 424 -33.03 -63.31 16.99
CA VAL A 424 -32.82 -62.32 15.97
C VAL A 424 -34.18 -61.76 15.52
N PRO A 425 -34.28 -60.43 15.32
CA PRO A 425 -35.60 -59.86 14.99
C PRO A 425 -36.32 -60.54 13.82
N ASP A 426 -37.64 -60.51 13.88
CA ASP A 426 -38.49 -60.87 12.77
C ASP A 426 -38.31 -59.85 11.66
N PRO A 427 -38.32 -60.33 10.41
CA PRO A 427 -38.41 -59.36 9.31
C PRO A 427 -39.77 -58.68 9.31
N ASP A 428 -39.81 -57.41 8.94
CA ASP A 428 -41.08 -56.68 8.86
C ASP A 428 -41.49 -56.46 7.42
N TYR A 429 -42.48 -57.23 6.96
CA TYR A 429 -42.82 -57.26 5.54
C TYR A 429 -43.78 -56.13 5.12
N HIS A 430 -44.01 -55.15 5.99
CA HIS A 430 -45.00 -54.10 5.69
C HIS A 430 -44.46 -53.01 4.79
N THR A 431 -43.14 -52.93 4.65
CA THR A 431 -42.51 -51.81 3.94
C THR A 431 -42.02 -52.23 2.56
N MET A 432 -41.85 -51.25 1.66
CA MET A 432 -41.33 -51.47 0.30
C MET A 432 -40.06 -52.27 0.30
N VAL A 433 -39.11 -51.79 1.09
CA VAL A 433 -37.83 -52.46 1.23
C VAL A 433 -37.79 -53.09 2.61
N VAL A 434 -37.63 -54.41 2.65
CA VAL A 434 -37.88 -55.16 3.87
C VAL A 434 -36.62 -55.24 4.72
N GLY A 435 -36.71 -54.79 5.97
CA GLY A 435 -35.63 -54.96 6.94
C GLY A 435 -36.10 -55.63 8.22
N PRO A 436 -35.21 -55.72 9.23
CA PRO A 436 -35.66 -56.29 10.49
C PRO A 436 -36.65 -55.37 11.17
N THR A 437 -37.59 -55.93 11.91
CA THR A 437 -38.59 -55.13 12.62
C THR A 437 -37.92 -54.07 13.49
N ALA A 438 -38.16 -52.79 13.18
CA ALA A 438 -37.40 -51.72 13.81
C ALA A 438 -37.47 -51.79 15.34
N SER A 439 -38.65 -52.09 15.86
CA SER A 439 -38.86 -52.06 17.30
C SER A 439 -38.15 -53.23 18.00
N GLN A 440 -37.70 -54.20 17.21
CA GLN A 440 -36.96 -55.36 17.75
C GLN A 440 -35.43 -55.15 17.68
N CYS A 441 -34.99 -53.97 17.23
CA CYS A 441 -33.57 -53.72 16.93
C CYS A 441 -32.83 -52.91 18.00
N ARG A 442 -33.35 -52.89 19.23
CA ARG A 442 -32.58 -52.25 20.30
C ARG A 442 -31.51 -53.20 20.81
N VAL A 443 -30.29 -52.68 20.89
CA VAL A 443 -29.13 -53.48 21.28
C VAL A 443 -28.26 -52.68 22.23
N LYS A 444 -27.42 -53.39 22.97
CA LYS A 444 -26.42 -52.76 23.81
C LYS A 444 -25.07 -52.81 23.11
N TYR A 445 -24.42 -51.65 22.97
CA TYR A 445 -23.01 -51.62 22.55
C TYR A 445 -22.10 -51.65 23.76
N ILE A 446 -20.99 -52.37 23.62
CA ILE A 446 -19.98 -52.39 24.66
C ILE A 446 -18.62 -52.14 24.04
N ARG A 447 -17.99 -51.04 24.45
CA ARG A 447 -16.63 -50.74 24.02
C ARG A 447 -15.70 -51.89 24.40
N ARG A 448 -14.73 -52.15 23.53
CA ARG A 448 -13.68 -53.09 23.83
C ARG A 448 -12.47 -52.37 24.40
N GLY B 1 -38.67 -12.06 -5.44
CA GLY B 1 -38.09 -13.43 -5.41
C GLY B 1 -38.10 -14.03 -4.03
N LYS B 2 -36.92 -14.24 -3.45
CA LYS B 2 -36.77 -14.68 -2.09
C LYS B 2 -35.69 -13.84 -1.41
N LEU B 3 -35.99 -12.55 -1.20
CA LEU B 3 -34.93 -11.54 -1.01
C LEU B 3 -34.48 -11.45 0.43
N PRO B 4 -33.23 -11.01 0.66
CA PRO B 4 -32.82 -10.78 2.04
C PRO B 4 -33.75 -9.78 2.71
N PRO B 5 -33.83 -9.82 4.06
CA PRO B 5 -34.65 -8.81 4.69
C PRO B 5 -34.05 -7.41 4.53
N VAL B 6 -34.91 -6.41 4.45
CA VAL B 6 -34.48 -5.01 4.31
C VAL B 6 -34.64 -4.28 5.63
N TYR B 7 -33.60 -3.60 6.09
CA TYR B 7 -33.73 -2.78 7.28
C TYR B 7 -34.72 -1.65 7.02
N PRO B 8 -35.60 -1.38 8.00
CA PRO B 8 -36.64 -0.38 7.81
C PRO B 8 -36.02 0.97 7.49
N VAL B 9 -36.58 1.64 6.49
CA VAL B 9 -36.17 2.98 6.11
C VAL B 9 -37.09 4.00 6.76
N THR B 10 -36.57 4.80 7.67
CA THR B 10 -37.37 5.80 8.35
C THR B 10 -37.14 7.18 7.73
N VAL B 11 -35.95 7.39 7.17
CA VAL B 11 -35.59 8.63 6.50
C VAL B 11 -35.57 8.47 4.99
N PRO B 12 -36.61 8.94 4.32
CA PRO B 12 -36.67 8.75 2.88
C PRO B 12 -35.56 9.52 2.19
N ILE B 13 -35.34 9.20 0.92
CA ILE B 13 -34.31 9.82 0.09
C ILE B 13 -32.92 9.39 0.50
N LEU B 14 -32.60 9.56 1.77
CA LEU B 14 -31.28 9.24 2.26
C LEU B 14 -31.06 7.75 2.49
N GLY B 15 -32.09 7.08 3.01
CA GLY B 15 -31.93 5.73 3.55
C GLY B 15 -31.14 5.69 4.84
N HIS B 16 -30.18 4.78 4.92
CA HIS B 16 -29.46 4.54 6.16
C HIS B 16 -28.09 5.19 6.17
N ILE B 17 -27.77 5.94 5.13
CA ILE B 17 -26.42 6.47 4.96
C ILE B 17 -25.96 7.24 6.20
N ILE B 18 -26.88 7.96 6.84
CA ILE B 18 -26.54 8.73 8.04
C ILE B 18 -26.25 7.85 9.25
N GLN B 19 -27.10 6.83 9.46
CA GLN B 19 -26.85 5.88 10.53
C GLN B 19 -25.56 5.10 10.30
N PHE B 20 -25.39 4.61 9.08
CA PHE B 20 -24.15 3.91 8.73
C PHE B 20 -22.96 4.80 9.06
N GLY B 21 -23.01 6.04 8.55
CA GLY B 21 -21.91 6.99 8.74
C GLY B 21 -21.55 7.22 10.19
N LYS B 22 -22.55 7.27 11.05
CA LYS B 22 -22.36 7.55 12.48
C LYS B 22 -21.65 6.42 13.22
N SER B 23 -22.00 5.18 12.89
CA SER B 23 -21.39 4.02 13.52
C SER B 23 -21.50 2.85 12.57
N PRO B 24 -20.55 2.70 11.64
CA PRO B 24 -20.71 1.65 10.65
C PRO B 24 -20.85 0.26 11.28
N LEU B 25 -20.01 -0.07 12.26
CA LEU B 25 -20.08 -1.41 12.89
C LEU B 25 -21.35 -1.56 13.73
N GLY B 26 -21.62 -0.56 14.58
CA GLY B 26 -22.84 -0.54 15.38
C GLY B 26 -24.10 -0.68 14.53
N PHE B 27 -24.16 0.11 13.46
CA PHE B 27 -25.33 0.06 12.59
C PHE B 27 -25.47 -1.31 11.95
N MET B 28 -24.36 -1.86 11.44
CA MET B 28 -24.44 -3.11 10.70
C MET B 28 -24.80 -4.26 11.63
N GLN B 29 -24.29 -4.20 12.86
CA GLN B 29 -24.61 -5.23 13.84
C GLN B 29 -26.05 -5.14 14.33
N GLU B 30 -26.56 -3.92 14.47
CA GLU B 30 -27.98 -3.73 14.73
C GLU B 30 -28.87 -4.35 13.65
N CYS B 31 -28.51 -4.15 12.39
CA CYS B 31 -29.25 -4.74 11.26
C CYS B 31 -29.29 -6.26 11.35
N LYS B 32 -28.10 -6.85 11.50
CA LYS B 32 -27.93 -8.29 11.67
C LYS B 32 -28.83 -8.83 12.77
N ARG B 33 -28.86 -8.11 13.89
CA ARG B 33 -29.57 -8.56 15.09
C ARG B 33 -31.06 -8.44 14.91
N GLN B 34 -31.51 -7.27 14.48
CA GLN B 34 -32.93 -7.00 14.33
C GLN B 34 -33.56 -7.85 13.23
N LEU B 35 -32.80 -8.13 12.19
CA LEU B 35 -33.33 -8.79 11.01
C LEU B 35 -33.13 -10.30 11.07
N LYS B 36 -32.44 -10.75 12.12
CA LYS B 36 -32.20 -12.19 12.35
C LYS B 36 -31.52 -12.86 11.18
N SER B 37 -30.52 -12.21 10.61
CA SER B 37 -29.90 -12.71 9.41
C SER B 37 -28.56 -12.05 9.16
N GLY B 38 -27.52 -12.85 8.94
CA GLY B 38 -26.21 -12.31 8.53
C GLY B 38 -26.22 -11.70 7.14
N ILE B 39 -27.20 -12.07 6.33
CA ILE B 39 -27.39 -11.49 5.01
C ILE B 39 -28.62 -10.58 5.00
N PHE B 40 -28.41 -9.30 4.69
CA PHE B 40 -29.49 -8.33 4.77
C PHE B 40 -29.22 -7.17 3.84
N THR B 41 -30.24 -6.34 3.63
CA THR B 41 -30.15 -5.25 2.67
C THR B 41 -30.36 -3.90 3.35
N ILE B 42 -29.47 -2.94 3.05
CA ILE B 42 -29.68 -1.56 3.49
C ILE B 42 -29.90 -0.65 2.29
N ASN B 43 -30.32 0.58 2.54
CA ASN B 43 -30.60 1.50 1.47
C ASN B 43 -29.71 2.73 1.57
N ILE B 44 -28.88 2.93 0.55
CA ILE B 44 -27.92 4.04 0.54
C ILE B 44 -28.29 5.04 -0.55
N VAL B 45 -28.84 6.17 -0.12
CA VAL B 45 -29.38 7.17 -1.03
C VAL B 45 -30.25 6.54 -2.11
N GLY B 46 -31.10 5.60 -1.71
CA GLY B 46 -32.06 5.03 -2.63
C GLY B 46 -31.59 3.73 -3.26
N LYS B 47 -30.30 3.41 -3.10
CA LYS B 47 -29.73 2.22 -3.74
C LYS B 47 -29.70 1.03 -2.79
N ARG B 48 -30.19 -0.11 -3.27
CA ARG B 48 -30.13 -1.35 -2.50
C ARG B 48 -28.69 -1.86 -2.41
N VAL B 49 -28.21 -2.00 -1.17
CA VAL B 49 -26.90 -2.59 -0.87
C VAL B 49 -27.10 -3.85 -0.02
N THR B 50 -26.90 -5.02 -0.61
CA THR B 50 -27.04 -6.25 0.14
C THR B 50 -25.71 -6.69 0.71
N ILE B 51 -25.69 -6.85 2.03
CA ILE B 51 -24.46 -7.13 2.74
C ILE B 51 -24.38 -8.61 3.11
N VAL B 52 -23.30 -9.26 2.65
CA VAL B 52 -22.99 -10.62 3.08
C VAL B 52 -22.24 -10.58 4.40
N GLY B 53 -22.98 -10.55 5.51
CA GLY B 53 -22.40 -10.37 6.83
C GLY B 53 -22.33 -11.67 7.62
N ASP B 54 -22.52 -12.79 6.93
CA ASP B 54 -22.29 -14.12 7.49
C ASP B 54 -20.99 -14.69 6.94
N PRO B 55 -19.96 -14.85 7.80
CA PRO B 55 -18.65 -15.31 7.32
C PRO B 55 -18.70 -16.70 6.65
N HIS B 56 -19.71 -17.48 7.00
CA HIS B 56 -19.88 -18.80 6.39
C HIS B 56 -20.23 -18.69 4.92
N GLU B 57 -20.71 -17.52 4.51
CA GLU B 57 -21.14 -17.30 3.13
C GLU B 57 -20.17 -16.39 2.33
N HIS B 58 -19.00 -16.09 2.90
CA HIS B 58 -18.03 -15.23 2.22
C HIS B 58 -17.76 -15.67 0.79
N SER B 59 -17.65 -16.98 0.57
CA SER B 59 -17.26 -17.49 -0.74
C SER B 59 -18.20 -17.01 -1.83
N ARG B 60 -19.44 -16.75 -1.46
CA ARG B 60 -20.45 -16.37 -2.43
C ARG B 60 -20.25 -14.93 -2.92
N PHE B 61 -19.49 -14.15 -2.16
CA PHE B 61 -19.08 -12.80 -2.60
C PHE B 61 -17.77 -12.85 -3.41
N PHE B 62 -16.80 -13.61 -2.90
CA PHE B 62 -15.43 -13.51 -3.42
C PHE B 62 -15.16 -14.37 -4.64
N LEU B 63 -15.98 -15.41 -4.85
CA LEU B 63 -15.63 -16.45 -5.85
C LEU B 63 -16.35 -16.32 -7.21
N PRO B 64 -17.59 -15.83 -7.24
CA PRO B 64 -18.23 -15.68 -8.56
C PRO B 64 -17.42 -14.82 -9.53
N ARG B 65 -17.42 -15.22 -10.79
CA ARG B 65 -16.69 -14.53 -11.83
C ARG B 65 -17.23 -13.11 -12.07
N ASN B 66 -16.42 -12.28 -12.72
CA ASN B 66 -16.78 -10.88 -12.97
C ASN B 66 -18.10 -10.72 -13.74
N GLU B 67 -18.41 -11.71 -14.58
CA GLU B 67 -19.66 -11.68 -15.36
C GLU B 67 -20.87 -11.72 -14.46
N VAL B 68 -20.66 -12.17 -13.23
CA VAL B 68 -21.77 -12.31 -12.29
C VAL B 68 -21.71 -11.21 -11.23
N LEU B 69 -20.54 -11.03 -10.62
CA LEU B 69 -20.33 -9.96 -9.66
C LEU B 69 -19.21 -9.06 -10.14
N SER B 70 -19.54 -7.84 -10.56
CA SER B 70 -18.58 -7.01 -11.30
C SER B 70 -18.09 -5.83 -10.44
N PRO B 71 -16.77 -5.58 -10.41
CA PRO B 71 -16.28 -4.42 -9.68
C PRO B 71 -16.25 -3.16 -10.55
N ARG B 72 -16.51 -3.30 -11.84
CA ARG B 72 -16.30 -2.20 -12.78
C ARG B 72 -17.07 -0.95 -12.39
N GLU B 73 -18.38 -1.09 -12.22
CA GLU B 73 -19.25 0.04 -12.00
C GLU B 73 -18.97 0.71 -10.67
N VAL B 74 -18.56 -0.07 -9.70
CA VAL B 74 -18.21 0.43 -8.40
C VAL B 74 -17.00 1.37 -8.48
N TYR B 75 -16.11 1.11 -9.43
CA TYR B 75 -14.89 1.89 -9.58
C TYR B 75 -14.99 2.94 -10.69
N SER B 76 -16.19 3.18 -11.19
CA SER B 76 -16.39 4.19 -12.22
C SER B 76 -15.84 5.56 -11.79
N PHE B 77 -16.02 5.87 -10.51
CA PHE B 77 -15.61 7.17 -9.98
C PHE B 77 -14.09 7.36 -9.94
N MET B 78 -13.35 6.27 -10.10
CA MET B 78 -11.88 6.36 -10.11
C MET B 78 -11.29 6.32 -11.52
N VAL B 79 -12.15 6.29 -12.53
CA VAL B 79 -11.67 6.32 -13.92
C VAL B 79 -10.83 7.56 -14.24
N PRO B 80 -11.23 8.74 -13.73
CA PRO B 80 -10.36 9.90 -13.97
C PRO B 80 -8.93 9.75 -13.41
N VAL B 81 -8.78 8.93 -12.37
CA VAL B 81 -7.46 8.69 -11.75
C VAL B 81 -6.69 7.60 -12.49
N PHE B 82 -7.28 6.41 -12.59
CA PHE B 82 -6.59 5.27 -13.24
C PHE B 82 -6.51 5.46 -14.73
N GLY B 83 -7.51 6.12 -15.29
CA GLY B 83 -7.56 6.33 -16.73
C GLY B 83 -8.60 5.47 -17.41
N GLU B 84 -9.15 5.95 -18.52
CA GLU B 84 -10.06 5.14 -19.32
C GLU B 84 -9.42 3.82 -19.72
N GLY B 85 -10.19 2.73 -19.65
CA GLY B 85 -9.70 1.43 -20.07
C GLY B 85 -8.53 0.91 -19.26
N VAL B 86 -8.34 1.47 -18.06
CA VAL B 86 -7.31 0.96 -17.16
C VAL B 86 -7.96 0.23 -15.99
N ALA B 87 -7.33 -0.87 -15.56
CA ALA B 87 -7.84 -1.65 -14.43
C ALA B 87 -9.29 -2.06 -14.67
N TYR B 88 -10.18 -1.80 -13.71
CA TYR B 88 -11.58 -2.31 -13.80
C TYR B 88 -12.35 -1.73 -14.99
N ALA B 89 -11.88 -0.63 -15.56
CA ALA B 89 -12.53 -0.03 -16.73
C ALA B 89 -12.27 -0.83 -18.02
N ALA B 90 -11.23 -1.66 -18.00
CA ALA B 90 -10.91 -2.53 -19.14
C ALA B 90 -11.85 -3.73 -19.19
N PRO B 91 -12.03 -4.31 -20.38
CA PRO B 91 -12.74 -5.58 -20.48
C PRO B 91 -12.05 -6.61 -19.59
N TYR B 92 -12.79 -7.56 -19.02
CA TYR B 92 -12.28 -8.32 -17.86
C TYR B 92 -10.98 -9.10 -18.15
N PRO B 93 -10.86 -9.74 -19.33
CA PRO B 93 -9.59 -10.38 -19.70
C PRO B 93 -8.39 -9.43 -19.68
N ARG B 94 -8.57 -8.25 -20.26
CA ARG B 94 -7.49 -7.29 -20.37
C ARG B 94 -7.19 -6.68 -18.99
N MET B 95 -8.25 -6.41 -18.22
CA MET B 95 -8.10 -6.03 -16.82
C MET B 95 -7.19 -7.00 -16.08
N ARG B 96 -7.45 -8.30 -16.24
CA ARG B 96 -6.65 -9.30 -15.54
C ARG B 96 -5.18 -9.25 -15.98
N GLU B 97 -4.95 -9.07 -17.28
CA GLU B 97 -3.58 -9.00 -17.79
C GLU B 97 -2.86 -7.83 -17.14
N GLN B 98 -3.55 -6.69 -17.08
CA GLN B 98 -2.97 -5.49 -16.48
C GLN B 98 -2.63 -5.69 -15.01
N LEU B 99 -3.55 -6.27 -14.26
CA LEU B 99 -3.30 -6.50 -12.83
C LEU B 99 -2.22 -7.57 -12.61
N ASN B 100 -2.16 -8.57 -13.48
CA ASN B 100 -1.07 -9.55 -13.43
C ASN B 100 0.31 -8.93 -13.64
N PHE B 101 0.39 -7.97 -14.55
CA PHE B 101 1.67 -7.33 -14.84
C PHE B 101 2.15 -6.55 -13.62
N LEU B 102 1.21 -5.84 -12.98
CA LEU B 102 1.49 -5.17 -11.72
C LEU B 102 1.87 -6.20 -10.66
N ALA B 103 1.08 -7.26 -10.55
CA ALA B 103 1.32 -8.30 -9.57
C ALA B 103 2.74 -8.81 -9.73
N GLU B 104 3.18 -8.94 -10.98
CA GLU B 104 4.51 -9.49 -11.25
C GLU B 104 5.65 -8.56 -10.85
N GLU B 105 5.35 -7.26 -10.67
CA GLU B 105 6.38 -6.32 -10.22
C GLU B 105 6.53 -6.30 -8.70
N LEU B 106 5.67 -7.06 -8.01
CA LEU B 106 5.53 -6.96 -6.56
C LEU B 106 5.70 -8.30 -5.87
N THR B 107 6.40 -9.21 -6.53
CA THR B 107 6.54 -10.56 -6.02
C THR B 107 7.84 -10.79 -5.26
N ILE B 108 7.93 -11.97 -4.67
CA ILE B 108 9.08 -12.43 -3.90
C ILE B 108 10.45 -12.25 -4.60
N ALA B 109 10.49 -12.46 -5.90
CA ALA B 109 11.75 -12.32 -6.66
C ALA B 109 12.34 -10.91 -6.52
N LYS B 110 11.48 -9.91 -6.48
CA LYS B 110 11.90 -8.51 -6.36
C LYS B 110 12.40 -8.17 -4.96
N PHE B 111 12.08 -9.00 -3.97
CA PHE B 111 12.19 -8.59 -2.57
C PHE B 111 13.64 -8.61 -2.06
N GLN B 112 14.50 -9.37 -2.75
CA GLN B 112 15.91 -9.42 -2.37
C GLN B 112 16.46 -8.01 -2.23
N ASN B 113 16.09 -7.14 -3.16
CA ASN B 113 16.57 -5.76 -3.14
C ASN B 113 15.74 -4.85 -2.25
N PHE B 114 14.47 -5.20 -2.12
CA PHE B 114 13.51 -4.33 -1.45
C PHE B 114 13.82 -4.18 0.02
N VAL B 115 14.26 -5.27 0.66
CA VAL B 115 14.42 -5.23 2.12
C VAL B 115 15.47 -4.19 2.52
N PRO B 116 16.67 -4.25 1.92
CA PRO B 116 17.64 -3.21 2.28
C PRO B 116 17.22 -1.79 1.83
N ALA B 117 16.48 -1.68 0.72
CA ALA B 117 15.95 -0.37 0.31
C ALA B 117 14.98 0.21 1.34
N ILE B 118 14.06 -0.63 1.81
CA ILE B 118 13.09 -0.21 2.83
C ILE B 118 13.82 0.18 4.09
N GLN B 119 14.70 -0.71 4.54
CA GLN B 119 15.34 -0.45 5.83
C GLN B 119 16.19 0.81 5.75
N HIS B 120 16.83 1.05 4.61
CA HIS B 120 17.64 2.26 4.43
C HIS B 120 16.83 3.53 4.64
N GLU B 121 15.65 3.58 4.01
CA GLU B 121 14.76 4.73 4.14
C GLU B 121 14.24 4.88 5.54
N VAL B 122 13.93 3.77 6.19
CA VAL B 122 13.40 3.82 7.56
C VAL B 122 14.46 4.39 8.50
N ARG B 123 15.70 3.91 8.37
CA ARG B 123 16.79 4.41 9.22
C ARG B 123 17.11 5.89 8.94
N LYS B 124 17.13 6.27 7.67
CA LYS B 124 17.23 7.69 7.28
C LYS B 124 16.19 8.53 7.99
N PHE B 125 14.96 8.04 7.98
CA PHE B 125 13.88 8.79 8.58
C PHE B 125 14.07 8.91 10.09
N MET B 126 14.40 7.80 10.73
CA MET B 126 14.52 7.77 12.19
C MET B 126 15.68 8.67 12.63
N ALA B 127 16.76 8.64 11.85
CA ALA B 127 17.95 9.43 12.16
C ALA B 127 17.68 10.92 12.05
N ALA B 128 16.88 11.32 11.06
CA ALA B 128 16.52 12.72 10.87
C ALA B 128 15.51 13.21 11.90
N ASN B 129 14.59 12.34 12.30
CA ASN B 129 13.38 12.78 12.99
C ASN B 129 13.19 12.27 14.40
N TRP B 130 13.75 11.10 14.69
CA TRP B 130 13.71 10.57 16.03
C TRP B 130 15.13 10.63 16.58
N ASP B 131 15.68 11.83 16.68
CA ASP B 131 17.12 12.00 16.78
C ASP B 131 17.63 12.31 18.18
N LYS B 132 16.70 12.53 19.10
CA LYS B 132 17.08 12.76 20.50
C LYS B 132 16.91 11.51 21.36
N ASP B 133 17.14 11.64 22.66
CA ASP B 133 16.95 10.53 23.60
C ASP B 133 15.48 10.16 23.70
N GLU B 134 14.62 11.17 23.62
CA GLU B 134 13.18 10.99 23.55
C GLU B 134 12.54 12.21 22.91
N GLY B 135 11.31 12.04 22.43
CA GLY B 135 10.63 13.13 21.77
C GLY B 135 9.20 12.75 21.49
N GLU B 136 8.40 13.74 21.14
CA GLU B 136 7.02 13.52 20.79
C GLU B 136 6.86 13.62 19.28
N ILE B 137 6.10 12.67 18.72
CA ILE B 137 5.82 12.65 17.28
C ILE B 137 4.35 12.32 17.08
N ASN B 138 3.84 12.59 15.88
CA ASN B 138 2.58 11.97 15.46
C ASN B 138 2.88 10.71 14.67
N LEU B 139 2.46 9.57 15.21
CA LEU B 139 2.96 8.30 14.72
C LEU B 139 2.35 7.95 13.37
N LEU B 140 1.09 8.32 13.19
CA LEU B 140 0.40 8.10 11.92
C LEU B 140 1.04 8.91 10.80
N GLU B 141 1.32 10.18 11.07
CA GLU B 141 2.03 11.01 10.12
C GLU B 141 3.41 10.44 9.75
N ASP B 142 4.17 10.02 10.76
CA ASP B 142 5.53 9.54 10.51
C ASP B 142 5.53 8.21 9.78
N CYS B 143 4.60 7.32 10.13
CA CYS B 143 4.49 6.04 9.42
C CYS B 143 4.08 6.26 7.97
N SER B 144 3.19 7.24 7.75
CA SER B 144 2.76 7.59 6.40
C SER B 144 3.94 8.07 5.56
N THR B 145 4.76 8.94 6.15
CA THR B 145 5.95 9.43 5.47
C THR B 145 6.91 8.29 5.14
N MET B 146 7.15 7.43 6.13
CA MET B 146 8.05 6.30 5.92
C MET B 146 7.55 5.39 4.80
N ILE B 147 6.25 5.13 4.76
CA ILE B 147 5.68 4.25 3.73
C ILE B 147 5.81 4.80 2.32
N ILE B 148 5.54 6.10 2.14
CA ILE B 148 5.73 6.66 0.80
C ILE B 148 7.20 6.68 0.41
N ASN B 149 8.08 7.01 1.37
CA ASN B 149 9.52 6.96 1.12
C ASN B 149 9.99 5.55 0.77
N THR B 150 9.56 4.56 1.54
CA THR B 150 10.05 3.20 1.32
C THR B 150 9.52 2.62 0.01
N ALA B 151 8.25 2.90 -0.28
CA ALA B 151 7.64 2.38 -1.50
C ALA B 151 8.34 2.94 -2.73
N CYS B 152 8.63 4.23 -2.69
CA CYS B 152 9.29 4.90 -3.81
C CYS B 152 10.73 4.41 -3.98
N GLN B 153 11.41 4.17 -2.86
CA GLN B 153 12.77 3.63 -2.92
C GLN B 153 12.81 2.21 -3.51
N CYS B 154 11.79 1.42 -3.21
CA CYS B 154 11.66 0.07 -3.77
C CYS B 154 11.34 0.09 -5.25
N LEU B 155 10.41 0.97 -5.62
CA LEU B 155 9.68 0.80 -6.88
C LEU B 155 10.24 1.68 -7.99
N PHE B 156 10.94 2.74 -7.63
CA PHE B 156 11.37 3.72 -8.62
C PHE B 156 12.88 3.91 -8.63
N GLY B 157 13.45 4.00 -9.82
CA GLY B 157 14.86 4.31 -9.96
C GLY B 157 15.25 5.66 -9.39
N GLU B 158 16.55 5.85 -9.20
CA GLU B 158 17.09 7.12 -8.72
C GLU B 158 16.69 8.29 -9.61
N ASP B 159 16.73 8.09 -10.92
CA ASP B 159 16.39 9.15 -11.88
C ASP B 159 14.96 9.65 -11.68
N LEU B 160 14.02 8.72 -11.51
CA LEU B 160 12.62 9.07 -11.32
C LEU B 160 12.39 9.77 -9.99
N ARG B 161 13.04 9.27 -8.93
CA ARG B 161 12.90 9.87 -7.61
C ARG B 161 13.52 11.27 -7.54
N LYS B 162 14.51 11.53 -8.40
CA LYS B 162 15.07 12.86 -8.51
C LYS B 162 14.07 13.84 -9.14
N ARG B 163 13.46 13.45 -10.26
CA ARG B 163 12.47 14.31 -10.92
C ARG B 163 11.20 14.44 -10.08
N LEU B 164 10.92 13.41 -9.28
CA LEU B 164 9.64 13.29 -8.62
C LEU B 164 9.81 12.66 -7.25
N ASP B 165 10.26 13.46 -6.28
CA ASP B 165 10.60 12.91 -4.97
C ASP B 165 9.35 12.58 -4.16
N ALA B 166 9.50 11.75 -3.14
CA ALA B 166 8.35 11.24 -2.41
C ALA B 166 7.38 12.36 -2.07
N ARG B 167 7.92 13.55 -1.76
CA ARG B 167 7.11 14.69 -1.33
C ARG B 167 6.25 15.25 -2.46
N ARG B 168 6.84 15.42 -3.64
CA ARG B 168 6.10 15.89 -4.80
C ARG B 168 5.12 14.82 -5.28
N PHE B 169 5.55 13.57 -5.25
CA PHE B 169 4.70 12.46 -5.64
C PHE B 169 3.43 12.45 -4.80
N ALA B 170 3.60 12.56 -3.48
CA ALA B 170 2.48 12.66 -2.55
C ALA B 170 1.53 13.85 -2.80
N GLN B 171 2.09 15.01 -3.16
CA GLN B 171 1.26 16.17 -3.51
C GLN B 171 0.43 15.88 -4.74
N LEU B 172 1.06 15.27 -5.74
CA LEU B 172 0.41 14.91 -6.97
C LEU B 172 -0.69 13.91 -6.71
N LEU B 173 -0.38 12.91 -5.89
CA LEU B 173 -1.34 11.87 -5.56
C LEU B 173 -2.47 12.44 -4.73
N ALA B 174 -2.15 13.38 -3.84
CA ALA B 174 -3.16 14.02 -2.99
C ALA B 174 -4.14 14.89 -3.80
N LYS B 175 -3.62 15.54 -4.83
CA LYS B 175 -4.48 16.31 -5.73
C LYS B 175 -5.48 15.38 -6.42
N MET B 176 -5.00 14.25 -6.92
CA MET B 176 -5.91 13.26 -7.52
C MET B 176 -6.89 12.69 -6.51
N GLU B 177 -6.39 12.33 -5.33
CA GLU B 177 -7.25 11.78 -4.28
C GLU B 177 -8.37 12.73 -3.86
N SER B 178 -8.05 14.00 -3.65
CA SER B 178 -9.03 14.93 -3.11
C SER B 178 -10.05 15.30 -4.18
N SER B 179 -9.76 14.92 -5.43
CA SER B 179 -10.67 15.15 -6.53
C SER B 179 -11.70 14.03 -6.67
N LEU B 180 -11.54 12.97 -5.88
CA LEU B 180 -12.48 11.83 -5.97
C LEU B 180 -13.82 12.13 -5.32
N ILE B 181 -14.89 11.67 -5.96
CA ILE B 181 -16.24 11.74 -5.40
C ILE B 181 -16.85 10.34 -5.32
N PRO B 182 -16.55 9.64 -4.22
CA PRO B 182 -17.05 8.26 -4.04
C PRO B 182 -18.56 8.20 -3.83
N ALA B 183 -19.19 9.33 -3.53
CA ALA B 183 -20.66 9.40 -3.53
C ALA B 183 -21.23 8.97 -4.88
N ALA B 184 -20.41 9.08 -5.92
CA ALA B 184 -20.82 8.73 -7.28
C ALA B 184 -21.14 7.23 -7.42
N VAL B 185 -20.62 6.41 -6.51
CA VAL B 185 -21.00 5.00 -6.48
C VAL B 185 -22.51 4.87 -6.35
N PHE B 186 -23.08 5.71 -5.50
CA PHE B 186 -24.52 5.65 -5.22
C PHE B 186 -25.32 6.72 -5.96
N LEU B 187 -24.61 7.75 -6.45
CA LEU B 187 -25.21 8.82 -7.25
C LEU B 187 -24.57 8.90 -8.62
N PRO B 188 -24.79 7.87 -9.47
CA PRO B 188 -23.95 7.80 -10.67
C PRO B 188 -24.16 8.94 -11.67
N ILE B 189 -25.23 9.71 -11.51
CA ILE B 189 -25.44 10.87 -12.37
C ILE B 189 -24.24 11.79 -12.25
N LEU B 190 -23.59 11.79 -11.09
CA LEU B 190 -22.43 12.64 -10.86
C LEU B 190 -21.34 12.41 -11.90
N LEU B 191 -21.30 11.21 -12.48
CA LEU B 191 -20.21 10.88 -13.38
C LEU B 191 -20.49 11.37 -14.79
N LYS B 192 -21.68 11.93 -15.00
CA LYS B 192 -22.01 12.51 -16.30
C LYS B 192 -22.09 14.04 -16.27
N LEU B 193 -21.81 14.64 -15.11
CA LEU B 193 -21.87 16.09 -14.96
C LEU B 193 -20.50 16.73 -15.06
N PRO B 194 -20.43 17.97 -15.60
CA PRO B 194 -19.18 18.71 -15.47
C PRO B 194 -18.84 18.97 -14.00
N LEU B 195 -17.66 18.55 -13.60
CA LEU B 195 -17.18 18.78 -12.25
C LEU B 195 -15.79 19.38 -12.34
N PRO B 196 -15.50 20.41 -11.53
CA PRO B 196 -14.14 20.93 -11.48
C PRO B 196 -13.13 19.88 -11.01
N GLN B 197 -13.59 18.94 -10.18
CA GLN B 197 -12.80 17.77 -9.79
C GLN B 197 -12.16 17.08 -11.00
N SER B 198 -12.90 17.01 -12.10
CA SER B 198 -12.44 16.34 -13.31
C SER B 198 -11.17 16.96 -13.85
N ALA B 199 -11.17 18.29 -13.92
CA ALA B 199 -10.03 19.02 -14.47
C ALA B 199 -8.81 18.98 -13.55
N ARG B 200 -9.02 19.04 -12.23
CA ARG B 200 -7.91 18.89 -11.27
C ARG B 200 -7.29 17.51 -11.40
N CYS B 201 -8.15 16.50 -11.53
CA CYS B 201 -7.68 15.15 -11.71
C CYS B 201 -6.89 14.99 -13.00
N HIS B 202 -7.45 15.48 -14.10
CA HIS B 202 -6.78 15.40 -15.40
C HIS B 202 -5.45 16.16 -15.40
N GLU B 203 -5.45 17.33 -14.77
CA GLU B 203 -4.23 18.12 -14.55
C GLU B 203 -3.11 17.28 -13.95
N ALA B 204 -3.40 16.70 -12.78
CA ALA B 204 -2.39 16.00 -12.00
C ALA B 204 -1.92 14.72 -12.69
N ARG B 205 -2.86 13.96 -13.26
CA ARG B 205 -2.52 12.74 -13.97
C ARG B 205 -1.66 13.03 -15.19
N THR B 206 -2.02 14.08 -15.92
CA THR B 206 -1.23 14.47 -17.08
C THR B 206 0.18 14.89 -16.69
N GLU B 207 0.30 15.57 -15.55
CA GLU B 207 1.62 15.99 -15.08
C GLU B 207 2.46 14.78 -14.71
N LEU B 208 1.86 13.77 -14.09
CA LEU B 208 2.57 12.53 -13.78
C LEU B 208 2.99 11.82 -15.06
N GLN B 209 2.07 11.70 -16.01
CA GLN B 209 2.37 11.01 -17.24
C GLN B 209 3.48 11.70 -18.03
N LYS B 210 3.48 13.02 -18.02
CA LYS B 210 4.54 13.80 -18.66
C LYS B 210 5.91 13.51 -18.01
N ILE B 211 5.93 13.46 -16.68
CA ILE B 211 7.17 13.16 -15.98
C ILE B 211 7.69 11.77 -16.37
N LEU B 212 6.78 10.80 -16.42
CA LEU B 212 7.14 9.45 -16.83
C LEU B 212 7.72 9.44 -18.24
N SER B 213 7.10 10.17 -19.16
CA SER B 213 7.56 10.15 -20.54
C SER B 213 8.95 10.78 -20.64
N GLU B 214 9.18 11.84 -19.87
CA GLU B 214 10.51 12.47 -19.80
C GLU B 214 11.57 11.54 -19.21
N ILE B 215 11.20 10.78 -18.19
CA ILE B 215 12.10 9.76 -17.63
C ILE B 215 12.43 8.67 -18.64
N ILE B 216 11.43 8.21 -19.39
CA ILE B 216 11.67 7.22 -20.43
C ILE B 216 12.70 7.73 -21.43
N ILE B 217 12.55 8.98 -21.85
CA ILE B 217 13.48 9.60 -22.80
C ILE B 217 14.88 9.75 -22.21
N ALA B 218 14.96 10.20 -20.96
CA ALA B 218 16.26 10.31 -20.27
C ALA B 218 16.94 8.94 -20.16
N ARG B 219 16.18 7.88 -19.93
CA ARG B 219 16.74 6.53 -19.83
C ARG B 219 17.29 6.06 -21.16
N LYS B 220 16.63 6.44 -22.24
CA LYS B 220 17.15 6.17 -23.57
C LYS B 220 18.49 6.89 -23.80
N GLU B 221 18.56 8.17 -23.40
CA GLU B 221 19.82 8.93 -23.47
C GLU B 221 20.92 8.25 -22.68
N GLU B 222 20.60 7.86 -21.45
CA GLU B 222 21.56 7.23 -20.56
C GLU B 222 22.12 5.98 -21.19
N GLU B 223 21.25 5.19 -21.82
CA GLU B 223 21.65 3.94 -22.43
C GLU B 223 22.60 4.18 -23.59
N VAL B 224 22.31 5.21 -24.37
CA VAL B 224 23.14 5.51 -25.53
C VAL B 224 24.52 5.98 -25.08
N ASN B 225 24.58 6.71 -23.98
CA ASN B 225 25.84 7.32 -23.54
C ASN B 225 26.52 6.59 -22.37
N LYS B 226 25.75 6.20 -21.36
CA LYS B 226 26.30 5.49 -20.19
C LYS B 226 25.67 4.11 -20.06
N ASP B 227 26.49 3.12 -19.70
CA ASP B 227 25.97 1.77 -19.57
C ASP B 227 24.65 1.81 -18.86
N SER B 228 24.48 2.84 -18.02
CA SER B 228 23.42 2.80 -17.03
C SER B 228 22.13 2.37 -17.68
N SER B 229 21.60 1.25 -17.20
CA SER B 229 20.24 0.84 -17.47
C SER B 229 19.47 0.71 -16.17
N THR B 230 18.44 1.52 -16.01
CA THR B 230 17.67 1.53 -14.77
C THR B 230 16.52 0.54 -14.84
N SER B 231 16.40 -0.30 -13.82
CA SER B 231 15.37 -1.31 -13.82
C SER B 231 14.46 -1.14 -12.60
N ASP B 232 13.20 -0.80 -12.84
CA ASP B 232 12.27 -0.53 -11.74
C ASP B 232 10.83 -0.86 -12.16
N LEU B 233 9.86 -0.42 -11.38
CA LEU B 233 8.46 -0.68 -11.71
C LEU B 233 8.09 -0.12 -13.08
N LEU B 234 8.59 1.06 -13.37
CA LEU B 234 8.27 1.72 -14.62
C LEU B 234 8.81 0.91 -15.81
N SER B 235 10.09 0.57 -15.77
CA SER B 235 10.71 -0.21 -16.85
C SER B 235 10.08 -1.59 -16.96
N GLY B 236 9.73 -2.18 -15.83
CA GLY B 236 9.08 -3.49 -15.82
C GLY B 236 7.74 -3.48 -16.53
N LEU B 237 6.88 -2.54 -16.16
CA LEU B 237 5.58 -2.39 -16.82
C LEU B 237 5.73 -2.06 -18.30
N LEU B 238 6.71 -1.23 -18.63
CA LEU B 238 6.93 -0.84 -20.03
C LEU B 238 7.33 -2.04 -20.88
N SER B 239 7.87 -3.07 -20.23
CA SER B 239 8.32 -4.26 -20.93
C SER B 239 7.21 -5.29 -21.10
N ALA B 240 6.06 -5.07 -20.48
CA ALA B 240 4.96 -6.02 -20.56
C ALA B 240 4.37 -6.07 -21.97
N VAL B 241 4.02 -7.27 -22.41
CA VAL B 241 3.36 -7.48 -23.69
C VAL B 241 2.11 -8.33 -23.50
N TYR B 242 0.97 -7.81 -23.93
CA TYR B 242 -0.30 -8.52 -23.79
C TYR B 242 -0.28 -9.79 -24.62
N ARG B 243 -1.22 -10.68 -24.32
CA ARG B 243 -1.32 -11.95 -25.05
C ARG B 243 -1.60 -11.72 -26.54
N ASP B 244 -2.15 -10.57 -26.89
CA ASP B 244 -2.45 -10.24 -28.29
C ASP B 244 -1.24 -9.60 -29.00
N GLY B 245 -0.11 -9.55 -28.31
CA GLY B 245 1.15 -9.12 -28.93
C GLY B 245 1.44 -7.62 -28.82
N THR B 246 0.51 -6.86 -28.25
CA THR B 246 0.69 -5.42 -28.12
C THR B 246 1.30 -5.05 -26.76
N PRO B 247 2.05 -3.93 -26.69
CA PRO B 247 2.63 -3.50 -25.43
C PRO B 247 1.62 -2.73 -24.59
N MET B 248 1.83 -2.65 -23.27
CA MET B 248 1.15 -1.65 -22.46
C MET B 248 1.45 -0.27 -23.00
N SER B 249 0.44 0.58 -23.16
CA SER B 249 0.67 1.97 -23.49
C SER B 249 1.18 2.73 -22.28
N LEU B 250 1.80 3.89 -22.51
CA LEU B 250 2.18 4.77 -21.40
C LEU B 250 0.96 5.14 -20.55
N HIS B 251 -0.15 5.47 -21.20
CA HIS B 251 -1.44 5.68 -20.52
C HIS B 251 -1.72 4.60 -19.47
N GLU B 252 -1.62 3.34 -19.89
CA GLU B 252 -1.89 2.21 -19.02
C GLU B 252 -0.82 2.03 -17.93
N VAL B 253 0.45 2.19 -18.30
CA VAL B 253 1.55 2.17 -17.31
C VAL B 253 1.34 3.24 -16.24
N CYS B 254 1.03 4.47 -16.66
CA CYS B 254 0.75 5.54 -15.72
C CYS B 254 -0.39 5.17 -14.78
N GLY B 255 -1.48 4.62 -15.34
CA GLY B 255 -2.64 4.25 -14.55
C GLY B 255 -2.33 3.17 -13.54
N MET B 256 -1.55 2.19 -13.94
CA MET B 256 -1.23 1.08 -13.06
C MET B 256 -0.30 1.54 -11.94
N ILE B 257 0.60 2.47 -12.26
CA ILE B 257 1.44 3.09 -11.23
C ILE B 257 0.61 3.86 -10.21
N VAL B 258 -0.35 4.64 -10.69
CA VAL B 258 -1.24 5.39 -9.81
C VAL B 258 -2.07 4.43 -8.94
N ALA B 259 -2.60 3.38 -9.56
CA ALA B 259 -3.32 2.35 -8.81
C ALA B 259 -2.47 1.77 -7.69
N ALA B 260 -1.21 1.44 -7.99
CA ALA B 260 -0.35 0.82 -6.98
C ALA B 260 -0.06 1.76 -5.81
N MET B 261 0.17 3.03 -6.13
CA MET B 261 0.47 4.03 -5.10
C MET B 261 -0.76 4.33 -4.26
N PHE B 262 -1.90 4.51 -4.91
CA PHE B 262 -3.16 4.69 -4.19
C PHE B 262 -3.41 3.53 -3.24
N ALA B 263 -3.36 2.31 -3.78
CA ALA B 263 -3.76 1.12 -3.04
C ALA B 263 -2.83 0.90 -1.86
N GLY B 264 -1.55 1.14 -2.09
CA GLY B 264 -0.50 0.77 -1.13
C GLY B 264 -0.22 1.77 -0.03
N GLN B 265 -0.54 3.04 -0.27
CA GLN B 265 -0.09 4.11 0.62
C GLN B 265 -0.80 4.09 1.97
N HIS B 266 -2.11 4.34 1.98
CA HIS B 266 -2.83 4.48 3.25
C HIS B 266 -2.93 3.15 3.98
N THR B 267 -3.29 2.09 3.25
CA THR B 267 -3.45 0.79 3.87
C THR B 267 -2.19 0.34 4.64
N SER B 268 -1.02 0.47 4.02
CA SER B 268 0.22 0.02 4.66
C SER B 268 0.62 0.93 5.83
N SER B 269 0.40 2.23 5.67
CA SER B 269 0.69 3.23 6.71
C SER B 269 -0.16 2.95 7.94
N ILE B 270 -1.45 2.79 7.70
CA ILE B 270 -2.41 2.52 8.75
C ILE B 270 -2.10 1.19 9.46
N THR B 271 -1.75 0.17 8.69
CA THR B 271 -1.42 -1.13 9.27
C THR B 271 -0.20 -1.03 10.17
N THR B 272 0.83 -0.31 9.71
CA THR B 272 2.03 -0.09 10.52
C THR B 272 1.70 0.66 11.80
N THR B 273 0.91 1.71 11.66
CA THR B 273 0.57 2.58 12.79
C THR B 273 -0.22 1.84 13.88
N TRP B 274 -1.32 1.18 13.51
CA TRP B 274 -2.06 0.35 14.46
C TRP B 274 -1.14 -0.65 15.13
N SER B 275 -0.31 -1.31 14.33
CA SER B 275 0.52 -2.39 14.86
C SER B 275 1.42 -1.85 15.98
N MET B 276 2.03 -0.69 15.71
CA MET B 276 2.91 -0.06 16.69
C MET B 276 2.15 0.44 17.90
N LEU B 277 0.97 1.03 17.68
CA LEU B 277 0.12 1.50 18.78
C LEU B 277 -0.22 0.35 19.74
N HIS B 278 -0.64 -0.78 19.18
CA HIS B 278 -0.94 -1.97 19.99
C HIS B 278 0.29 -2.45 20.75
N LEU B 279 1.42 -2.54 20.06
CA LEU B 279 2.59 -3.19 20.61
C LEU B 279 3.22 -2.37 21.74
N MET B 280 3.02 -1.06 21.71
CA MET B 280 3.56 -0.17 22.74
C MET B 280 2.63 -0.04 23.96
N HIS B 281 1.39 -0.46 23.80
CA HIS B 281 0.43 -0.37 24.92
C HIS B 281 0.80 -1.38 26.02
N PRO B 282 0.76 -0.95 27.29
CA PRO B 282 1.27 -1.81 28.38
C PRO B 282 0.58 -3.17 28.45
N ALA B 283 -0.70 -3.23 28.08
CA ALA B 283 -1.45 -4.48 28.13
C ALA B 283 -0.83 -5.56 27.22
N ASN B 284 -0.08 -5.11 26.22
CA ASN B 284 0.48 -6.00 25.21
C ASN B 284 1.97 -6.26 25.40
N VAL B 285 2.45 -6.06 26.62
CA VAL B 285 3.88 -6.18 26.90
C VAL B 285 4.43 -7.57 26.51
N LYS B 286 3.60 -8.62 26.65
CA LYS B 286 3.99 -9.99 26.27
C LYS B 286 4.24 -10.10 24.77
N HIS B 287 3.43 -9.39 24.00
CA HIS B 287 3.52 -9.41 22.55
C HIS B 287 4.72 -8.62 22.06
N LEU B 288 4.97 -7.47 22.68
CA LEU B 288 6.20 -6.74 22.42
C LEU B 288 7.43 -7.61 22.72
N GLU B 289 7.40 -8.31 23.84
CA GLU B 289 8.47 -9.27 24.15
C GLU B 289 8.67 -10.30 23.05
N ALA B 290 7.57 -10.85 22.55
CA ALA B 290 7.64 -11.87 21.53
C ALA B 290 8.20 -11.30 20.21
N LEU B 291 7.88 -10.05 19.90
CA LEU B 291 8.50 -9.39 18.74
C LEU B 291 10.00 -9.22 18.95
N ARG B 292 10.38 -8.73 20.13
CA ARG B 292 11.78 -8.48 20.42
C ARG B 292 12.60 -9.76 20.41
N LYS B 293 12.03 -10.85 20.94
CA LYS B 293 12.68 -12.15 20.83
C LYS B 293 12.80 -12.59 19.37
N GLU B 294 11.74 -12.37 18.60
CA GLU B 294 11.76 -12.70 17.18
C GLU B 294 12.92 -12.03 16.43
N ILE B 295 13.19 -10.77 16.74
CA ILE B 295 14.16 -9.97 15.95
C ILE B 295 15.52 -9.90 16.63
N GLU B 296 15.61 -10.52 17.81
CA GLU B 296 16.76 -10.38 18.70
C GLU B 296 18.10 -10.73 18.04
N GLU B 297 18.12 -11.74 17.17
CA GLU B 297 19.38 -12.21 16.58
C GLU B 297 19.55 -11.75 15.14
N PHE B 298 18.68 -10.83 14.69
CA PHE B 298 18.80 -10.27 13.34
C PHE B 298 20.05 -9.42 13.22
N PRO B 299 20.68 -9.44 12.03
CA PRO B 299 21.77 -8.50 11.77
C PRO B 299 21.28 -7.06 11.68
N ALA B 300 22.21 -6.12 11.85
CA ALA B 300 21.90 -4.71 11.74
C ALA B 300 21.32 -4.37 10.37
N GLN B 301 21.85 -5.00 9.32
CA GLN B 301 21.23 -4.91 8.01
C GLN B 301 20.39 -6.14 7.71
N LEU B 302 19.07 -5.98 7.75
CA LEU B 302 18.17 -7.10 7.47
C LEU B 302 18.30 -7.59 6.06
N ASN B 303 18.01 -8.86 5.86
CA ASN B 303 17.96 -9.43 4.53
C ASN B 303 16.60 -10.06 4.28
N TYR B 304 16.41 -10.58 3.07
CA TYR B 304 15.14 -11.16 2.67
C TYR B 304 14.72 -12.31 3.60
N ASN B 305 15.68 -13.15 3.99
CA ASN B 305 15.38 -14.30 4.83
C ASN B 305 14.72 -13.86 6.14
N ASN B 306 15.36 -12.89 6.80
CA ASN B 306 14.90 -12.37 8.08
C ASN B 306 13.44 -11.96 8.04
N VAL B 307 13.10 -11.08 7.10
CA VAL B 307 11.78 -10.47 7.10
C VAL B 307 10.76 -11.43 6.50
N MET B 308 11.16 -12.13 5.46
CA MET B 308 10.22 -12.99 4.74
C MET B 308 10.00 -14.32 5.46
N ASP B 309 11.05 -14.86 6.08
CA ASP B 309 11.02 -16.21 6.61
C ASP B 309 11.02 -16.27 8.13
N GLU B 310 11.57 -15.25 8.78
CA GLU B 310 11.86 -15.31 10.21
C GLU B 310 11.07 -14.33 11.07
N MET B 311 9.97 -13.81 10.52
CA MET B 311 9.10 -12.92 11.28
C MET B 311 7.66 -13.38 11.14
N PRO B 312 7.36 -14.58 11.71
CA PRO B 312 5.96 -14.98 11.66
C PRO B 312 5.11 -14.23 12.67
N PHE B 313 5.71 -13.87 13.79
CA PHE B 313 4.92 -13.22 14.83
C PHE B 313 4.62 -11.77 14.45
N ALA B 314 5.60 -11.10 13.86
CA ALA B 314 5.37 -9.74 13.37
C ALA B 314 4.27 -9.74 12.31
N GLU B 315 4.22 -10.77 11.49
CA GLU B 315 3.15 -10.91 10.51
C GLU B 315 1.79 -11.09 11.19
N ARG B 316 1.76 -11.85 12.27
CA ARG B 316 0.54 -12.00 13.07
C ARG B 316 0.08 -10.67 13.66
N CYS B 317 1.06 -9.86 14.08
CA CYS B 317 0.75 -8.54 14.60
C CYS B 317 0.10 -7.69 13.51
N ALA B 318 0.72 -7.68 12.34
CA ALA B 318 0.16 -6.92 11.22
C ALA B 318 -1.24 -7.41 10.87
N ARG B 319 -1.41 -8.72 10.73
CA ARG B 319 -2.69 -9.25 10.29
C ARG B 319 -3.78 -9.01 11.32
N GLU B 320 -3.45 -9.14 12.60
CA GLU B 320 -4.44 -8.91 13.66
C GLU B 320 -4.81 -7.43 13.80
N SER B 321 -3.89 -6.54 13.45
CA SER B 321 -4.22 -5.10 13.37
C SER B 321 -5.26 -4.84 12.27
N ILE B 322 -5.07 -5.47 11.12
CA ILE B 322 -6.04 -5.38 10.04
C ILE B 322 -7.32 -6.09 10.41
N ARG B 323 -7.20 -7.17 11.17
CA ARG B 323 -8.37 -7.91 11.62
C ARG B 323 -9.27 -7.02 12.48
N ARG B 324 -8.67 -6.42 13.51
CA ARG B 324 -9.41 -5.61 14.47
C ARG B 324 -9.96 -4.32 13.84
N ASP B 325 -9.14 -3.67 13.02
CA ASP B 325 -9.53 -2.41 12.39
C ASP B 325 -9.14 -2.37 10.91
N PRO B 326 -9.92 -3.07 10.06
CA PRO B 326 -9.57 -3.14 8.65
C PRO B 326 -9.67 -1.76 7.99
N PRO B 327 -8.65 -1.38 7.22
CA PRO B 327 -8.66 -0.05 6.60
C PRO B 327 -9.74 0.09 5.52
N LEU B 328 -10.14 -1.03 4.89
CA LEU B 328 -11.23 -1.04 3.92
C LEU B 328 -12.47 -1.67 4.54
N LEU B 329 -13.51 -0.86 4.74
CA LEU B 329 -14.66 -1.28 5.57
C LEU B 329 -15.61 -2.13 4.76
N MET B 330 -15.72 -1.83 3.47
CA MET B 330 -16.73 -2.41 2.62
C MET B 330 -16.13 -2.73 1.27
N LEU B 331 -16.22 -4.00 0.86
CA LEU B 331 -15.85 -4.41 -0.47
C LEU B 331 -17.14 -4.59 -1.25
N MET B 332 -17.18 -4.11 -2.48
CA MET B 332 -18.45 -4.02 -3.21
C MET B 332 -18.36 -4.56 -4.61
N ARG B 333 -19.46 -5.15 -5.09
CA ARG B 333 -19.62 -5.49 -6.49
C ARG B 333 -21.01 -5.12 -6.96
N LYS B 334 -21.17 -4.96 -8.27
CA LYS B 334 -22.48 -4.87 -8.88
C LYS B 334 -22.97 -6.26 -9.25
N VAL B 335 -24.21 -6.57 -8.85
CA VAL B 335 -24.81 -7.86 -9.20
C VAL B 335 -25.33 -7.81 -10.62
N MET B 336 -24.72 -8.60 -11.50
CA MET B 336 -25.03 -8.56 -12.93
C MET B 336 -26.11 -9.58 -13.29
N ALA B 337 -26.40 -10.48 -12.36
CA ALA B 337 -27.43 -11.52 -12.52
C ALA B 337 -27.78 -12.06 -11.14
N ASP B 338 -29.03 -12.49 -10.97
CA ASP B 338 -29.45 -12.99 -9.66
C ASP B 338 -28.44 -14.01 -9.14
N VAL B 339 -28.07 -13.88 -7.86
CA VAL B 339 -27.17 -14.84 -7.23
C VAL B 339 -27.78 -15.34 -5.93
N LYS B 340 -27.73 -16.65 -5.74
CA LYS B 340 -28.19 -17.25 -4.50
C LYS B 340 -27.11 -17.17 -3.44
N VAL B 341 -27.45 -16.55 -2.31
CA VAL B 341 -26.55 -16.44 -1.17
C VAL B 341 -27.26 -16.89 0.10
N GLY B 342 -26.82 -18.00 0.67
CA GLY B 342 -27.54 -18.62 1.77
C GLY B 342 -28.98 -18.92 1.36
N SER B 343 -29.94 -18.47 2.17
CA SER B 343 -31.35 -18.75 1.94
C SER B 343 -31.99 -17.84 0.89
N TYR B 344 -31.22 -16.88 0.39
CA TYR B 344 -31.80 -15.74 -0.33
C TYR B 344 -31.34 -15.67 -1.77
N VAL B 345 -32.13 -14.96 -2.58
CA VAL B 345 -31.68 -14.53 -3.88
C VAL B 345 -31.32 -13.05 -3.82
N VAL B 346 -30.10 -12.70 -4.22
CA VAL B 346 -29.72 -11.30 -4.34
C VAL B 346 -29.92 -10.83 -5.78
N PRO B 347 -30.86 -9.91 -6.00
CA PRO B 347 -31.30 -9.65 -7.38
C PRO B 347 -30.29 -8.84 -8.20
N LYS B 348 -30.20 -9.16 -9.49
CA LYS B 348 -29.57 -8.29 -10.47
C LYS B 348 -29.86 -6.82 -10.17
N GLY B 349 -28.83 -6.00 -10.16
CA GLY B 349 -29.00 -4.56 -9.93
C GLY B 349 -28.62 -4.10 -8.53
N ASP B 350 -28.64 -5.01 -7.56
CA ASP B 350 -28.14 -4.68 -6.23
C ASP B 350 -26.66 -4.36 -6.33
N ILE B 351 -26.18 -3.49 -5.44
CA ILE B 351 -24.80 -3.57 -4.99
C ILE B 351 -24.72 -4.66 -3.93
N ILE B 352 -23.83 -5.61 -4.12
CA ILE B 352 -23.56 -6.57 -3.06
C ILE B 352 -22.23 -6.24 -2.41
N ALA B 353 -22.18 -6.39 -1.09
CA ALA B 353 -21.03 -5.99 -0.32
C ALA B 353 -20.66 -7.07 0.68
N CYS B 354 -19.39 -7.11 1.03
CA CYS B 354 -18.92 -7.92 2.10
C CYS B 354 -17.99 -7.04 2.90
N SER B 355 -18.24 -6.94 4.20
CA SER B 355 -17.58 -5.93 5.01
C SER B 355 -16.55 -6.57 5.94
N PRO B 356 -15.25 -6.33 5.66
CA PRO B 356 -14.24 -6.75 6.63
C PRO B 356 -14.55 -6.21 8.03
N LEU B 357 -15.09 -5.00 8.13
CA LEU B 357 -15.44 -4.47 9.44
C LEU B 357 -16.45 -5.37 10.16
N LEU B 358 -17.57 -5.64 9.49
CA LEU B 358 -18.62 -6.51 10.07
C LEU B 358 -18.14 -7.94 10.33
N SER B 359 -17.53 -8.54 9.32
CA SER B 359 -17.14 -9.96 9.44
C SER B 359 -16.04 -10.19 10.49
N HIS B 360 -15.14 -9.22 10.64
CA HIS B 360 -14.06 -9.35 11.61
C HIS B 360 -14.55 -9.15 13.03
N HIS B 361 -15.81 -8.80 13.19
CA HIS B 361 -16.38 -8.67 14.54
C HIS B 361 -17.49 -9.67 14.81
N ASP B 362 -17.67 -10.61 13.88
CA ASP B 362 -18.53 -11.75 14.13
C ASP B 362 -17.97 -12.58 15.28
N GLU B 363 -18.75 -12.75 16.34
CA GLU B 363 -18.21 -13.25 17.60
C GLU B 363 -18.00 -14.76 17.61
N GLU B 364 -18.68 -15.47 16.69
CA GLU B 364 -18.34 -16.87 16.45
C GLU B 364 -16.94 -17.00 15.83
N ALA B 365 -16.66 -16.20 14.80
CA ALA B 365 -15.37 -16.25 14.12
C ALA B 365 -14.24 -15.63 14.95
N PHE B 366 -14.55 -14.56 15.67
CA PHE B 366 -13.55 -13.77 16.37
C PHE B 366 -14.05 -13.38 17.74
N PRO B 367 -13.98 -14.31 18.71
CA PRO B 367 -14.45 -14.00 20.06
C PRO B 367 -13.70 -12.82 20.68
N GLU B 368 -14.43 -11.98 21.41
CA GLU B 368 -13.84 -10.79 22.00
C GLU B 368 -13.16 -9.96 20.92
N PRO B 369 -13.93 -9.53 19.90
CA PRO B 369 -13.29 -8.98 18.69
C PRO B 369 -12.60 -7.60 18.90
N ARG B 370 -12.95 -6.84 19.93
CA ARG B 370 -12.23 -5.58 20.18
C ARG B 370 -10.90 -5.79 20.89
N ARG B 371 -10.67 -7.01 21.39
CA ARG B 371 -9.35 -7.37 21.91
C ARG B 371 -8.38 -7.67 20.77
N TRP B 372 -7.30 -6.89 20.72
CA TRP B 372 -6.16 -7.17 19.83
C TRP B 372 -5.34 -8.32 20.40
N ASP B 373 -5.34 -9.45 19.71
CA ASP B 373 -4.57 -10.61 20.13
C ASP B 373 -3.91 -11.28 18.92
N PRO B 374 -2.62 -11.00 18.69
CA PRO B 374 -1.93 -11.55 17.53
C PRO B 374 -1.87 -13.09 17.55
N GLU B 375 -2.06 -13.70 18.73
CA GLU B 375 -2.08 -15.17 18.81
C GLU B 375 -3.40 -15.79 18.34
N ARG B 376 -4.43 -14.97 18.14
CA ARG B 376 -5.74 -15.52 17.76
C ARG B 376 -5.68 -16.14 16.35
N ASP B 377 -6.56 -17.10 16.11
CA ASP B 377 -6.86 -17.57 14.76
C ASP B 377 -8.36 -17.47 14.52
N GLU B 378 -8.77 -17.25 13.27
CA GLU B 378 -10.18 -17.24 12.94
C GLU B 378 -10.79 -18.57 13.35
N LYS B 379 -12.03 -18.54 13.81
CA LYS B 379 -12.70 -19.76 14.23
C LYS B 379 -13.73 -20.21 13.20
N VAL B 380 -13.93 -19.40 12.18
CA VAL B 380 -14.64 -19.81 11.00
C VAL B 380 -13.70 -19.67 9.82
N GLU B 381 -13.54 -20.72 9.03
CA GLU B 381 -12.60 -20.70 7.90
C GLU B 381 -12.96 -19.60 6.91
N GLY B 382 -11.97 -18.76 6.60
CA GLY B 382 -12.15 -17.69 5.61
C GLY B 382 -12.82 -16.42 6.15
N ALA B 383 -12.97 -16.33 7.47
CA ALA B 383 -13.64 -15.18 8.08
C ALA B 383 -12.78 -13.91 8.03
N PHE B 384 -11.46 -14.09 8.15
CA PHE B 384 -10.54 -12.99 7.88
C PHE B 384 -10.51 -12.65 6.39
N ILE B 385 -10.86 -11.40 6.07
CA ILE B 385 -10.94 -10.93 4.69
C ILE B 385 -10.25 -9.57 4.55
N GLY B 386 -9.26 -9.33 5.41
CA GLY B 386 -8.52 -8.07 5.42
C GLY B 386 -7.84 -7.75 4.10
N PHE B 387 -7.48 -8.80 3.36
CA PHE B 387 -6.84 -8.64 2.05
C PHE B 387 -7.74 -9.15 0.93
N GLY B 388 -9.03 -9.21 1.20
CA GLY B 388 -9.99 -9.81 0.27
C GLY B 388 -9.71 -11.30 0.04
N ALA B 389 -10.24 -11.81 -1.05
CA ALA B 389 -10.14 -13.24 -1.35
C ALA B 389 -10.64 -13.47 -2.77
N GLY B 390 -10.43 -14.69 -3.29
CA GLY B 390 -11.01 -15.07 -4.57
C GLY B 390 -10.58 -14.22 -5.75
N VAL B 391 -11.55 -13.81 -6.56
CA VAL B 391 -11.28 -13.24 -7.87
C VAL B 391 -10.43 -11.97 -7.78
N HIS B 392 -10.70 -11.16 -6.75
CA HIS B 392 -10.04 -9.85 -6.62
C HIS B 392 -9.21 -9.71 -5.36
N LYS B 393 -8.60 -10.81 -4.92
CA LYS B 393 -7.75 -10.77 -3.75
C LYS B 393 -6.53 -9.86 -3.94
N CYS B 394 -6.03 -9.32 -2.84
CA CYS B 394 -5.00 -8.30 -2.91
C CYS B 394 -3.74 -8.84 -3.58
N ILE B 395 -3.25 -8.09 -4.58
CA ILE B 395 -1.98 -8.45 -5.22
C ILE B 395 -0.80 -7.78 -4.54
N GLY B 396 -1.09 -6.87 -3.61
CA GLY B 396 -0.03 -6.11 -2.93
C GLY B 396 0.26 -6.60 -1.53
N GLN B 397 -0.47 -7.63 -1.08
CA GLN B 397 -0.40 -8.06 0.34
C GLN B 397 1.03 -8.33 0.80
N LYS B 398 1.79 -9.06 -0.01
CA LYS B 398 3.14 -9.45 0.40
C LYS B 398 4.07 -8.24 0.48
N PHE B 399 3.93 -7.32 -0.46
CA PHE B 399 4.74 -6.12 -0.47
C PHE B 399 4.38 -5.17 0.68
N GLY B 400 3.07 -5.00 0.89
CA GLY B 400 2.58 -4.21 2.02
C GLY B 400 3.14 -4.72 3.34
N LEU B 401 3.06 -6.03 3.55
CA LEU B 401 3.52 -6.61 4.81
C LEU B 401 5.04 -6.57 4.92
N LEU B 402 5.73 -6.69 3.79
CA LEU B 402 7.17 -6.55 3.78
C LEU B 402 7.58 -5.20 4.36
N GLN B 403 6.87 -4.15 3.94
CA GLN B 403 7.11 -2.80 4.46
C GLN B 403 6.79 -2.73 5.95
N VAL B 404 5.59 -3.17 6.30
CA VAL B 404 5.15 -3.12 7.70
C VAL B 404 6.14 -3.84 8.63
N LYS B 405 6.52 -5.06 8.26
CA LYS B 405 7.42 -5.88 9.09
C LYS B 405 8.81 -5.27 9.21
N THR B 406 9.33 -4.73 8.10
CA THR B 406 10.64 -4.10 8.15
C THR B 406 10.64 -2.88 9.07
N ILE B 407 9.57 -2.09 9.00
CA ILE B 407 9.44 -0.93 9.89
C ILE B 407 9.36 -1.39 11.35
N LEU B 408 8.55 -2.40 11.63
CA LEU B 408 8.40 -2.92 12.99
C LEU B 408 9.75 -3.40 13.54
N ALA B 409 10.47 -4.18 12.75
CA ALA B 409 11.77 -4.70 13.18
C ALA B 409 12.78 -3.58 13.40
N THR B 410 12.75 -2.56 12.56
CA THR B 410 13.76 -1.51 12.62
C THR B 410 13.44 -0.53 13.76
N ALA B 411 12.17 -0.21 13.92
CA ALA B 411 11.75 0.72 14.97
C ALA B 411 11.98 0.13 16.35
N PHE B 412 11.52 -1.09 16.57
CA PHE B 412 11.55 -1.71 17.89
C PHE B 412 12.91 -2.27 18.28
N ARG B 413 13.80 -2.45 17.30
CA ARG B 413 15.19 -2.69 17.61
C ARG B 413 15.80 -1.51 18.34
N SER B 414 15.43 -0.30 17.93
CA SER B 414 16.20 0.89 18.35
C SER B 414 15.42 1.81 19.27
N TYR B 415 14.11 1.63 19.36
CA TYR B 415 13.29 2.53 20.16
C TYR B 415 12.28 1.75 21.01
N ASP B 416 11.90 2.35 22.14
CA ASP B 416 10.61 2.09 22.74
C ASP B 416 9.70 3.27 22.45
N PHE B 417 8.41 3.08 22.73
CA PHE B 417 7.43 4.12 22.51
C PHE B 417 6.46 4.13 23.66
N GLN B 418 5.91 5.29 23.96
CA GLN B 418 4.86 5.41 24.97
C GLN B 418 3.65 6.15 24.41
N LEU B 419 2.50 5.49 24.47
CA LEU B 419 1.20 6.14 24.22
C LEU B 419 1.02 7.35 25.12
N LEU B 420 0.45 8.43 24.58
CA LEU B 420 0.08 9.60 25.40
C LEU B 420 -1.42 9.63 25.71
N ARG B 421 -1.96 8.42 25.89
CA ARG B 421 -3.36 8.15 26.17
C ARG B 421 -3.41 6.89 27.01
N ASP B 422 -4.50 6.70 27.75
CA ASP B 422 -4.80 5.43 28.42
C ASP B 422 -4.98 4.28 27.43
N GLU B 423 -5.71 4.54 26.37
CA GLU B 423 -6.12 3.50 25.45
C GLU B 423 -5.55 3.78 24.06
N VAL B 424 -5.37 2.70 23.30
CA VAL B 424 -5.20 2.79 21.85
C VAL B 424 -6.25 3.74 21.22
N PRO B 425 -5.85 4.51 20.18
CA PRO B 425 -6.76 5.48 19.55
C PRO B 425 -8.04 4.81 19.04
N ASP B 426 -9.14 5.58 18.95
CA ASP B 426 -10.33 5.13 18.23
C ASP B 426 -10.10 5.12 16.75
N PRO B 427 -10.71 4.17 16.03
CA PRO B 427 -10.73 4.31 14.57
C PRO B 427 -11.54 5.54 14.13
N ASP B 428 -11.09 6.21 13.06
CA ASP B 428 -11.83 7.34 12.52
C ASP B 428 -12.48 6.97 11.18
N TYR B 429 -13.79 6.79 11.20
CA TYR B 429 -14.50 6.18 10.05
C TYR B 429 -14.89 7.20 8.97
N HIS B 430 -14.48 8.46 9.16
CA HIS B 430 -14.88 9.52 8.24
C HIS B 430 -14.18 9.43 6.91
N THR B 431 -12.99 8.80 6.90
CA THR B 431 -12.15 8.83 5.72
C THR B 431 -12.38 7.62 4.81
N MET B 432 -11.91 7.71 3.58
CA MET B 432 -12.09 6.65 2.60
C MET B 432 -11.35 5.36 2.97
N VAL B 433 -10.11 5.51 3.42
CA VAL B 433 -9.36 4.40 3.97
C VAL B 433 -9.20 4.66 5.46
N VAL B 434 -9.69 3.73 6.28
CA VAL B 434 -9.90 4.01 7.70
C VAL B 434 -8.66 3.68 8.54
N GLY B 435 -8.19 4.66 9.31
CA GLY B 435 -7.09 4.47 10.25
C GLY B 435 -7.44 4.96 11.64
N PRO B 436 -6.45 4.92 12.56
CA PRO B 436 -6.60 5.45 13.91
C PRO B 436 -6.80 6.95 13.83
N THR B 437 -7.60 7.50 14.74
CA THR B 437 -7.85 8.94 14.74
C THR B 437 -6.53 9.71 14.82
N ALA B 438 -6.28 10.57 13.82
CA ALA B 438 -4.95 11.18 13.67
C ALA B 438 -4.53 11.98 14.91
N SER B 439 -5.48 12.74 15.46
CA SER B 439 -5.21 13.59 16.61
C SER B 439 -4.88 12.78 17.86
N GLN B 440 -5.16 11.48 17.84
CA GLN B 440 -4.91 10.64 19.01
C GLN B 440 -3.62 9.84 18.87
N CYS B 441 -2.87 10.10 17.81
CA CYS B 441 -1.71 9.28 17.48
C CYS B 441 -0.37 9.90 17.89
N ARG B 442 -0.41 10.87 18.80
CA ARG B 442 0.84 11.42 19.32
C ARG B 442 1.46 10.48 20.36
N VAL B 443 2.73 10.14 20.17
CA VAL B 443 3.40 9.21 21.05
C VAL B 443 4.79 9.74 21.38
N LYS B 444 5.39 9.19 22.42
CA LYS B 444 6.77 9.49 22.76
C LYS B 444 7.68 8.35 22.31
N TYR B 445 8.71 8.67 21.51
CA TYR B 445 9.78 7.71 21.26
C TYR B 445 10.88 7.81 22.30
N ILE B 446 11.38 6.67 22.74
CA ILE B 446 12.54 6.63 23.63
C ILE B 446 13.64 5.77 23.04
N ARG B 447 14.77 6.39 22.76
CA ARG B 447 15.93 5.69 22.26
C ARG B 447 16.40 4.68 23.29
N ARG B 448 16.59 3.44 22.88
CA ARG B 448 17.17 2.43 23.75
C ARG B 448 18.69 2.51 23.74
N GLY C 1 26.51 1.62 -12.86
CA GLY C 1 25.49 2.43 -13.57
C GLY C 1 25.59 3.92 -13.28
N LYS C 2 24.93 4.35 -12.21
CA LYS C 2 24.93 5.75 -11.80
C LYS C 2 26.33 6.11 -11.30
N LEU C 3 27.34 5.71 -12.06
CA LEU C 3 28.73 5.89 -11.70
C LEU C 3 29.16 7.28 -12.08
N PRO C 4 30.08 7.84 -11.30
CA PRO C 4 30.76 9.05 -11.71
C PRO C 4 31.47 8.84 -13.04
N PRO C 5 31.65 9.93 -13.80
CA PRO C 5 32.42 9.88 -15.04
C PRO C 5 33.85 9.44 -14.79
N VAL C 6 34.38 8.62 -15.71
CA VAL C 6 35.74 8.12 -15.64
C VAL C 6 36.65 8.91 -16.58
N TYR C 7 37.76 9.43 -16.07
CA TYR C 7 38.73 10.12 -16.92
C TYR C 7 39.51 9.12 -17.78
N PRO C 8 39.63 9.40 -19.10
CA PRO C 8 40.27 8.42 -19.97
C PRO C 8 41.68 8.05 -19.52
N VAL C 9 41.98 6.75 -19.56
CA VAL C 9 43.33 6.24 -19.33
C VAL C 9 44.04 6.03 -20.65
N THR C 10 45.21 6.63 -20.79
CA THR C 10 46.01 6.45 -22.01
C THR C 10 47.27 5.64 -21.72
N VAL C 11 47.66 5.57 -20.45
CA VAL C 11 48.88 4.88 -20.03
C VAL C 11 48.55 3.54 -19.39
N PRO C 12 48.98 2.44 -20.03
CA PRO C 12 48.30 1.14 -19.90
C PRO C 12 48.17 0.53 -18.48
N ILE C 13 49.24 0.55 -17.69
CA ILE C 13 49.24 -0.14 -16.39
C ILE C 13 49.21 0.84 -15.23
N LEU C 14 49.82 1.99 -15.46
CA LEU C 14 49.98 3.00 -14.43
C LEU C 14 48.73 3.83 -14.22
N GLY C 15 47.91 3.94 -15.26
CA GLY C 15 46.83 4.91 -15.28
C GLY C 15 47.36 6.32 -15.10
N HIS C 16 46.79 7.03 -14.13
CA HIS C 16 46.99 8.47 -14.01
C HIS C 16 48.01 8.85 -12.96
N ILE C 17 48.70 7.86 -12.40
CA ILE C 17 49.56 8.10 -11.24
C ILE C 17 50.70 9.08 -11.55
N ILE C 18 51.34 8.95 -12.71
CA ILE C 18 52.41 9.87 -13.09
C ILE C 18 51.87 11.27 -13.38
N GLN C 19 50.75 11.35 -14.09
CA GLN C 19 50.14 12.65 -14.38
C GLN C 19 49.63 13.32 -13.11
N PHE C 20 49.06 12.54 -12.19
CA PHE C 20 48.67 13.07 -10.89
C PHE C 20 49.88 13.65 -10.16
N GLY C 21 50.92 12.85 -10.01
CA GLY C 21 52.07 13.21 -9.22
C GLY C 21 52.76 14.47 -9.71
N LYS C 22 52.79 14.62 -11.04
CA LYS C 22 53.45 15.75 -11.67
C LYS C 22 52.81 17.09 -11.31
N SER C 23 51.48 17.15 -11.37
CA SER C 23 50.76 18.36 -11.05
C SER C 23 49.37 18.05 -10.49
N PRO C 24 49.30 17.65 -9.22
CA PRO C 24 48.02 17.11 -8.76
C PRO C 24 46.86 18.11 -8.83
N LEU C 25 47.08 19.36 -8.46
CA LEU C 25 45.99 20.35 -8.54
C LEU C 25 45.56 20.57 -9.98
N GLY C 26 46.52 20.85 -10.85
CA GLY C 26 46.25 21.05 -12.27
C GLY C 26 45.54 19.85 -12.88
N PHE C 27 46.06 18.66 -12.62
CA PHE C 27 45.48 17.43 -13.16
C PHE C 27 44.03 17.22 -12.70
N MET C 28 43.78 17.38 -11.39
CA MET C 28 42.44 17.17 -10.86
C MET C 28 41.45 18.21 -11.41
N GLN C 29 41.92 19.45 -11.54
CA GLN C 29 41.10 20.51 -12.10
C GLN C 29 40.82 20.28 -13.58
N GLU C 30 41.80 19.72 -14.29
CA GLU C 30 41.59 19.31 -15.68
C GLU C 30 40.52 18.21 -15.79
N CYS C 31 40.43 17.33 -14.79
CA CYS C 31 39.42 16.27 -14.79
C CYS C 31 38.03 16.83 -14.52
N LYS C 32 37.94 17.62 -13.46
CA LYS C 32 36.70 18.26 -13.07
C LYS C 32 36.16 19.08 -14.24
N ARG C 33 37.05 19.88 -14.81
CA ARG C 33 36.73 20.78 -15.91
C ARG C 33 36.23 20.03 -17.14
N GLN C 34 36.86 18.90 -17.42
CA GLN C 34 36.70 18.21 -18.69
C GLN C 34 35.52 17.23 -18.69
N LEU C 35 35.24 16.63 -17.53
CA LEU C 35 34.11 15.70 -17.41
C LEU C 35 32.86 16.42 -16.90
N LYS C 36 33.00 17.74 -16.70
CA LYS C 36 31.97 18.59 -16.11
C LYS C 36 31.29 17.93 -14.90
N SER C 37 32.10 17.65 -13.88
CA SER C 37 31.63 17.04 -12.64
C SER C 37 32.70 17.16 -11.55
N GLY C 38 32.29 17.62 -10.38
CA GLY C 38 33.18 17.69 -9.21
C GLY C 38 33.35 16.34 -8.53
N ILE C 39 32.47 15.39 -8.87
CA ILE C 39 32.68 14.00 -8.52
C ILE C 39 33.10 13.23 -9.75
N PHE C 40 34.22 12.52 -9.66
CA PHE C 40 34.77 11.85 -10.81
C PHE C 40 35.83 10.85 -10.39
N THR C 41 36.17 9.95 -11.31
CA THR C 41 37.01 8.81 -11.02
C THR C 41 38.28 8.83 -11.86
N ILE C 42 39.42 8.72 -11.20
CA ILE C 42 40.68 8.53 -11.91
C ILE C 42 41.21 7.13 -11.64
N ASN C 43 42.29 6.77 -12.31
CA ASN C 43 42.84 5.43 -12.24
C ASN C 43 44.28 5.46 -11.71
N ILE C 44 44.51 4.82 -10.57
CA ILE C 44 45.86 4.77 -10.01
C ILE C 44 46.38 3.33 -9.98
N VAL C 45 47.31 3.02 -10.89
CA VAL C 45 47.89 1.69 -11.03
C VAL C 45 46.80 0.62 -11.08
N GLY C 46 45.73 0.93 -11.81
CA GLY C 46 44.65 -0.03 -12.03
C GLY C 46 43.51 0.14 -11.05
N LYS C 47 43.69 0.93 -10.01
CA LYS C 47 42.61 1.10 -9.00
C LYS C 47 41.76 2.33 -9.27
N ARG C 48 40.44 2.13 -9.31
CA ARG C 48 39.49 3.23 -9.38
C ARG C 48 39.61 4.11 -8.14
N VAL C 49 39.91 5.39 -8.36
CA VAL C 49 39.87 6.37 -7.29
C VAL C 49 38.84 7.45 -7.57
N THR C 50 37.77 7.45 -6.78
CA THR C 50 36.69 8.40 -6.92
C THR C 50 36.86 9.62 -6.01
N ILE C 51 37.06 10.78 -6.63
CA ILE C 51 37.31 12.03 -5.90
C ILE C 51 36.01 12.78 -5.69
N VAL C 52 35.69 13.06 -4.43
CA VAL C 52 34.62 13.98 -4.10
C VAL C 52 35.15 15.40 -4.15
N GLY C 53 35.15 15.98 -5.34
CA GLY C 53 35.77 17.29 -5.57
C GLY C 53 34.78 18.43 -5.47
N ASP C 54 33.55 18.12 -5.09
CA ASP C 54 32.52 19.14 -4.84
C ASP C 54 32.36 19.39 -3.34
N PRO C 55 32.71 20.61 -2.89
CA PRO C 55 32.65 20.96 -1.47
C PRO C 55 31.24 20.79 -0.86
N HIS C 56 30.21 21.03 -1.67
CA HIS C 56 28.84 20.82 -1.23
C HIS C 56 28.63 19.36 -0.82
N GLU C 57 29.46 18.46 -1.35
CA GLU C 57 29.25 17.02 -1.10
C GLU C 57 30.25 16.40 -0.10
N HIS C 58 31.02 17.24 0.61
CA HIS C 58 32.01 16.74 1.58
C HIS C 58 31.44 15.76 2.60
N SER C 59 30.30 16.11 3.19
CA SER C 59 29.74 15.31 4.28
C SER C 59 29.54 13.84 3.90
N ARG C 60 29.41 13.58 2.59
CA ARG C 60 29.23 12.20 2.11
C ARG C 60 30.51 11.37 2.24
N PHE C 61 31.65 12.04 2.39
CA PHE C 61 32.94 11.36 2.58
C PHE C 61 33.26 11.20 4.07
N PHE C 62 33.00 12.26 4.84
CA PHE C 62 33.49 12.38 6.23
C PHE C 62 32.57 11.74 7.26
N LEU C 63 31.29 11.62 6.91
CA LEU C 63 30.26 11.18 7.87
C LEU C 63 30.09 9.64 7.97
N PRO C 64 30.10 8.91 6.84
CA PRO C 64 29.91 7.45 6.95
C PRO C 64 30.82 6.78 7.99
N ARG C 65 30.30 5.72 8.61
CA ARG C 65 31.03 4.92 9.60
C ARG C 65 32.19 4.13 8.97
N ASN C 66 33.06 3.60 9.85
CA ASN C 66 34.23 2.81 9.43
C ASN C 66 33.85 1.57 8.64
N GLU C 67 32.70 0.99 8.98
CA GLU C 67 32.19 -0.20 8.31
C GLU C 67 31.91 0.08 6.84
N VAL C 68 31.43 1.28 6.54
CA VAL C 68 31.09 1.65 5.17
C VAL C 68 32.30 2.23 4.42
N LEU C 69 32.96 3.20 5.03
CA LEU C 69 34.17 3.80 4.44
C LEU C 69 35.36 3.61 5.37
N SER C 70 36.29 2.75 5.00
CA SER C 70 37.29 2.24 5.94
C SER C 70 38.68 2.80 5.67
N PRO C 71 39.31 3.41 6.68
CA PRO C 71 40.70 3.85 6.51
C PRO C 71 41.72 2.71 6.63
N ARG C 72 41.27 1.53 7.05
CA ARG C 72 42.22 0.45 7.41
C ARG C 72 43.22 0.19 6.29
N GLU C 73 42.69 -0.02 5.09
CA GLU C 73 43.47 -0.56 3.98
C GLU C 73 44.44 0.46 3.38
N VAL C 74 44.13 1.74 3.48
CA VAL C 74 45.06 2.78 3.02
C VAL C 74 46.25 2.93 3.98
N TYR C 75 46.13 2.39 5.18
CA TYR C 75 47.20 2.47 6.16
C TYR C 75 47.97 1.17 6.33
N SER C 76 47.66 0.19 5.50
CA SER C 76 48.39 -1.08 5.54
C SER C 76 49.90 -0.89 5.43
N PHE C 77 50.34 0.04 4.58
CA PHE C 77 51.77 0.23 4.37
C PHE C 77 52.49 0.77 5.60
N MET C 78 51.72 1.20 6.62
CA MET C 78 52.30 1.78 7.83
C MET C 78 52.26 0.81 9.03
N VAL C 79 51.72 -0.37 8.82
CA VAL C 79 51.68 -1.37 9.88
C VAL C 79 53.07 -1.69 10.46
N PRO C 80 54.11 -1.83 9.62
CA PRO C 80 55.46 -2.01 10.19
C PRO C 80 55.91 -0.86 11.11
N VAL C 81 55.28 0.30 10.96
CA VAL C 81 55.60 1.46 11.80
C VAL C 81 54.74 1.47 13.06
N PHE C 82 53.42 1.54 12.89
CA PHE C 82 52.53 1.60 14.06
C PHE C 82 52.57 0.29 14.84
N GLY C 83 52.70 -0.82 14.11
CA GLY C 83 52.70 -2.16 14.71
C GLY C 83 51.46 -2.96 14.36
N GLU C 84 51.58 -4.28 14.36
CA GLU C 84 50.43 -5.16 14.16
C GLU C 84 49.30 -4.82 15.14
N GLY C 85 48.09 -4.70 14.60
CA GLY C 85 46.89 -4.47 15.42
C GLY C 85 46.89 -3.17 16.22
N VAL C 86 47.67 -2.19 15.76
CA VAL C 86 47.67 -0.86 16.38
C VAL C 86 47.01 0.13 15.44
N ALA C 87 46.32 1.11 16.01
CA ALA C 87 45.59 2.10 15.22
C ALA C 87 44.69 1.42 14.20
N TYR C 88 44.88 1.74 12.92
CA TYR C 88 43.92 1.33 11.88
C TYR C 88 43.92 -0.19 11.65
N ALA C 89 45.00 -0.85 12.09
CA ALA C 89 45.14 -2.30 11.96
C ALA C 89 44.24 -3.04 12.95
N ALA C 90 43.94 -2.42 14.09
CA ALA C 90 43.05 -3.02 15.08
C ALA C 90 41.60 -3.05 14.60
N PRO C 91 40.82 -4.05 15.05
CA PRO C 91 39.39 -3.96 14.83
C PRO C 91 38.86 -2.60 15.28
N TYR C 92 37.80 -2.12 14.66
CA TYR C 92 37.47 -0.69 14.69
C TYR C 92 37.11 -0.18 16.09
N PRO C 93 36.39 -0.97 16.88
CA PRO C 93 36.14 -0.47 18.24
C PRO C 93 37.43 -0.42 19.07
N ARG C 94 38.35 -1.33 18.78
CA ARG C 94 39.65 -1.31 19.43
C ARG C 94 40.49 -0.14 18.91
N MET C 95 40.38 0.11 17.61
CA MET C 95 41.00 1.29 16.98
C MET C 95 40.52 2.59 17.63
N ARG C 96 39.21 2.73 17.74
CA ARG C 96 38.61 3.92 18.35
C ARG C 96 39.06 4.10 19.80
N GLU C 97 39.19 3.00 20.53
CA GLU C 97 39.68 3.08 21.92
C GLU C 97 41.11 3.61 22.01
N GLN C 98 41.96 3.15 21.09
CA GLN C 98 43.36 3.57 21.10
C GLN C 98 43.52 5.04 20.71
N LEU C 99 42.86 5.46 19.63
CA LEU C 99 42.87 6.85 19.22
C LEU C 99 42.28 7.73 20.30
N ASN C 100 41.26 7.21 20.98
CA ASN C 100 40.64 7.92 22.09
C ASN C 100 41.62 8.17 23.24
N PHE C 101 42.45 7.18 23.55
CA PHE C 101 43.46 7.35 24.61
C PHE C 101 44.50 8.40 24.22
N LEU C 102 44.92 8.38 22.95
CA LEU C 102 45.84 9.41 22.46
C LEU C 102 45.20 10.79 22.48
N ALA C 103 43.95 10.86 22.04
CA ALA C 103 43.20 12.11 22.04
C ALA C 103 43.15 12.72 23.43
N GLU C 104 42.90 11.88 24.44
CA GLU C 104 42.81 12.34 25.84
C GLU C 104 44.13 12.93 26.34
N GLU C 105 45.24 12.49 25.76
CA GLU C 105 46.57 13.01 26.12
C GLU C 105 46.84 14.37 25.49
N LEU C 106 46.05 14.71 24.47
CA LEU C 106 46.32 15.86 23.61
C LEU C 106 45.19 16.88 23.66
N THR C 107 44.41 16.84 24.74
CA THR C 107 43.29 17.76 24.88
C THR C 107 43.69 18.98 25.69
N ILE C 108 42.70 19.86 25.87
CA ILE C 108 42.93 21.16 26.50
C ILE C 108 43.37 21.08 27.96
N ALA C 109 42.86 20.12 28.71
CA ALA C 109 43.31 19.95 30.11
C ALA C 109 44.84 19.89 30.21
N LYS C 110 45.49 19.36 29.17
CA LYS C 110 46.94 19.10 29.20
C LYS C 110 47.77 20.33 28.88
N PHE C 111 47.12 21.34 28.31
CA PHE C 111 47.83 22.43 27.66
C PHE C 111 48.40 23.42 28.67
N GLN C 112 47.93 23.35 29.92
CA GLN C 112 48.43 24.23 30.97
C GLN C 112 49.95 24.22 30.98
N ASN C 113 50.53 23.03 31.04
CA ASN C 113 51.98 22.87 31.07
C ASN C 113 52.62 23.02 29.68
N PHE C 114 51.86 22.70 28.63
CA PHE C 114 52.40 22.66 27.25
C PHE C 114 52.94 24.01 26.80
N VAL C 115 52.19 25.07 27.06
CA VAL C 115 52.57 26.38 26.54
C VAL C 115 53.96 26.83 27.03
N PRO C 116 54.20 26.72 28.36
CA PRO C 116 55.54 27.00 28.91
C PRO C 116 56.63 26.13 28.29
N ALA C 117 56.38 24.82 28.23
CA ALA C 117 57.32 23.88 27.63
C ALA C 117 57.64 24.26 26.19
N ILE C 118 56.62 24.58 25.40
CA ILE C 118 56.82 24.93 24.00
C ILE C 118 57.67 26.20 23.87
N GLN C 119 57.32 27.24 24.63
CA GLN C 119 58.07 28.49 24.54
C GLN C 119 59.51 28.34 25.04
N HIS C 120 59.71 27.48 26.05
CA HIS C 120 61.06 27.13 26.53
C HIS C 120 61.93 26.55 25.43
N GLU C 121 61.42 25.56 24.70
CA GLU C 121 62.19 24.94 23.61
C GLU C 121 62.38 25.91 22.44
N VAL C 122 61.35 26.69 22.14
CA VAL C 122 61.44 27.71 21.10
C VAL C 122 62.49 28.77 21.42
N ARG C 123 62.46 29.32 22.63
CA ARG C 123 63.49 30.29 23.04
C ARG C 123 64.88 29.69 23.14
N LYS C 124 64.99 28.47 23.68
CA LYS C 124 66.29 27.80 23.73
C LYS C 124 66.89 27.73 22.34
N PHE C 125 66.08 27.31 21.37
CA PHE C 125 66.57 27.14 20.01
C PHE C 125 66.94 28.48 19.37
N MET C 126 66.09 29.48 19.55
CA MET C 126 66.38 30.82 19.02
C MET C 126 67.62 31.40 19.68
N ALA C 127 67.73 31.22 21.00
CA ALA C 127 68.87 31.75 21.74
C ALA C 127 70.17 31.12 21.25
N ALA C 128 70.11 29.84 20.87
CA ALA C 128 71.31 29.09 20.54
C ALA C 128 71.66 29.16 19.04
N ASN C 129 70.66 29.35 18.19
CA ASN C 129 70.85 29.30 16.75
C ASN C 129 70.60 30.62 16.03
N TRP C 130 69.70 31.44 16.58
CA TRP C 130 69.44 32.74 16.00
C TRP C 130 70.03 33.83 16.86
N ASP C 131 71.31 33.71 17.14
CA ASP C 131 71.93 34.40 18.27
C ASP C 131 72.72 35.65 17.87
N LYS C 132 72.67 36.02 16.60
CA LYS C 132 73.41 37.16 16.10
C LYS C 132 72.46 38.24 15.64
N ASP C 133 73.01 39.36 15.19
CA ASP C 133 72.20 40.48 14.74
C ASP C 133 71.37 40.11 13.54
N GLU C 134 71.97 39.41 12.59
CA GLU C 134 71.22 38.71 11.55
C GLU C 134 71.95 37.43 11.15
N GLY C 135 71.30 36.61 10.34
CA GLY C 135 71.86 35.32 9.98
C GLY C 135 70.99 34.59 9.00
N GLU C 136 71.62 33.75 8.18
CA GLU C 136 70.89 32.97 7.20
C GLU C 136 70.62 31.57 7.72
N ILE C 137 69.42 31.09 7.44
CA ILE C 137 68.96 29.79 7.92
C ILE C 137 68.12 29.14 6.84
N ASN C 138 67.99 27.82 6.91
CA ASN C 138 66.87 27.17 6.27
C ASN C 138 65.65 27.10 7.18
N LEU C 139 64.56 27.77 6.78
CA LEU C 139 63.44 27.99 7.71
C LEU C 139 62.63 26.72 7.93
N LEU C 140 62.53 25.91 6.89
CA LEU C 140 61.87 24.62 7.00
C LEU C 140 62.62 23.71 7.98
N GLU C 141 63.94 23.63 7.85
CA GLU C 141 64.72 22.80 8.77
C GLU C 141 64.58 23.28 10.20
N ASP C 142 64.62 24.60 10.40
CA ASP C 142 64.64 25.14 11.75
C ASP C 142 63.28 24.97 12.41
N CYS C 143 62.22 25.18 11.65
CA CYS C 143 60.88 24.91 12.17
C CYS C 143 60.70 23.43 12.51
N SER C 144 61.25 22.55 11.68
CA SER C 144 61.19 21.11 11.97
C SER C 144 61.92 20.75 13.27
N THR C 145 63.10 21.32 13.47
CA THR C 145 63.83 21.09 14.71
C THR C 145 63.04 21.60 15.91
N MET C 146 62.47 22.79 15.80
CA MET C 146 61.65 23.32 16.89
C MET C 146 60.41 22.46 17.17
N ILE C 147 59.79 21.94 16.12
CA ILE C 147 58.60 21.11 16.29
C ILE C 147 58.92 19.81 17.01
N ILE C 148 60.01 19.14 16.60
CA ILE C 148 60.40 17.91 17.30
C ILE C 148 60.82 18.19 18.77
N ASN C 149 61.58 19.26 18.99
CA ASN C 149 61.99 19.63 20.35
C ASN C 149 60.81 20.03 21.24
N THR C 150 59.88 20.81 20.69
CA THR C 150 58.73 21.28 21.48
C THR C 150 57.74 20.14 21.75
N ALA C 151 57.48 19.33 20.73
CA ALA C 151 56.69 18.12 20.91
C ALA C 151 57.29 17.27 22.04
N CYS C 152 58.58 16.97 21.93
CA CYS C 152 59.23 16.11 22.92
C CYS C 152 59.15 16.71 24.33
N GLN C 153 59.29 18.02 24.43
CA GLN C 153 59.23 18.69 25.73
C GLN C 153 57.82 18.67 26.32
N CYS C 154 56.81 18.79 25.45
CA CYS C 154 55.42 18.78 25.88
C CYS C 154 55.00 17.42 26.35
N LEU C 155 55.36 16.41 25.56
CA LEU C 155 54.72 15.10 25.66
C LEU C 155 55.50 14.15 26.53
N PHE C 156 56.77 14.44 26.75
CA PHE C 156 57.64 13.50 27.44
C PHE C 156 58.35 14.07 28.64
N GLY C 157 58.34 13.29 29.72
CA GLY C 157 59.08 13.62 30.91
C GLY C 157 60.55 13.74 30.62
N GLU C 158 61.24 14.50 31.45
CA GLU C 158 62.65 14.79 31.28
C GLU C 158 63.51 13.53 31.34
N ASP C 159 63.11 12.60 32.18
CA ASP C 159 63.80 11.32 32.29
C ASP C 159 63.84 10.63 30.95
N LEU C 160 62.73 10.70 30.22
CA LEU C 160 62.67 10.17 28.88
C LEU C 160 63.59 10.95 27.92
N ARG C 161 63.54 12.28 27.98
CA ARG C 161 64.35 13.08 27.07
C ARG C 161 65.84 12.89 27.33
N LYS C 162 66.19 12.72 28.60
CA LYS C 162 67.54 12.39 29.02
C LYS C 162 68.11 11.18 28.27
N ARG C 163 67.31 10.12 28.19
CA ARG C 163 67.64 8.89 27.46
C ARG C 163 67.42 9.00 25.94
N LEU C 164 66.25 9.51 25.58
CA LEU C 164 65.81 9.58 24.18
C LEU C 164 65.61 11.03 23.79
N ASP C 165 66.70 11.67 23.38
CA ASP C 165 66.69 13.09 23.07
C ASP C 165 66.16 13.36 21.68
N ALA C 166 65.76 14.59 21.42
CA ALA C 166 65.10 14.93 20.17
C ALA C 166 65.82 14.34 18.95
N ARG C 167 67.16 14.35 18.97
CA ARG C 167 67.94 13.92 17.81
C ARG C 167 67.98 12.40 17.64
N ARG C 168 68.17 11.66 18.74
CA ARG C 168 68.13 10.20 18.69
C ARG C 168 66.72 9.69 18.35
N PHE C 169 65.70 10.36 18.89
CA PHE C 169 64.33 10.05 18.52
C PHE C 169 64.14 10.27 17.03
N ALA C 170 64.57 11.42 16.54
CA ALA C 170 64.40 11.78 15.13
C ALA C 170 65.09 10.79 14.21
N GLN C 171 66.25 10.29 14.63
CA GLN C 171 67.00 9.32 13.83
C GLN C 171 66.22 8.02 13.67
N LEU C 172 65.71 7.50 14.78
CA LEU C 172 64.93 6.27 14.77
C LEU C 172 63.63 6.46 13.98
N LEU C 173 63.00 7.62 14.14
CA LEU C 173 61.76 7.90 13.40
C LEU C 173 62.02 8.03 11.91
N ALA C 174 63.15 8.64 11.56
CA ALA C 174 63.51 8.83 10.16
C ALA C 174 63.83 7.51 9.48
N LYS C 175 64.48 6.62 10.22
CA LYS C 175 64.75 5.28 9.71
C LYS C 175 63.46 4.53 9.37
N MET C 176 62.49 4.59 10.28
CA MET C 176 61.17 4.02 10.00
C MET C 176 60.46 4.71 8.83
N GLU C 177 60.47 6.04 8.83
CA GLU C 177 59.84 6.81 7.76
C GLU C 177 60.44 6.46 6.41
N SER C 178 61.76 6.36 6.34
CA SER C 178 62.42 6.18 5.07
C SER C 178 62.23 4.74 4.53
N SER C 179 61.70 3.86 5.37
CA SER C 179 61.37 2.50 4.92
C SER C 179 59.96 2.38 4.32
N LEU C 180 59.14 3.42 4.50
CA LEU C 180 57.77 3.43 3.98
C LEU C 180 57.72 3.41 2.45
N ILE C 181 56.77 2.65 1.92
CA ILE C 181 56.47 2.69 0.49
C ILE C 181 54.99 3.01 0.28
N PRO C 182 54.64 4.30 0.25
CA PRO C 182 53.23 4.70 0.14
C PRO C 182 52.51 4.05 -1.05
N ALA C 183 53.24 3.77 -2.12
CA ALA C 183 52.62 3.20 -3.32
C ALA C 183 51.99 1.82 -3.06
N ALA C 184 52.38 1.17 -1.96
CA ALA C 184 51.82 -0.14 -1.62
C ALA C 184 50.32 -0.07 -1.39
N VAL C 185 49.82 1.13 -1.09
CA VAL C 185 48.38 1.35 -1.05
C VAL C 185 47.75 0.86 -2.36
N PHE C 186 48.45 1.07 -3.46
CA PHE C 186 47.91 0.71 -4.77
C PHE C 186 48.59 -0.53 -5.33
N LEU C 187 49.58 -1.03 -4.60
CA LEU C 187 50.26 -2.25 -4.98
C LEU C 187 50.45 -3.15 -3.75
N PRO C 188 49.33 -3.59 -3.16
CA PRO C 188 49.32 -4.24 -1.84
C PRO C 188 50.14 -5.53 -1.79
N ILE C 189 50.43 -6.14 -2.95
CA ILE C 189 51.26 -7.35 -2.95
C ILE C 189 52.65 -7.06 -2.39
N LEU C 190 53.09 -5.81 -2.46
CA LEU C 190 54.37 -5.42 -1.88
C LEU C 190 54.46 -5.76 -0.41
N LEU C 191 53.35 -5.59 0.29
CA LEU C 191 53.34 -5.74 1.73
C LEU C 191 53.44 -7.20 2.16
N LYS C 192 53.37 -8.10 1.17
CA LYS C 192 53.43 -9.53 1.43
C LYS C 192 54.83 -10.11 1.14
N LEU C 193 55.68 -9.34 0.49
CA LEU C 193 57.01 -9.80 0.06
C LEU C 193 58.10 -9.55 1.11
N PRO C 194 59.13 -10.41 1.12
CA PRO C 194 60.40 -10.09 1.79
C PRO C 194 61.05 -8.82 1.25
N LEU C 195 61.01 -7.75 2.05
CA LEU C 195 61.65 -6.50 1.68
C LEU C 195 62.66 -6.14 2.73
N PRO C 196 63.87 -5.72 2.30
CA PRO C 196 64.79 -5.18 3.29
C PRO C 196 64.22 -3.97 4.03
N GLN C 197 63.35 -3.20 3.36
CA GLN C 197 62.73 -2.03 3.96
C GLN C 197 61.88 -2.41 5.17
N SER C 198 61.19 -3.54 5.07
CA SER C 198 60.34 -4.01 6.16
C SER C 198 61.17 -4.44 7.35
N ALA C 199 62.30 -5.09 7.07
CA ALA C 199 63.25 -5.49 8.11
C ALA C 199 63.89 -4.29 8.82
N ARG C 200 64.29 -3.28 8.07
CA ARG C 200 64.88 -2.08 8.67
C ARG C 200 63.87 -1.37 9.56
N CYS C 201 62.63 -1.36 9.10
CA CYS C 201 61.56 -0.71 9.86
C CYS C 201 61.33 -1.41 11.19
N HIS C 202 61.17 -2.73 11.15
CA HIS C 202 61.07 -3.53 12.38
C HIS C 202 62.25 -3.31 13.33
N GLU C 203 63.46 -3.29 12.77
CA GLU C 203 64.66 -2.98 13.54
C GLU C 203 64.47 -1.70 14.34
N ALA C 204 64.17 -0.63 13.62
CA ALA C 204 64.04 0.68 14.24
C ALA C 204 62.91 0.71 15.26
N ARG C 205 61.78 0.08 14.92
CA ARG C 205 60.66 0.06 15.83
C ARG C 205 61.05 -0.70 17.11
N THR C 206 61.79 -1.78 16.93
CA THR C 206 62.22 -2.63 18.04
C THR C 206 63.20 -1.89 18.94
N GLU C 207 64.11 -1.14 18.33
CA GLU C 207 65.05 -0.34 19.10
C GLU C 207 64.32 0.74 19.91
N LEU C 208 63.35 1.39 19.30
CA LEU C 208 62.57 2.41 20.00
C LEU C 208 61.85 1.81 21.20
N GLN C 209 61.20 0.67 20.99
CA GLN C 209 60.39 0.07 22.03
C GLN C 209 61.26 -0.37 23.21
N LYS C 210 62.51 -0.68 22.91
CA LYS C 210 63.49 -1.10 23.90
C LYS C 210 63.93 0.08 24.77
N ILE C 211 64.14 1.23 24.13
CA ILE C 211 64.39 2.46 24.88
C ILE C 211 63.19 2.80 25.77
N LEU C 212 61.98 2.66 25.25
CA LEU C 212 60.80 2.90 26.06
C LEU C 212 60.71 1.94 27.26
N SER C 213 61.06 0.68 27.05
CA SER C 213 61.13 -0.29 28.16
C SER C 213 62.12 0.15 29.23
N GLU C 214 63.32 0.55 28.82
CA GLU C 214 64.33 1.01 29.77
C GLU C 214 63.84 2.24 30.56
N ILE C 215 63.14 3.15 29.90
CA ILE C 215 62.59 4.33 30.57
C ILE C 215 61.56 3.94 31.62
N ILE C 216 60.65 3.03 31.25
CA ILE C 216 59.59 2.57 32.13
C ILE C 216 60.16 1.85 33.34
N ILE C 217 61.23 1.10 33.14
CA ILE C 217 61.90 0.43 34.25
C ILE C 217 62.62 1.45 35.15
N ALA C 218 63.39 2.35 34.55
CA ALA C 218 64.02 3.45 35.29
C ALA C 218 62.97 4.21 36.09
N ARG C 219 61.82 4.43 35.46
CA ARG C 219 60.74 5.18 36.10
C ARG C 219 60.14 4.49 37.31
N LYS C 220 59.97 3.18 37.23
CA LYS C 220 59.43 2.43 38.35
C LYS C 220 60.41 2.41 39.53
N GLU C 221 61.70 2.37 39.22
CA GLU C 221 62.74 2.45 40.23
C GLU C 221 62.71 3.80 40.94
N GLU C 222 62.82 4.87 40.15
CA GLU C 222 62.73 6.21 40.71
C GLU C 222 61.47 6.34 41.55
N GLU C 223 60.41 5.67 41.12
CA GLU C 223 59.10 5.77 41.74
C GLU C 223 59.04 5.07 43.10
N VAL C 224 59.87 4.05 43.27
CA VAL C 224 59.93 3.31 44.53
C VAL C 224 60.58 4.12 45.65
N ASN C 225 61.66 4.84 45.31
CA ASN C 225 62.45 5.54 46.31
C ASN C 225 62.12 7.03 46.41
N LYS C 226 62.03 7.70 45.26
CA LYS C 226 61.54 9.07 45.20
C LYS C 226 60.20 9.05 44.49
N ASP C 227 59.25 9.88 44.91
CA ASP C 227 57.87 9.67 44.44
C ASP C 227 57.51 10.55 43.24
N SER C 228 58.53 11.01 42.52
CA SER C 228 58.32 11.63 41.23
C SER C 228 58.14 10.56 40.16
N SER C 229 57.01 9.87 40.21
CA SER C 229 56.42 9.28 39.03
C SER C 229 56.18 10.39 38.01
N THR C 230 56.92 10.34 36.90
CA THR C 230 56.72 11.32 35.84
C THR C 230 55.33 11.15 35.22
N SER C 231 54.66 12.27 34.99
CA SER C 231 53.36 12.26 34.35
C SER C 231 53.44 12.83 32.94
N ASP C 232 53.20 11.99 31.94
CA ASP C 232 53.38 12.43 30.55
C ASP C 232 52.57 11.58 29.57
N LEU C 233 52.84 11.74 28.29
CA LEU C 233 52.14 10.95 27.28
C LEU C 233 52.38 9.46 27.49
N LEU C 234 53.62 9.10 27.83
CA LEU C 234 53.97 7.70 28.03
C LEU C 234 53.26 7.13 29.26
N SER C 235 53.37 7.85 30.38
CA SER C 235 52.72 7.45 31.62
C SER C 235 51.21 7.43 31.45
N GLY C 236 50.70 8.46 30.76
CA GLY C 236 49.27 8.56 30.48
C GLY C 236 48.75 7.39 29.68
N LEU C 237 49.45 7.02 28.62
CA LEU C 237 49.03 5.89 27.79
C LEU C 237 49.11 4.56 28.54
N LEU C 238 50.12 4.42 29.40
CA LEU C 238 50.36 3.17 30.13
C LEU C 238 49.30 2.96 31.20
N SER C 239 48.77 4.06 31.71
CA SER C 239 47.69 3.99 32.69
C SER C 239 46.33 3.79 32.02
N ALA C 240 46.32 3.59 30.71
CA ALA C 240 45.06 3.41 29.98
C ALA C 240 44.56 1.98 30.07
N VAL C 241 43.25 1.82 30.22
CA VAL C 241 42.65 0.50 30.28
C VAL C 241 41.41 0.47 29.39
N TYR C 242 41.34 -0.52 28.51
CA TYR C 242 40.22 -0.63 27.58
C TYR C 242 38.94 -0.96 28.31
N ARG C 243 37.83 -0.91 27.60
CA ARG C 243 36.54 -1.19 28.20
C ARG C 243 36.45 -2.65 28.67
N ASP C 244 37.34 -3.50 28.17
CA ASP C 244 37.32 -4.92 28.55
C ASP C 244 38.27 -5.22 29.72
N GLY C 245 38.86 -4.17 30.30
CA GLY C 245 39.64 -4.31 31.52
C GLY C 245 41.14 -4.47 31.31
N THR C 246 41.55 -4.83 30.10
CA THR C 246 42.97 -5.03 29.79
C THR C 246 43.71 -3.70 29.66
N PRO C 247 44.98 -3.65 30.09
CA PRO C 247 45.80 -2.45 29.88
C PRO C 247 46.35 -2.39 28.45
N MET C 248 46.72 -1.20 28.00
CA MET C 248 47.51 -1.06 26.78
C MET C 248 48.79 -1.87 26.88
N SER C 249 49.09 -2.68 25.88
CA SER C 249 50.41 -3.31 25.82
C SER C 249 51.46 -2.26 25.50
N LEU C 250 52.70 -2.54 25.88
CA LEU C 250 53.81 -1.66 25.53
C LEU C 250 53.93 -1.53 24.01
N HIS C 251 53.62 -2.62 23.31
CA HIS C 251 53.65 -2.63 21.85
C HIS C 251 52.64 -1.63 21.34
N GLU C 252 51.50 -1.54 22.03
CA GLU C 252 50.46 -0.60 21.65
C GLU C 252 50.80 0.83 22.07
N VAL C 253 51.42 0.99 23.23
CA VAL C 253 51.89 2.31 23.67
C VAL C 253 52.94 2.87 22.70
N CYS C 254 54.00 2.10 22.48
CA CYS C 254 55.02 2.45 21.49
C CYS C 254 54.38 2.85 20.17
N GLY C 255 53.44 2.04 19.72
CA GLY C 255 52.79 2.28 18.44
C GLY C 255 52.03 3.60 18.37
N MET C 256 51.32 3.93 19.44
CA MET C 256 50.54 5.16 19.46
C MET C 256 51.45 6.37 19.61
N ILE C 257 52.55 6.19 20.32
CA ILE C 257 53.58 7.24 20.41
C ILE C 257 54.17 7.52 19.03
N VAL C 258 54.51 6.47 18.29
CA VAL C 258 55.02 6.61 16.93
C VAL C 258 53.98 7.24 15.99
N ALA C 259 52.72 6.86 16.14
CA ALA C 259 51.66 7.43 15.31
C ALA C 259 51.51 8.93 15.57
N ALA C 260 51.58 9.31 16.86
CA ALA C 260 51.47 10.71 17.25
C ALA C 260 52.64 11.52 16.70
N MET C 261 53.83 10.93 16.73
CA MET C 261 55.02 11.58 16.15
C MET C 261 54.94 11.68 14.63
N PHE C 262 54.53 10.61 13.97
CA PHE C 262 54.36 10.65 12.52
C PHE C 262 53.29 11.65 12.09
N ALA C 263 52.17 11.69 12.82
CA ALA C 263 51.07 12.57 12.44
C ALA C 263 51.46 14.03 12.63
N GLY C 264 52.15 14.31 13.73
CA GLY C 264 52.33 15.68 14.19
C GLY C 264 53.51 16.41 13.60
N GLN C 265 54.54 15.66 13.21
CA GLN C 265 55.86 16.26 12.97
C GLN C 265 55.88 17.12 11.71
N HIS C 266 55.68 16.50 10.55
CA HIS C 266 55.75 17.26 9.30
C HIS C 266 54.58 18.24 9.14
N THR C 267 53.36 17.81 9.45
CA THR C 267 52.21 18.71 9.27
C THR C 267 52.42 20.02 10.03
N SER C 268 52.86 19.92 11.28
CA SER C 268 53.05 21.08 12.14
C SER C 268 54.23 21.93 11.67
N SER C 269 55.34 21.28 11.29
CA SER C 269 56.52 21.99 10.79
C SER C 269 56.18 22.81 9.56
N ILE C 270 55.52 22.15 8.62
CA ILE C 270 55.13 22.74 7.34
C ILE C 270 54.17 23.91 7.53
N THR C 271 53.18 23.73 8.41
CA THR C 271 52.23 24.80 8.70
C THR C 271 52.92 26.02 9.27
N THR C 272 53.82 25.82 10.21
CA THR C 272 54.61 26.90 10.79
C THR C 272 55.44 27.59 9.70
N THR C 273 56.11 26.80 8.86
CA THR C 273 57.02 27.34 7.84
C THR C 273 56.27 28.20 6.82
N TRP C 274 55.24 27.63 6.19
CA TRP C 274 54.39 28.41 5.31
C TRP C 274 53.93 29.71 5.97
N SER C 275 53.38 29.61 7.18
CA SER C 275 52.86 30.80 7.87
C SER C 275 53.90 31.90 7.98
N MET C 276 55.13 31.52 8.35
CA MET C 276 56.23 32.46 8.47
C MET C 276 56.66 33.01 7.11
N LEU C 277 56.65 32.15 6.10
CA LEU C 277 56.95 32.57 4.72
C LEU C 277 55.98 33.65 4.21
N HIS C 278 54.67 33.46 4.44
CA HIS C 278 53.72 34.48 4.08
C HIS C 278 53.88 35.74 4.89
N LEU C 279 53.90 35.60 6.21
CA LEU C 279 54.01 36.76 7.09
C LEU C 279 55.23 37.64 6.78
N MET C 280 56.32 37.03 6.30
CA MET C 280 57.58 37.78 6.10
C MET C 280 57.65 38.45 4.72
N HIS C 281 56.79 38.01 3.82
CA HIS C 281 56.72 38.58 2.47
C HIS C 281 56.22 40.00 2.53
N PRO C 282 56.73 40.85 1.63
CA PRO C 282 56.39 42.28 1.65
C PRO C 282 54.91 42.53 1.40
N ALA C 283 54.31 41.75 0.51
CA ALA C 283 52.89 41.94 0.16
C ALA C 283 51.96 41.79 1.35
N ASN C 284 52.44 41.10 2.39
CA ASN C 284 51.61 40.76 3.54
C ASN C 284 51.90 41.61 4.76
N VAL C 285 52.55 42.74 4.55
CA VAL C 285 52.99 43.56 5.67
C VAL C 285 51.82 43.97 6.57
N LYS C 286 50.64 44.18 5.98
CA LYS C 286 49.47 44.53 6.77
C LYS C 286 49.13 43.40 7.75
N HIS C 287 49.36 42.16 7.33
CA HIS C 287 49.10 41.01 8.18
C HIS C 287 50.18 40.83 9.23
N LEU C 288 51.42 41.08 8.87
CA LEU C 288 52.51 41.10 9.84
C LEU C 288 52.22 42.12 10.95
N GLU C 289 51.66 43.27 10.57
CA GLU C 289 51.36 44.33 11.54
C GLU C 289 50.19 43.95 12.43
N ALA C 290 49.16 43.36 11.81
CA ALA C 290 48.04 42.79 12.55
C ALA C 290 48.52 41.75 13.53
N LEU C 291 49.43 40.88 13.10
CA LEU C 291 49.97 39.87 13.99
C LEU C 291 50.75 40.52 15.12
N ARG C 292 51.54 41.54 14.81
CA ARG C 292 52.34 42.18 15.85
C ARG C 292 51.46 42.96 16.83
N LYS C 293 50.40 43.59 16.31
CA LYS C 293 49.45 44.28 17.17
C LYS C 293 48.83 43.30 18.16
N GLU C 294 48.53 42.10 17.69
CA GLU C 294 48.00 41.04 18.54
C GLU C 294 49.03 40.56 19.58
N ILE C 295 50.23 40.21 19.12
CA ILE C 295 51.21 39.55 20.01
C ILE C 295 51.97 40.55 20.89
N GLU C 296 51.97 41.82 20.51
CA GLU C 296 52.72 42.84 21.26
C GLU C 296 52.03 43.21 22.58
N GLU C 297 50.79 42.76 22.76
CA GLU C 297 50.03 42.99 24.00
C GLU C 297 50.25 41.90 25.06
N PHE C 298 51.12 40.93 24.78
CA PHE C 298 51.39 39.87 25.75
C PHE C 298 52.62 40.19 26.55
N PRO C 299 52.71 39.63 27.77
CA PRO C 299 53.97 39.72 28.49
C PRO C 299 55.04 38.86 27.83
N ALA C 300 56.28 39.00 28.29
CA ALA C 300 57.41 38.24 27.74
C ALA C 300 57.18 36.73 27.79
N GLN C 301 56.31 36.29 28.70
CA GLN C 301 56.03 34.86 28.84
C GLN C 301 54.57 34.51 28.56
N LEU C 302 54.32 33.99 27.37
CA LEU C 302 52.98 33.54 26.98
C LEU C 302 52.39 32.57 27.99
N ASN C 303 51.07 32.57 28.11
CA ASN C 303 50.37 31.53 28.84
C ASN C 303 49.25 30.88 28.02
N TYR C 304 48.58 29.91 28.63
CA TYR C 304 47.48 29.21 28.01
C TYR C 304 46.41 30.17 27.43
N ASN C 305 46.07 31.21 28.19
CA ASN C 305 45.07 32.18 27.75
C ASN C 305 45.52 32.96 26.52
N ASN C 306 46.72 33.54 26.59
CA ASN C 306 47.33 34.19 25.44
C ASN C 306 47.15 33.39 24.16
N VAL C 307 47.59 32.13 24.18
CA VAL C 307 47.72 31.36 22.94
C VAL C 307 46.39 30.75 22.51
N MET C 308 45.64 30.24 23.47
CA MET C 308 44.42 29.55 23.13
C MET C 308 43.27 30.52 22.92
N ASP C 309 43.22 31.58 23.73
CA ASP C 309 42.05 32.45 23.73
C ASP C 309 42.32 33.78 23.03
N GLU C 310 43.58 34.19 22.95
CA GLU C 310 43.89 35.58 22.59
C GLU C 310 44.69 35.74 21.29
N MET C 311 44.82 34.66 20.52
CA MET C 311 45.56 34.76 19.26
C MET C 311 44.72 34.33 18.05
N PRO C 312 43.55 34.96 17.87
CA PRO C 312 42.72 34.55 16.76
C PRO C 312 43.35 34.87 15.42
N PHE C 313 44.09 35.97 15.34
CA PHE C 313 44.73 36.30 14.07
C PHE C 313 45.83 35.29 13.73
N ALA C 314 46.75 35.06 14.66
CA ALA C 314 47.77 34.02 14.44
C ALA C 314 47.12 32.72 13.98
N GLU C 315 45.98 32.36 14.58
CA GLU C 315 45.28 31.13 14.21
C GLU C 315 44.72 31.18 12.79
N ARG C 316 44.21 32.35 12.40
CA ARG C 316 43.81 32.56 11.01
C ARG C 316 45.00 32.42 10.08
N CYS C 317 46.16 32.92 10.51
CA CYS C 317 47.36 32.80 9.68
C CYS C 317 47.70 31.34 9.43
N ALA C 318 47.67 30.56 10.50
CA ALA C 318 47.99 29.14 10.39
C ALA C 318 46.97 28.41 9.54
N ARG C 319 45.68 28.66 9.77
CA ARG C 319 44.62 27.92 9.08
C ARG C 319 44.61 28.25 7.59
N GLU C 320 44.89 29.50 7.26
CA GLU C 320 44.90 29.91 5.86
C GLU C 320 46.14 29.36 5.13
N SER C 321 47.24 29.20 5.86
CA SER C 321 48.42 28.51 5.32
C SER C 321 48.08 27.06 4.92
N ILE C 322 47.30 26.39 5.76
CA ILE C 322 46.81 25.04 5.47
C ILE C 322 45.77 25.02 4.36
N ARG C 323 44.91 26.03 4.32
CA ARG C 323 43.91 26.13 3.26
C ARG C 323 44.59 26.19 1.89
N ARG C 324 45.54 27.11 1.76
CA ARG C 324 46.18 27.37 0.48
C ARG C 324 47.06 26.19 0.06
N ASP C 325 47.80 25.64 1.02
CA ASP C 325 48.74 24.56 0.75
C ASP C 325 48.64 23.44 1.79
N PRO C 326 47.58 22.61 1.68
CA PRO C 326 47.39 21.58 2.69
C PRO C 326 48.47 20.52 2.61
N PRO C 327 49.05 20.16 3.75
CA PRO C 327 50.12 19.17 3.78
C PRO C 327 49.64 17.79 3.36
N LEU C 328 48.37 17.48 3.62
CA LEU C 328 47.80 16.24 3.14
C LEU C 328 46.89 16.52 1.96
N LEU C 329 47.33 16.11 0.78
CA LEU C 329 46.64 16.41 -0.48
C LEU C 329 45.34 15.65 -0.63
N MET C 330 45.30 14.44 -0.10
CA MET C 330 44.23 13.49 -0.38
C MET C 330 43.92 12.69 0.84
N LEU C 331 42.64 12.69 1.24
CA LEU C 331 42.17 11.86 2.32
C LEU C 331 41.43 10.68 1.70
N MET C 332 41.73 9.46 2.15
CA MET C 332 41.27 8.28 1.42
C MET C 332 40.54 7.27 2.30
N ARG C 333 39.55 6.61 1.71
CA ARG C 333 38.89 5.48 2.35
C ARG C 333 38.70 4.37 1.33
N LYS C 334 38.65 3.14 1.79
CA LYS C 334 38.18 2.04 0.98
C LYS C 334 36.67 1.90 1.10
N VAL C 335 35.97 1.86 -0.03
CA VAL C 335 34.51 1.68 -0.02
C VAL C 335 34.15 0.21 0.22
N MET C 336 33.58 -0.08 1.38
CA MET C 336 33.30 -1.46 1.77
C MET C 336 31.94 -1.89 1.26
N ALA C 337 31.13 -0.92 0.89
CA ALA C 337 29.77 -1.12 0.47
C ALA C 337 29.30 0.13 -0.24
N ASP C 338 28.59 -0.04 -1.35
CA ASP C 338 28.18 1.09 -2.18
C ASP C 338 27.70 2.26 -1.34
N VAL C 339 28.12 3.46 -1.72
CA VAL C 339 27.62 4.68 -1.09
C VAL C 339 27.11 5.64 -2.13
N LYS C 340 26.21 6.52 -1.69
CA LYS C 340 25.68 7.56 -2.53
C LYS C 340 26.37 8.89 -2.26
N VAL C 341 26.82 9.55 -3.32
CA VAL C 341 27.43 10.86 -3.21
C VAL C 341 26.91 11.73 -4.36
N GLY C 342 26.39 12.90 -4.04
CA GLY C 342 25.74 13.73 -5.06
C GLY C 342 24.74 12.93 -5.88
N SER C 343 25.00 12.82 -7.18
CA SER C 343 24.07 12.17 -8.09
C SER C 343 24.43 10.70 -8.36
N TYR C 344 25.47 10.21 -7.70
CA TYR C 344 26.11 8.95 -8.09
C TYR C 344 26.13 7.90 -7.01
N VAL C 345 26.36 6.67 -7.44
CA VAL C 345 26.78 5.61 -6.55
C VAL C 345 28.28 5.46 -6.66
N VAL C 346 28.94 5.38 -5.52
CA VAL C 346 30.35 5.02 -5.50
C VAL C 346 30.49 3.58 -5.00
N PRO C 347 30.97 2.69 -5.91
CA PRO C 347 30.77 1.27 -5.67
C PRO C 347 31.75 0.60 -4.69
N LYS C 348 31.30 -0.47 -4.03
CA LYS C 348 32.18 -1.26 -3.16
C LYS C 348 33.46 -1.61 -3.91
N GLY C 349 34.60 -1.39 -3.28
CA GLY C 349 35.87 -1.72 -3.90
C GLY C 349 36.66 -0.54 -4.43
N ASP C 350 35.98 0.58 -4.68
CA ASP C 350 36.69 1.81 -5.01
C ASP C 350 37.53 2.28 -3.83
N ILE C 351 38.59 3.04 -4.12
CA ILE C 351 39.05 4.03 -3.18
C ILE C 351 38.24 5.31 -3.38
N ILE C 352 37.64 5.81 -2.30
CA ILE C 352 37.06 7.13 -2.35
C ILE C 352 37.99 8.14 -1.69
N ALA C 353 38.17 9.29 -2.33
CA ALA C 353 39.03 10.34 -1.81
C ALA C 353 38.27 11.66 -1.71
N CYS C 354 38.63 12.46 -0.72
CA CYS C 354 38.24 13.86 -0.70
C CYS C 354 39.52 14.68 -0.54
N SER C 355 39.74 15.63 -1.45
CA SER C 355 41.05 16.28 -1.53
C SER C 355 41.03 17.68 -0.93
N PRO C 356 41.73 17.87 0.21
CA PRO C 356 41.91 19.25 0.68
C PRO C 356 42.52 20.14 -0.41
N LEU C 357 43.47 19.61 -1.19
CA LEU C 357 44.10 20.39 -2.24
C LEU C 357 43.07 20.90 -3.26
N LEU C 358 42.27 19.98 -3.81
CA LEU C 358 41.25 20.32 -4.80
C LEU C 358 40.19 21.24 -4.19
N SER C 359 39.59 20.82 -3.08
CA SER C 359 38.51 21.58 -2.46
C SER C 359 38.93 22.97 -1.97
N HIS C 360 40.18 23.13 -1.53
CA HIS C 360 40.63 24.45 -1.06
C HIS C 360 40.91 25.41 -2.22
N HIS C 361 40.77 24.90 -3.44
CA HIS C 361 40.97 25.72 -4.65
C HIS C 361 39.72 25.80 -5.50
N ASP C 362 38.61 25.32 -4.97
CA ASP C 362 37.30 25.57 -5.55
C ASP C 362 36.97 27.06 -5.47
N GLU C 363 36.65 27.66 -6.61
CA GLU C 363 36.64 29.10 -6.70
C GLU C 363 35.34 29.71 -6.15
N GLU C 364 34.29 28.90 -6.03
CA GLU C 364 33.13 29.31 -5.24
C GLU C 364 33.47 29.41 -3.75
N ALA C 365 34.05 28.35 -3.20
CA ALA C 365 34.38 28.30 -1.78
C ALA C 365 35.52 29.26 -1.42
N PHE C 366 36.51 29.35 -2.29
CA PHE C 366 37.71 30.13 -2.01
C PHE C 366 38.14 30.94 -3.23
N PRO C 367 37.50 32.09 -3.45
CA PRO C 367 37.86 32.92 -4.60
C PRO C 367 39.31 33.38 -4.53
N GLU C 368 39.94 33.48 -5.70
CA GLU C 368 41.37 33.74 -5.79
C GLU C 368 42.16 32.86 -4.83
N PRO C 369 42.05 31.54 -5.00
CA PRO C 369 42.59 30.54 -4.06
C PRO C 369 44.12 30.59 -3.86
N ARG C 370 44.87 31.11 -4.83
CA ARG C 370 46.32 31.17 -4.67
C ARG C 370 46.74 32.40 -3.85
N ARG C 371 45.79 33.30 -3.59
CA ARG C 371 46.01 34.40 -2.66
C ARG C 371 45.93 33.93 -1.20
N TRP C 372 47.02 34.09 -0.45
CA TRP C 372 47.00 33.91 1.00
C TRP C 372 46.32 35.08 1.69
N ASP C 373 45.14 34.85 2.25
CA ASP C 373 44.42 35.90 2.94
C ASP C 373 43.88 35.39 4.26
N PRO C 374 44.57 35.69 5.37
CA PRO C 374 44.11 35.14 6.65
C PRO C 374 42.77 35.74 7.09
N GLU C 375 42.36 36.87 6.50
CA GLU C 375 41.06 37.44 6.82
C GLU C 375 39.92 36.71 6.13
N ARG C 376 40.25 35.82 5.20
CA ARG C 376 39.21 35.12 4.43
C ARG C 376 38.40 34.13 5.28
N ASP C 377 37.16 33.90 4.88
CA ASP C 377 36.40 32.74 5.34
C ASP C 377 35.92 31.96 4.15
N GLU C 378 35.65 30.68 4.37
CA GLU C 378 35.04 29.85 3.36
C GLU C 378 33.69 30.43 2.95
N LYS C 379 33.34 30.28 1.68
CA LYS C 379 32.06 30.75 1.17
C LYS C 379 31.11 29.57 0.98
N VAL C 380 31.65 28.36 1.06
CA VAL C 380 30.83 27.17 1.21
C VAL C 380 31.09 26.52 2.57
N GLU C 381 30.02 26.27 3.32
CA GLU C 381 30.13 25.66 4.65
C GLU C 381 30.79 24.28 4.57
N GLY C 382 31.86 24.10 5.33
CA GLY C 382 32.52 22.80 5.43
C GLY C 382 33.51 22.55 4.30
N ALA C 383 33.81 23.59 3.53
CA ALA C 383 34.70 23.46 2.38
C ALA C 383 36.16 23.36 2.79
N PHE C 384 36.51 24.00 3.91
CA PHE C 384 37.82 23.83 4.51
C PHE C 384 37.88 22.49 5.23
N ILE C 385 38.82 21.65 4.82
CA ILE C 385 38.97 20.34 5.40
C ILE C 385 40.44 20.06 5.72
N GLY C 386 41.15 21.11 6.09
CA GLY C 386 42.58 21.03 6.36
C GLY C 386 42.87 20.09 7.50
N PHE C 387 41.94 19.97 8.42
CA PHE C 387 42.05 19.02 9.52
C PHE C 387 40.98 17.93 9.44
N GLY C 388 40.51 17.63 8.24
CA GLY C 388 39.48 16.59 8.07
C GLY C 388 38.16 16.97 8.73
N ALA C 389 37.31 15.98 8.97
CA ALA C 389 35.99 16.24 9.57
C ALA C 389 35.26 14.94 9.90
N GLY C 390 34.14 15.05 10.61
CA GLY C 390 33.32 13.87 10.90
C GLY C 390 34.09 12.79 11.64
N VAL C 391 34.00 11.56 11.16
CA VAL C 391 34.42 10.39 11.92
C VAL C 391 35.91 10.40 12.24
N HIS C 392 36.70 11.02 11.38
CA HIS C 392 38.14 10.93 11.50
C HIS C 392 38.79 12.30 11.54
N LYS C 393 38.10 13.27 12.13
CA LYS C 393 38.65 14.59 12.22
C LYS C 393 39.90 14.57 13.06
N CYS C 394 40.83 15.48 12.74
CA CYS C 394 42.14 15.48 13.38
C CYS C 394 42.03 15.58 14.91
N ILE C 395 42.64 14.66 15.63
CA ILE C 395 42.64 14.75 17.09
C ILE C 395 43.81 15.58 17.62
N GLY C 396 44.75 15.90 16.74
CA GLY C 396 45.91 16.69 17.12
C GLY C 396 45.80 18.17 16.75
N GLN C 397 44.65 18.58 16.22
CA GLN C 397 44.51 19.96 15.70
C GLN C 397 44.90 21.01 16.74
N LYS C 398 44.33 20.93 17.94
CA LYS C 398 44.57 21.95 18.96
C LYS C 398 46.05 21.99 19.38
N PHE C 399 46.65 20.82 19.55
CA PHE C 399 48.06 20.72 19.93
C PHE C 399 48.97 21.25 18.82
N GLY C 400 48.70 20.84 17.59
CA GLY C 400 49.41 21.35 16.43
C GLY C 400 49.39 22.87 16.35
N LEU C 401 48.20 23.47 16.37
CA LEU C 401 48.10 24.93 16.26
C LEU C 401 48.68 25.62 17.47
N LEU C 402 48.68 24.94 18.62
CA LEU C 402 49.33 25.48 19.81
C LEU C 402 50.83 25.65 19.57
N GLN C 403 51.46 24.66 18.94
CA GLN C 403 52.86 24.76 18.57
C GLN C 403 53.09 25.87 17.55
N VAL C 404 52.30 25.83 16.47
CA VAL C 404 52.42 26.79 15.39
C VAL C 404 52.29 28.21 15.94
N LYS C 405 51.22 28.46 16.72
CA LYS C 405 50.96 29.80 17.23
C LYS C 405 52.03 30.27 18.20
N THR C 406 52.55 29.35 19.02
CA THR C 406 53.58 29.72 20.00
C THR C 406 54.88 30.11 19.29
N ILE C 407 55.23 29.37 18.25
CA ILE C 407 56.40 29.71 17.44
C ILE C 407 56.23 31.06 16.76
N LEU C 408 55.10 31.26 16.09
CA LEU C 408 54.82 32.52 15.41
C LEU C 408 54.97 33.72 16.34
N ALA C 409 54.37 33.63 17.52
CA ALA C 409 54.42 34.72 18.50
C ALA C 409 55.84 34.97 19.02
N THR C 410 56.56 33.90 19.33
CA THR C 410 57.91 34.01 19.87
C THR C 410 58.86 34.55 18.81
N ALA C 411 58.72 34.03 17.59
CA ALA C 411 59.57 34.45 16.46
C ALA C 411 59.40 35.94 16.14
N PHE C 412 58.17 36.34 15.84
CA PHE C 412 57.91 37.68 15.30
C PHE C 412 57.94 38.76 16.38
N ARG C 413 57.90 38.35 17.63
CA ARG C 413 58.14 39.26 18.75
C ARG C 413 59.57 39.79 18.71
N SER C 414 60.53 38.91 18.42
CA SER C 414 61.95 39.24 18.57
C SER C 414 62.69 39.40 17.24
N TYR C 415 62.09 38.93 16.15
CA TYR C 415 62.76 38.90 14.85
C TYR C 415 61.92 39.48 13.73
N ASP C 416 62.59 40.08 12.76
CA ASP C 416 62.09 40.13 11.41
C ASP C 416 62.78 39.07 10.56
N PHE C 417 62.19 38.78 9.41
CA PHE C 417 62.79 37.85 8.47
C PHE C 417 62.70 38.39 7.07
N GLN C 418 63.68 38.03 6.25
CA GLN C 418 63.68 38.38 4.85
C GLN C 418 63.75 37.13 3.98
N LEU C 419 62.71 36.95 3.18
CA LEU C 419 62.71 36.00 2.08
C LEU C 419 63.90 36.27 1.18
N LEU C 420 64.72 35.25 0.93
CA LEU C 420 65.83 35.38 -0.02
C LEU C 420 65.40 35.00 -1.43
N ARG C 421 64.22 35.45 -1.80
CA ARG C 421 63.54 35.03 -2.99
C ARG C 421 62.52 36.09 -3.21
N ASP C 422 62.02 36.24 -4.44
CA ASP C 422 61.01 37.24 -4.68
C ASP C 422 59.63 36.76 -4.25
N GLU C 423 59.35 35.50 -4.53
CA GLU C 423 58.06 34.90 -4.21
C GLU C 423 58.18 33.89 -3.07
N VAL C 424 57.06 33.69 -2.39
CA VAL C 424 56.83 32.56 -1.51
C VAL C 424 57.17 31.24 -2.25
N PRO C 425 57.86 30.30 -1.57
CA PRO C 425 58.28 29.05 -2.25
C PRO C 425 57.13 28.32 -2.94
N ASP C 426 57.44 27.61 -4.02
CA ASP C 426 56.52 26.64 -4.61
C ASP C 426 56.29 25.45 -3.67
N PRO C 427 55.06 24.89 -3.68
CA PRO C 427 54.89 23.60 -3.00
C PRO C 427 55.71 22.51 -3.67
N ASP C 428 56.26 21.60 -2.88
CA ASP C 428 56.94 20.43 -3.43
C ASP C 428 56.07 19.19 -3.26
N TYR C 429 55.44 18.76 -4.34
CA TYR C 429 54.38 17.78 -4.26
C TYR C 429 54.90 16.33 -4.23
N HIS C 430 56.23 16.16 -4.18
CA HIS C 430 56.82 14.83 -4.33
C HIS C 430 56.81 14.01 -3.05
N THR C 431 56.69 14.67 -1.92
CA THR C 431 56.84 13.99 -0.64
C THR C 431 55.50 13.54 -0.09
N MET C 432 55.56 12.64 0.90
CA MET C 432 54.36 12.04 1.49
C MET C 432 53.46 13.09 2.13
N VAL C 433 54.08 13.93 2.94
CA VAL C 433 53.44 15.11 3.48
C VAL C 433 54.02 16.32 2.76
N VAL C 434 53.16 17.18 2.22
CA VAL C 434 53.61 18.23 1.29
C VAL C 434 53.91 19.57 1.99
N GLY C 435 55.07 20.13 1.70
CA GLY C 435 55.49 21.42 2.28
C GLY C 435 56.09 22.33 1.23
N PRO C 436 56.58 23.51 1.66
CA PRO C 436 57.30 24.39 0.74
C PRO C 436 58.57 23.72 0.26
N THR C 437 58.95 23.95 -0.99
CA THR C 437 60.18 23.37 -1.54
C THR C 437 61.37 23.72 -0.64
N ALA C 438 62.05 22.70 -0.11
CA ALA C 438 63.02 22.92 0.95
C ALA C 438 64.16 23.84 0.51
N SER C 439 64.68 23.62 -0.68
CA SER C 439 65.81 24.42 -1.16
C SER C 439 65.43 25.88 -1.35
N GLN C 440 64.12 26.18 -1.31
CA GLN C 440 63.64 27.56 -1.51
C GLN C 440 63.31 28.29 -0.20
N CYS C 441 63.65 27.68 0.94
CA CYS C 441 63.21 28.16 2.25
C CYS C 441 64.33 28.80 3.06
N ARG C 442 65.42 29.18 2.38
CA ARG C 442 66.47 29.92 3.05
C ARG C 442 66.01 31.36 3.29
N VAL C 443 66.14 31.81 4.54
CA VAL C 443 65.74 33.16 4.91
C VAL C 443 66.80 33.84 5.76
N LYS C 444 66.74 35.17 5.79
CA LYS C 444 67.53 35.97 6.72
C LYS C 444 66.69 36.32 7.94
N TYR C 445 67.17 35.94 9.12
CA TYR C 445 66.62 36.44 10.38
C TYR C 445 67.31 37.75 10.76
N ILE C 446 66.54 38.70 11.29
CA ILE C 446 67.10 39.96 11.77
C ILE C 446 66.56 40.27 13.16
N ARG C 447 67.44 40.28 14.14
CA ARG C 447 67.04 40.59 15.50
C ARG C 447 66.49 42.00 15.53
N ARG C 448 65.32 42.19 16.13
CA ARG C 448 64.65 43.49 16.09
C ARG C 448 65.28 44.51 17.03
N GLY D 1 -50.68 33.68 -21.43
CA GLY D 1 -49.25 33.23 -21.29
C GLY D 1 -48.39 34.25 -20.54
N LYS D 2 -47.15 33.89 -20.18
CA LYS D 2 -46.18 34.88 -19.65
C LYS D 2 -44.77 34.44 -19.13
N LEU D 3 -44.56 33.16 -18.82
CA LEU D 3 -43.21 32.63 -18.53
C LEU D 3 -42.36 32.68 -19.80
N PRO D 4 -41.05 33.00 -19.65
CA PRO D 4 -40.16 33.10 -20.81
C PRO D 4 -40.25 31.86 -21.68
N PRO D 5 -39.85 31.96 -22.96
CA PRO D 5 -39.78 30.77 -23.81
C PRO D 5 -38.85 29.70 -23.21
N VAL D 6 -39.36 28.47 -23.18
CA VAL D 6 -38.62 27.31 -22.70
C VAL D 6 -37.85 26.63 -23.83
N TYR D 7 -36.55 26.42 -23.63
CA TYR D 7 -35.76 25.65 -24.60
C TYR D 7 -35.99 24.14 -24.47
N PRO D 8 -36.40 23.46 -25.56
CA PRO D 8 -36.71 22.03 -25.48
C PRO D 8 -35.54 21.20 -24.94
N VAL D 9 -35.86 20.26 -24.06
CA VAL D 9 -34.90 19.30 -23.56
C VAL D 9 -34.91 18.02 -24.39
N THR D 10 -33.75 17.64 -24.90
CA THR D 10 -33.64 16.43 -25.69
C THR D 10 -32.95 15.33 -24.88
N VAL D 11 -32.34 15.71 -23.76
CA VAL D 11 -31.62 14.76 -22.91
C VAL D 11 -32.28 14.57 -21.56
N PRO D 12 -32.87 13.35 -21.35
CA PRO D 12 -33.55 13.13 -20.08
C PRO D 12 -32.66 13.35 -18.86
N ILE D 13 -33.26 13.83 -17.79
CA ILE D 13 -32.62 13.90 -16.48
C ILE D 13 -31.53 14.95 -16.41
N LEU D 14 -30.60 14.92 -17.35
CA LEU D 14 -29.51 15.88 -17.38
C LEU D 14 -29.96 17.29 -17.75
N GLY D 15 -30.95 17.39 -18.63
CA GLY D 15 -31.27 18.68 -19.27
C GLY D 15 -30.19 19.11 -20.26
N HIS D 16 -29.82 20.39 -20.19
CA HIS D 16 -28.91 21.02 -21.15
C HIS D 16 -27.49 21.11 -20.63
N ILE D 17 -27.22 20.48 -19.50
CA ILE D 17 -25.93 20.70 -18.84
C ILE D 17 -24.77 20.27 -19.75
N ILE D 18 -24.91 19.16 -20.46
CA ILE D 18 -23.83 18.71 -21.34
C ILE D 18 -23.59 19.67 -22.51
N GLN D 19 -24.66 20.10 -23.17
CA GLN D 19 -24.52 21.00 -24.30
C GLN D 19 -23.98 22.36 -23.83
N PHE D 20 -24.29 22.73 -22.59
CA PHE D 20 -23.78 23.98 -22.01
C PHE D 20 -22.28 23.89 -21.72
N GLY D 21 -21.87 22.86 -20.98
CA GLY D 21 -20.46 22.59 -20.70
C GLY D 21 -19.61 22.52 -21.96
N LYS D 22 -20.15 21.87 -23.00
CA LYS D 22 -19.43 21.70 -24.25
C LYS D 22 -19.08 23.04 -24.90
N SER D 23 -20.03 23.97 -24.90
CA SER D 23 -19.79 25.30 -25.45
C SER D 23 -20.76 26.33 -24.87
N PRO D 24 -20.42 26.90 -23.70
CA PRO D 24 -21.44 27.68 -23.00
C PRO D 24 -21.90 28.91 -23.79
N LEU D 25 -21.00 29.58 -24.48
CA LEU D 25 -21.42 30.76 -25.26
C LEU D 25 -22.19 30.34 -26.51
N GLY D 26 -21.67 29.34 -27.21
CA GLY D 26 -22.32 28.85 -28.41
C GLY D 26 -23.72 28.36 -28.11
N PHE D 27 -23.85 27.62 -27.01
CA PHE D 27 -25.14 27.06 -26.64
C PHE D 27 -26.14 28.15 -26.27
N MET D 28 -25.73 29.08 -25.42
CA MET D 28 -26.61 30.16 -25.01
C MET D 28 -26.98 31.04 -26.20
N GLN D 29 -26.03 31.28 -27.08
CA GLN D 29 -26.29 32.10 -28.27
C GLN D 29 -27.28 31.40 -29.20
N GLU D 30 -27.12 30.10 -29.37
CA GLU D 30 -28.03 29.33 -30.23
C GLU D 30 -29.45 29.27 -29.64
N CYS D 31 -29.56 29.17 -28.31
CA CYS D 31 -30.88 29.23 -27.67
C CYS D 31 -31.57 30.55 -27.98
N LYS D 32 -30.82 31.63 -27.81
CA LYS D 32 -31.35 32.97 -27.96
C LYS D 32 -31.84 33.21 -29.39
N ARG D 33 -31.02 32.77 -30.35
CA ARG D 33 -31.31 32.93 -31.77
C ARG D 33 -32.60 32.20 -32.12
N GLN D 34 -32.66 30.93 -31.74
CA GLN D 34 -33.72 30.03 -32.18
C GLN D 34 -35.06 30.28 -31.45
N LEU D 35 -35.01 30.81 -30.23
CA LEU D 35 -36.22 31.18 -29.50
C LEU D 35 -36.62 32.63 -29.78
N LYS D 36 -35.76 33.31 -30.55
CA LYS D 36 -35.96 34.73 -30.86
C LYS D 36 -36.32 35.53 -29.61
N SER D 37 -35.61 35.27 -28.52
CA SER D 37 -35.79 35.99 -27.28
C SER D 37 -34.48 36.08 -26.53
N GLY D 38 -34.21 37.24 -25.92
CA GLY D 38 -33.03 37.41 -25.08
C GLY D 38 -33.24 36.88 -23.68
N ILE D 39 -34.50 36.66 -23.33
CA ILE D 39 -34.85 36.06 -22.06
C ILE D 39 -35.48 34.69 -22.31
N PHE D 40 -34.91 33.64 -21.73
CA PHE D 40 -35.31 32.27 -22.08
C PHE D 40 -34.92 31.32 -20.95
N THR D 41 -35.50 30.14 -20.94
CA THR D 41 -35.30 29.23 -19.83
C THR D 41 -34.67 27.92 -20.28
N ILE D 42 -33.53 27.58 -19.68
CA ILE D 42 -32.91 26.29 -19.89
C ILE D 42 -33.10 25.35 -18.71
N ASN D 43 -32.58 24.14 -18.83
CA ASN D 43 -32.83 23.11 -17.84
C ASN D 43 -31.52 22.47 -17.39
N ILE D 44 -31.22 22.59 -16.10
CA ILE D 44 -29.98 22.05 -15.59
C ILE D 44 -30.31 20.97 -14.56
N VAL D 45 -30.18 19.72 -14.98
CA VAL D 45 -30.51 18.59 -14.13
C VAL D 45 -31.91 18.75 -13.50
N GLY D 46 -32.90 19.16 -14.29
CA GLY D 46 -34.27 19.21 -13.80
C GLY D 46 -34.66 20.54 -13.21
N LYS D 47 -33.68 21.42 -13.00
CA LYS D 47 -33.92 22.75 -12.50
C LYS D 47 -34.07 23.77 -13.65
N ARG D 48 -35.15 24.55 -13.59
CA ARG D 48 -35.31 25.66 -14.51
C ARG D 48 -34.30 26.75 -14.23
N VAL D 49 -33.57 27.15 -15.26
CA VAL D 49 -32.67 28.31 -15.19
C VAL D 49 -33.03 29.34 -16.24
N THR D 50 -33.60 30.45 -15.79
CA THR D 50 -34.02 31.51 -16.69
C THR D 50 -32.89 32.51 -16.87
N ILE D 51 -32.44 32.67 -18.10
CA ILE D 51 -31.28 33.50 -18.40
C ILE D 51 -31.71 34.87 -18.88
N VAL D 52 -31.16 35.91 -18.27
CA VAL D 52 -31.43 37.28 -18.70
C VAL D 52 -30.38 37.70 -19.71
N GLY D 53 -30.61 37.34 -20.97
CA GLY D 53 -29.57 37.32 -21.99
C GLY D 53 -29.64 38.53 -22.90
N ASP D 54 -30.46 39.50 -22.52
CA ASP D 54 -30.57 40.77 -23.22
C ASP D 54 -29.96 41.88 -22.37
N PRO D 55 -28.83 42.46 -22.84
CA PRO D 55 -28.13 43.44 -21.97
C PRO D 55 -29.06 44.55 -21.54
N HIS D 56 -30.05 44.88 -22.36
CA HIS D 56 -31.00 45.96 -22.03
C HIS D 56 -31.83 45.64 -20.78
N GLU D 57 -31.81 44.39 -20.33
CA GLU D 57 -32.63 43.99 -19.17
C GLU D 57 -31.80 43.64 -17.93
N HIS D 58 -30.50 43.92 -17.97
CA HIS D 58 -29.63 43.59 -16.85
C HIS D 58 -30.22 44.04 -15.52
N SER D 59 -30.79 45.24 -15.48
CA SER D 59 -31.24 45.81 -14.22
C SER D 59 -32.33 44.95 -13.56
N ARG D 60 -33.06 44.18 -14.36
CA ARG D 60 -34.10 43.31 -13.84
C ARG D 60 -33.49 42.21 -12.97
N PHE D 61 -32.21 41.91 -13.20
CA PHE D 61 -31.50 40.89 -12.42
C PHE D 61 -30.77 41.49 -11.23
N PHE D 62 -30.06 42.60 -11.45
CA PHE D 62 -29.08 43.07 -10.46
C PHE D 62 -29.70 43.94 -9.36
N LEU D 63 -30.92 44.45 -9.61
CA LEU D 63 -31.51 45.51 -8.78
C LEU D 63 -32.56 45.04 -7.74
N PRO D 64 -33.33 43.99 -8.06
CA PRO D 64 -34.32 43.52 -7.05
C PRO D 64 -33.66 43.12 -5.73
N ARG D 65 -34.38 43.29 -4.62
CA ARG D 65 -33.81 42.97 -3.29
C ARG D 65 -33.64 41.47 -3.07
N ASN D 66 -32.87 41.12 -2.04
CA ASN D 66 -32.65 39.72 -1.68
C ASN D 66 -33.95 38.98 -1.45
N GLU D 67 -34.89 39.64 -0.79
CA GLU D 67 -36.17 39.05 -0.48
C GLU D 67 -36.84 38.52 -1.74
N VAL D 68 -36.48 39.10 -2.88
CA VAL D 68 -37.09 38.72 -4.15
C VAL D 68 -36.15 37.83 -4.96
N LEU D 69 -34.92 38.28 -5.17
CA LEU D 69 -33.90 37.44 -5.80
C LEU D 69 -32.78 37.16 -4.83
N SER D 70 -32.69 35.91 -4.35
CA SER D 70 -31.80 35.58 -3.24
C SER D 70 -30.56 34.79 -3.68
N PRO D 71 -29.38 35.16 -3.17
CA PRO D 71 -28.17 34.42 -3.51
C PRO D 71 -27.91 33.25 -2.56
N ARG D 72 -28.68 33.16 -1.48
CA ARG D 72 -28.36 32.17 -0.44
C ARG D 72 -28.27 30.75 -1.00
N GLU D 73 -29.34 30.32 -1.67
CA GLU D 73 -29.46 28.94 -2.10
C GLU D 73 -28.35 28.56 -3.09
N VAL D 74 -27.98 29.49 -3.98
CA VAL D 74 -26.90 29.23 -4.93
C VAL D 74 -25.55 29.02 -4.21
N TYR D 75 -25.40 29.62 -3.02
CA TYR D 75 -24.13 29.50 -2.28
C TYR D 75 -24.15 28.45 -1.16
N SER D 76 -25.20 27.65 -1.10
CA SER D 76 -25.29 26.60 -0.08
C SER D 76 -24.06 25.69 -0.08
N PHE D 77 -23.53 25.41 -1.27
CA PHE D 77 -22.43 24.47 -1.42
C PHE D 77 -21.13 25.03 -0.82
N MET D 78 -21.10 26.33 -0.57
CA MET D 78 -19.90 26.94 0.03
C MET D 78 -20.00 27.15 1.54
N VAL D 79 -21.11 26.74 2.14
CA VAL D 79 -21.28 26.88 3.59
C VAL D 79 -20.16 26.17 4.38
N PRO D 80 -19.72 24.99 3.93
CA PRO D 80 -18.62 24.32 4.65
C PRO D 80 -17.33 25.15 4.70
N VAL D 81 -17.20 26.10 3.77
CA VAL D 81 -15.99 26.93 3.67
C VAL D 81 -16.16 28.27 4.41
N PHE D 82 -17.21 29.01 4.07
CA PHE D 82 -17.52 30.25 4.80
C PHE D 82 -17.97 29.96 6.23
N GLY D 83 -18.67 28.85 6.41
CA GLY D 83 -19.22 28.49 7.73
C GLY D 83 -20.70 28.77 7.86
N GLU D 84 -21.38 28.02 8.70
CA GLU D 84 -22.81 28.24 8.95
C GLU D 84 -23.05 29.68 9.39
N GLY D 85 -24.14 30.27 8.91
CA GLY D 85 -24.54 31.61 9.33
C GLY D 85 -23.61 32.71 8.86
N VAL D 86 -22.68 32.38 7.98
CA VAL D 86 -21.73 33.37 7.47
C VAL D 86 -22.06 33.79 6.03
N ALA D 87 -21.88 35.07 5.74
CA ALA D 87 -22.21 35.61 4.41
C ALA D 87 -23.63 35.25 3.99
N TYR D 88 -23.78 34.61 2.83
CA TYR D 88 -25.11 34.38 2.27
C TYR D 88 -25.97 33.43 3.09
N ALA D 89 -25.34 32.68 3.98
CA ALA D 89 -26.06 31.76 4.86
C ALA D 89 -26.71 32.46 6.06
N ALA D 90 -26.25 33.68 6.36
CA ALA D 90 -26.87 34.51 7.39
C ALA D 90 -28.18 35.10 6.91
N PRO D 91 -29.09 35.41 7.84
CA PRO D 91 -30.29 36.17 7.47
C PRO D 91 -29.89 37.47 6.79
N TYR D 92 -30.74 37.96 5.90
CA TYR D 92 -30.32 38.96 4.90
C TYR D 92 -29.73 40.23 5.51
N PRO D 93 -30.40 40.81 6.52
CA PRO D 93 -29.81 42.03 7.09
C PRO D 93 -28.43 41.78 7.68
N ARG D 94 -28.25 40.61 8.27
CA ARG D 94 -26.99 40.26 8.91
C ARG D 94 -25.92 39.95 7.87
N MET D 95 -26.34 39.28 6.79
CA MET D 95 -25.48 39.05 5.65
C MET D 95 -24.91 40.36 5.10
N ARG D 96 -25.78 41.35 4.91
CA ARG D 96 -25.37 42.67 4.40
C ARG D 96 -24.38 43.34 5.35
N GLU D 97 -24.60 43.20 6.65
CA GLU D 97 -23.68 43.78 7.63
C GLU D 97 -22.27 43.16 7.56
N GLN D 98 -22.21 41.83 7.48
CA GLN D 98 -20.93 41.14 7.36
C GLN D 98 -20.23 41.53 6.06
N LEU D 99 -21.00 41.58 4.97
CA LEU D 99 -20.43 41.96 3.68
C LEU D 99 -19.96 43.43 3.69
N ASN D 100 -20.73 44.30 4.31
CA ASN D 100 -20.31 45.69 4.54
C ASN D 100 -19.00 45.79 5.34
N PHE D 101 -18.86 44.97 6.39
CA PHE D 101 -17.64 44.98 7.20
C PHE D 101 -16.43 44.63 6.36
N LEU D 102 -16.55 43.62 5.50
CA LEU D 102 -15.47 43.26 4.60
C LEU D 102 -15.19 44.38 3.60
N ALA D 103 -16.26 44.92 3.03
CA ALA D 103 -16.14 45.98 2.03
C ALA D 103 -15.36 47.16 2.61
N GLU D 104 -15.67 47.50 3.85
CA GLU D 104 -14.99 48.62 4.53
C GLU D 104 -13.49 48.39 4.65
N GLU D 105 -13.05 47.13 4.63
CA GLU D 105 -11.64 46.80 4.77
C GLU D 105 -10.92 46.84 3.44
N LEU D 106 -11.67 47.01 2.34
CA LEU D 106 -11.08 47.04 1.00
C LEU D 106 -11.36 48.37 0.32
N THR D 107 -11.73 49.38 1.12
CA THR D 107 -11.93 50.73 0.61
C THR D 107 -10.61 51.39 0.26
N ILE D 108 -10.69 52.37 -0.62
CA ILE D 108 -9.54 53.14 -1.09
C ILE D 108 -8.74 53.76 0.07
N ALA D 109 -9.45 54.06 1.16
CA ALA D 109 -8.85 54.66 2.35
C ALA D 109 -7.88 53.70 3.05
N LYS D 110 -7.92 52.44 2.64
CA LYS D 110 -7.07 51.42 3.26
C LYS D 110 -5.80 51.15 2.42
N PHE D 111 -5.66 51.86 1.31
CA PHE D 111 -4.70 51.49 0.26
C PHE D 111 -3.32 52.12 0.43
N GLN D 112 -3.15 53.02 1.39
CA GLN D 112 -1.96 53.87 1.40
C GLN D 112 -0.69 53.02 1.44
N ASN D 113 -0.73 51.98 2.25
CA ASN D 113 0.41 51.09 2.42
C ASN D 113 0.50 50.00 1.35
N PHE D 114 -0.54 49.88 0.54
CA PHE D 114 -0.72 48.68 -0.30
C PHE D 114 0.25 48.63 -1.48
N VAL D 115 0.47 49.77 -2.13
CA VAL D 115 1.26 49.77 -3.38
C VAL D 115 2.71 49.30 -3.13
N PRO D 116 3.41 49.86 -2.14
CA PRO D 116 4.76 49.35 -1.87
C PRO D 116 4.74 47.89 -1.42
N ALA D 117 3.70 47.50 -0.68
CA ALA D 117 3.53 46.12 -0.26
C ALA D 117 3.44 45.18 -1.47
N ILE D 118 2.69 45.61 -2.49
CA ILE D 118 2.56 44.81 -3.71
C ILE D 118 3.86 44.79 -4.50
N GLN D 119 4.48 45.97 -4.64
CA GLN D 119 5.74 46.05 -5.39
C GLN D 119 6.82 45.20 -4.77
N HIS D 120 6.88 45.23 -3.44
CA HIS D 120 7.86 44.44 -2.70
C HIS D 120 7.74 42.98 -3.06
N GLU D 121 6.53 42.44 -2.90
CA GLU D 121 6.32 41.02 -3.08
C GLU D 121 6.52 40.61 -4.54
N VAL D 122 6.10 41.48 -5.46
CA VAL D 122 6.28 41.23 -6.88
C VAL D 122 7.77 41.19 -7.22
N ARG D 123 8.52 42.13 -6.67
CA ARG D 123 9.95 42.22 -6.96
C ARG D 123 10.74 41.09 -6.29
N LYS D 124 10.31 40.68 -5.09
CA LYS D 124 10.84 39.47 -4.46
C LYS D 124 10.64 38.25 -5.35
N PHE D 125 9.43 38.12 -5.89
CA PHE D 125 9.11 36.96 -6.71
C PHE D 125 9.92 36.96 -8.01
N MET D 126 9.99 38.11 -8.67
CA MET D 126 10.74 38.22 -9.92
C MET D 126 12.24 38.02 -9.70
N ALA D 127 12.74 38.47 -8.55
CA ALA D 127 14.15 38.26 -8.21
C ALA D 127 14.46 36.78 -8.00
N ALA D 128 13.57 36.09 -7.28
CA ALA D 128 13.76 34.67 -6.97
C ALA D 128 13.55 33.75 -8.19
N ASN D 129 12.60 34.10 -9.06
CA ASN D 129 12.12 33.17 -10.09
C ASN D 129 12.36 33.60 -11.53
N TRP D 130 12.48 34.91 -11.75
CA TRP D 130 12.80 35.40 -13.08
C TRP D 130 14.22 35.90 -13.10
N ASP D 131 15.15 35.03 -12.71
CA ASP D 131 16.46 35.49 -12.27
C ASP D 131 17.53 35.41 -13.37
N LYS D 132 17.11 35.09 -14.60
CA LYS D 132 18.06 34.95 -15.72
C LYS D 132 17.89 36.04 -16.79
N ASP D 133 18.83 36.09 -17.73
CA ASP D 133 18.71 36.94 -18.93
C ASP D 133 17.37 36.72 -19.59
N GLU D 134 17.04 35.45 -19.82
CA GLU D 134 15.72 35.04 -20.27
C GLU D 134 15.39 33.65 -19.74
N GLY D 135 14.11 33.33 -19.73
CA GLY D 135 13.65 32.07 -19.21
C GLY D 135 12.24 31.79 -19.70
N GLU D 136 11.81 30.55 -19.58
CA GLU D 136 10.46 30.20 -19.93
C GLU D 136 9.72 29.84 -18.65
N ILE D 137 8.48 30.31 -18.52
CA ILE D 137 7.74 30.17 -17.28
C ILE D 137 6.29 29.91 -17.64
N ASN D 138 5.52 29.37 -16.71
CA ASN D 138 4.09 29.37 -16.87
C ASN D 138 3.46 30.59 -16.24
N LEU D 139 2.91 31.46 -17.05
CA LEU D 139 2.57 32.80 -16.59
C LEU D 139 1.36 32.80 -15.66
N LEU D 140 0.43 31.89 -15.90
CA LEU D 140 -0.75 31.78 -15.05
C LEU D 140 -0.34 31.33 -13.66
N GLU D 141 0.56 30.35 -13.60
CA GLU D 141 1.05 29.86 -12.31
C GLU D 141 1.76 30.98 -11.56
N ASP D 142 2.57 31.74 -12.29
CA ASP D 142 3.38 32.78 -11.68
C ASP D 142 2.53 33.97 -11.22
N CYS D 143 1.54 34.36 -12.02
CA CYS D 143 0.63 35.43 -11.60
C CYS D 143 -0.18 35.00 -10.38
N SER D 144 -0.60 33.74 -10.35
CA SER D 144 -1.33 33.22 -9.21
C SER D 144 -0.49 33.29 -7.93
N THR D 145 0.79 32.93 -8.03
CA THR D 145 1.68 32.99 -6.88
C THR D 145 1.86 34.43 -6.40
N MET D 146 2.06 35.33 -7.35
CA MET D 146 2.22 36.74 -7.02
C MET D 146 0.98 37.29 -6.33
N ILE D 147 -0.19 36.96 -6.86
CA ILE D 147 -1.44 37.49 -6.30
C ILE D 147 -1.64 37.07 -4.86
N ILE D 148 -1.39 35.81 -4.54
CA ILE D 148 -1.56 35.37 -3.16
C ILE D 148 -0.52 36.03 -2.26
N ASN D 149 0.70 36.15 -2.75
CA ASN D 149 1.75 36.82 -1.98
C ASN D 149 1.45 38.32 -1.76
N THR D 150 1.00 39.02 -2.80
CA THR D 150 0.67 40.46 -2.67
C THR D 150 -0.58 40.70 -1.82
N ALA D 151 -1.60 39.86 -1.97
CA ALA D 151 -2.82 39.95 -1.16
C ALA D 151 -2.52 39.81 0.32
N CYS D 152 -1.72 38.80 0.67
CA CYS D 152 -1.39 38.55 2.07
C CYS D 152 -0.55 39.69 2.63
N GLN D 153 0.36 40.20 1.82
CA GLN D 153 1.21 41.31 2.24
C GLN D 153 0.38 42.55 2.57
N CYS D 154 -0.64 42.79 1.76
CA CYS D 154 -1.50 43.97 1.94
C CYS D 154 -2.40 43.79 3.14
N LEU D 155 -2.95 42.59 3.27
CA LEU D 155 -4.16 42.40 4.06
C LEU D 155 -3.85 41.91 5.44
N PHE D 156 -2.66 41.32 5.61
CA PHE D 156 -2.29 40.71 6.87
C PHE D 156 -1.04 41.34 7.48
N GLY D 157 -1.12 41.66 8.77
CA GLY D 157 0.03 42.16 9.51
C GLY D 157 1.12 41.12 9.59
N GLU D 158 2.33 41.55 9.95
CA GLU D 158 3.50 40.68 9.85
C GLU D 158 3.41 39.47 10.79
N ASP D 159 2.76 39.66 11.94
CA ASP D 159 2.63 38.59 12.91
C ASP D 159 1.82 37.42 12.35
N LEU D 160 0.69 37.74 11.71
CA LEU D 160 -0.13 36.73 11.04
C LEU D 160 0.68 35.97 9.99
N ARG D 161 1.37 36.70 9.11
CA ARG D 161 2.14 36.10 8.03
C ARG D 161 3.31 35.24 8.52
N LYS D 162 3.78 35.49 9.73
CA LYS D 162 4.86 34.67 10.29
C LYS D 162 4.35 33.31 10.76
N ARG D 163 3.10 33.25 11.23
CA ARG D 163 2.48 31.95 11.55
C ARG D 163 1.84 31.29 10.32
N LEU D 164 1.41 32.11 9.37
CA LEU D 164 0.73 31.61 8.17
C LEU D 164 1.15 32.38 6.93
N ASP D 165 2.22 31.93 6.28
CA ASP D 165 2.73 32.65 5.11
C ASP D 165 1.97 32.26 3.84
N ALA D 166 2.23 32.99 2.75
CA ALA D 166 1.42 32.90 1.54
C ALA D 166 1.29 31.47 1.03
N ARG D 167 2.42 30.76 0.98
CA ARG D 167 2.45 29.39 0.47
C ARG D 167 1.61 28.44 1.33
N ARG D 168 1.65 28.62 2.66
CA ARG D 168 0.89 27.76 3.55
C ARG D 168 -0.60 28.12 3.55
N PHE D 169 -0.90 29.42 3.53
CA PHE D 169 -2.26 29.88 3.33
C PHE D 169 -2.87 29.27 2.07
N ALA D 170 -2.15 29.37 0.96
CA ALA D 170 -2.58 28.78 -0.31
C ALA D 170 -2.91 27.30 -0.15
N GLN D 171 -2.10 26.59 0.62
CA GLN D 171 -2.30 25.16 0.82
C GLN D 171 -3.58 24.86 1.62
N LEU D 172 -3.84 25.66 2.65
CA LEU D 172 -5.09 25.56 3.40
C LEU D 172 -6.29 25.88 2.51
N LEU D 173 -6.17 26.93 1.70
CA LEU D 173 -7.28 27.37 0.85
C LEU D 173 -7.57 26.34 -0.23
N ALA D 174 -6.52 25.77 -0.81
CA ALA D 174 -6.66 24.72 -1.82
C ALA D 174 -7.33 23.46 -1.23
N LYS D 175 -7.01 23.14 0.02
CA LYS D 175 -7.65 22.01 0.69
C LYS D 175 -9.15 22.24 0.84
N MET D 176 -9.52 23.47 1.18
CA MET D 176 -10.94 23.83 1.29
C MET D 176 -11.61 23.86 -0.08
N GLU D 177 -10.90 24.42 -1.05
CA GLU D 177 -11.38 24.54 -2.42
C GLU D 177 -11.61 23.16 -3.04
N SER D 178 -10.66 22.26 -2.82
CA SER D 178 -10.69 20.92 -3.44
C SER D 178 -11.99 20.18 -3.10
N SER D 179 -12.59 20.55 -1.97
CA SER D 179 -13.72 19.84 -1.39
C SER D 179 -15.06 20.30 -1.93
N LEU D 180 -15.06 21.43 -2.64
CA LEU D 180 -16.31 22.03 -3.10
C LEU D 180 -16.93 21.25 -4.26
N ILE D 181 -18.22 20.99 -4.15
CA ILE D 181 -18.97 20.42 -5.26
C ILE D 181 -20.07 21.36 -5.71
N PRO D 182 -19.76 22.21 -6.70
CA PRO D 182 -20.72 23.19 -7.21
C PRO D 182 -21.93 22.52 -7.85
N ALA D 183 -21.79 21.24 -8.21
CA ALA D 183 -22.94 20.45 -8.70
C ALA D 183 -24.08 20.44 -7.69
N ALA D 184 -23.76 20.70 -6.42
CA ALA D 184 -24.76 20.65 -5.35
C ALA D 184 -25.81 21.75 -5.47
N VAL D 185 -25.49 22.79 -6.25
CA VAL D 185 -26.45 23.84 -6.56
C VAL D 185 -27.70 23.23 -7.20
N PHE D 186 -27.47 22.21 -8.04
CA PHE D 186 -28.54 21.59 -8.82
C PHE D 186 -28.89 20.19 -8.30
N LEU D 187 -28.00 19.65 -7.47
CA LEU D 187 -28.19 18.37 -6.79
C LEU D 187 -28.05 18.52 -5.29
N PRO D 188 -29.01 19.20 -4.66
CA PRO D 188 -28.79 19.63 -3.27
C PRO D 188 -28.70 18.46 -2.27
N ILE D 189 -29.16 17.27 -2.68
CA ILE D 189 -29.01 16.09 -1.84
C ILE D 189 -27.55 15.91 -1.42
N LEU D 190 -26.64 16.31 -2.30
CA LEU D 190 -25.21 16.25 -2.00
C LEU D 190 -24.85 16.91 -0.66
N LEU D 191 -25.54 17.99 -0.32
CA LEU D 191 -25.16 18.79 0.85
C LEU D 191 -25.51 18.09 2.17
N LYS D 192 -26.29 17.02 2.10
CA LYS D 192 -26.73 16.29 3.30
C LYS D 192 -26.01 14.94 3.48
N LEU D 193 -25.05 14.64 2.61
CA LEU D 193 -24.40 13.33 2.63
C LEU D 193 -23.07 13.39 3.37
N PRO D 194 -22.72 12.29 4.08
CA PRO D 194 -21.33 12.03 4.44
C PRO D 194 -20.46 12.04 3.20
N LEU D 195 -19.53 12.98 3.14
CA LEU D 195 -18.53 13.03 2.09
C LEU D 195 -17.15 13.08 2.73
N PRO D 196 -16.17 12.38 2.13
CA PRO D 196 -14.80 12.57 2.57
C PRO D 196 -14.40 14.04 2.47
N GLN D 197 -14.99 14.74 1.49
CA GLN D 197 -14.83 16.19 1.28
C GLN D 197 -15.13 17.03 2.52
N SER D 198 -16.25 16.74 3.18
CA SER D 198 -16.69 17.51 4.33
C SER D 198 -15.65 17.50 5.42
N ALA D 199 -15.11 16.31 5.69
CA ALA D 199 -14.08 16.12 6.71
C ALA D 199 -12.83 16.95 6.44
N ARG D 200 -12.27 16.81 5.23
CA ARG D 200 -11.12 17.58 4.80
C ARG D 200 -11.39 19.07 4.95
N CYS D 201 -12.51 19.51 4.39
CA CYS D 201 -12.86 20.91 4.40
C CYS D 201 -12.92 21.43 5.82
N HIS D 202 -13.61 20.69 6.67
CA HIS D 202 -13.68 21.02 8.07
C HIS D 202 -12.29 21.12 8.69
N GLU D 203 -11.43 20.17 8.36
CA GLU D 203 -10.07 20.16 8.89
C GLU D 203 -9.37 21.47 8.57
N ALA D 204 -9.36 21.84 7.30
CA ALA D 204 -8.62 23.03 6.85
C ALA D 204 -9.18 24.30 7.48
N ARG D 205 -10.51 24.40 7.52
CA ARG D 205 -11.16 25.56 8.13
C ARG D 205 -10.83 25.67 9.62
N THR D 206 -10.92 24.55 10.32
CA THR D 206 -10.71 24.53 11.78
C THR D 206 -9.26 24.90 12.13
N GLU D 207 -8.34 24.46 11.28
CA GLU D 207 -6.92 24.76 11.43
C GLU D 207 -6.61 26.23 11.16
N LEU D 208 -7.27 26.80 10.15
CA LEU D 208 -7.11 28.23 9.86
C LEU D 208 -7.68 29.06 10.99
N GLN D 209 -8.81 28.63 11.52
CA GLN D 209 -9.44 29.34 12.63
C GLN D 209 -8.58 29.25 13.89
N LYS D 210 -7.87 28.14 14.04
CA LYS D 210 -6.99 27.93 15.18
C LYS D 210 -5.78 28.87 15.10
N ILE D 211 -5.17 28.97 13.92
CA ILE D 211 -4.10 29.94 13.70
C ILE D 211 -4.56 31.36 13.98
N LEU D 212 -5.79 31.68 13.61
CA LEU D 212 -6.33 33.04 13.83
C LEU D 212 -6.53 33.36 15.32
N SER D 213 -7.08 32.38 16.05
CA SER D 213 -7.31 32.55 17.48
C SER D 213 -6.00 32.80 18.21
N GLU D 214 -4.93 32.16 17.74
CA GLU D 214 -3.60 32.26 18.36
C GLU D 214 -2.95 33.59 18.02
N ILE D 215 -3.15 34.05 16.80
CA ILE D 215 -2.72 35.38 16.43
C ILE D 215 -3.43 36.42 17.32
N ILE D 216 -4.73 36.24 17.51
CA ILE D 216 -5.51 37.18 18.33
C ILE D 216 -4.98 37.25 19.76
N ILE D 217 -4.58 36.10 20.31
CA ILE D 217 -3.98 36.04 21.65
C ILE D 217 -2.60 36.73 21.70
N ALA D 218 -1.70 36.37 20.79
CA ALA D 218 -0.42 37.07 20.65
C ALA D 218 -0.60 38.58 20.56
N ARG D 219 -1.70 39.02 19.95
CA ARG D 219 -1.91 40.45 19.71
C ARG D 219 -2.39 41.16 20.97
N LYS D 220 -3.30 40.54 21.68
CA LYS D 220 -3.73 41.05 22.97
C LYS D 220 -2.53 41.25 23.89
N GLU D 221 -1.46 40.48 23.66
CA GLU D 221 -0.25 40.60 24.45
C GLU D 221 0.68 41.72 24.02
N GLU D 222 0.71 42.03 22.73
CA GLU D 222 1.44 43.21 22.27
C GLU D 222 0.70 44.50 22.66
N GLU D 223 -0.53 44.36 23.11
CA GLU D 223 -1.35 45.47 23.59
C GLU D 223 -0.89 45.93 24.98
N VAL D 224 -0.33 45.00 25.74
CA VAL D 224 0.21 45.27 27.06
C VAL D 224 1.64 45.78 26.94
N ASN D 225 2.42 45.17 26.06
CA ASN D 225 3.84 45.54 25.97
C ASN D 225 4.12 46.67 24.98
N LYS D 226 3.09 47.05 24.22
CA LYS D 226 3.17 48.17 23.27
C LYS D 226 4.36 48.04 22.33
N ASP D 227 4.76 46.79 22.06
CA ASP D 227 5.69 46.46 21.00
C ASP D 227 5.23 46.98 19.66
N SER D 228 3.91 46.97 19.45
CA SER D 228 3.36 47.27 18.14
C SER D 228 1.87 47.56 18.21
N SER D 229 1.37 48.11 17.12
CA SER D 229 -0.04 48.21 16.87
C SER D 229 -0.27 47.77 15.44
N THR D 230 -0.81 46.57 15.28
CA THR D 230 -0.98 45.99 13.97
C THR D 230 -2.36 46.31 13.48
N SER D 231 -2.45 46.91 12.30
CA SER D 231 -3.73 47.17 11.67
C SER D 231 -3.80 46.43 10.36
N ASP D 232 -4.73 45.49 10.27
CA ASP D 232 -4.89 44.73 9.03
C ASP D 232 -6.35 44.32 8.86
N LEU D 233 -6.60 43.44 7.89
CA LEU D 233 -7.95 42.95 7.65
C LEU D 233 -8.49 42.31 8.91
N LEU D 234 -7.65 41.52 9.57
CA LEU D 234 -8.04 40.81 10.78
C LEU D 234 -8.47 41.78 11.88
N SER D 235 -7.61 42.74 12.22
CA SER D 235 -7.97 43.73 13.25
C SER D 235 -9.21 44.52 12.85
N GLY D 236 -9.30 44.87 11.57
CA GLY D 236 -10.47 45.59 11.07
C GLY D 236 -11.74 44.86 11.38
N LEU D 237 -11.82 43.60 10.95
CA LEU D 237 -13.02 42.82 11.16
C LEU D 237 -13.32 42.62 12.65
N LEU D 238 -12.26 42.46 13.44
CA LEU D 238 -12.41 42.26 14.88
C LEU D 238 -13.11 43.44 15.57
N SER D 239 -12.83 44.65 15.11
CA SER D 239 -13.37 45.84 15.76
C SER D 239 -14.79 46.15 15.27
N ALA D 240 -15.32 45.32 14.38
CA ALA D 240 -16.64 45.57 13.83
C ALA D 240 -17.73 45.28 14.86
N VAL D 241 -18.75 46.14 14.91
CA VAL D 241 -19.87 45.90 15.81
C VAL D 241 -21.19 45.98 15.04
N TYR D 242 -21.99 44.93 15.15
CA TYR D 242 -23.28 44.91 14.44
C TYR D 242 -24.20 46.01 14.94
N ARG D 243 -25.31 46.20 14.24
CA ARG D 243 -26.31 47.17 14.66
C ARG D 243 -26.81 46.85 16.05
N ASP D 244 -27.06 45.56 16.30
CA ASP D 244 -27.62 45.14 17.59
C ASP D 244 -26.59 45.29 18.72
N GLY D 245 -25.42 45.80 18.38
CA GLY D 245 -24.44 46.19 19.38
C GLY D 245 -23.42 45.10 19.72
N THR D 246 -23.53 43.96 19.03
CA THR D 246 -22.65 42.82 19.29
C THR D 246 -21.53 42.73 18.24
N PRO D 247 -20.40 42.09 18.60
CA PRO D 247 -19.23 41.88 17.74
C PRO D 247 -19.42 40.66 16.82
N MET D 248 -18.66 40.59 15.72
CA MET D 248 -18.55 39.34 14.95
C MET D 248 -17.92 38.26 15.83
N SER D 249 -18.51 37.07 15.84
CA SER D 249 -17.84 35.93 16.43
C SER D 249 -16.55 35.61 15.66
N LEU D 250 -15.65 34.87 16.28
CA LEU D 250 -14.44 34.45 15.57
C LEU D 250 -14.81 33.60 14.35
N HIS D 251 -15.87 32.82 14.49
CA HIS D 251 -16.37 31.99 13.41
C HIS D 251 -16.64 32.83 12.17
N GLU D 252 -17.30 33.95 12.39
CA GLU D 252 -17.71 34.85 11.32
C GLU D 252 -16.51 35.61 10.75
N VAL D 253 -15.58 36.01 11.62
CA VAL D 253 -14.36 36.65 11.16
C VAL D 253 -13.55 35.73 10.26
N CYS D 254 -13.36 34.49 10.70
CA CYS D 254 -12.65 33.50 9.91
C CYS D 254 -13.33 33.34 8.55
N GLY D 255 -14.65 33.22 8.58
CA GLY D 255 -15.44 32.97 7.39
C GLY D 255 -15.33 34.08 6.37
N MET D 256 -15.33 35.33 6.84
CA MET D 256 -15.23 36.47 5.92
C MET D 256 -13.82 36.63 5.33
N ILE D 257 -12.80 36.24 6.09
CA ILE D 257 -11.43 36.16 5.56
C ILE D 257 -11.31 35.12 4.46
N VAL D 258 -11.84 33.94 4.72
CA VAL D 258 -11.87 32.88 3.73
C VAL D 258 -12.58 33.34 2.46
N ALA D 259 -13.75 33.96 2.62
CA ALA D 259 -14.51 34.48 1.47
C ALA D 259 -13.69 35.49 0.67
N ALA D 260 -13.03 36.40 1.38
CA ALA D 260 -12.19 37.41 0.74
C ALA D 260 -11.06 36.77 -0.04
N MET D 261 -10.42 35.77 0.58
CA MET D 261 -9.30 35.06 -0.03
C MET D 261 -9.74 34.27 -1.27
N PHE D 262 -10.84 33.53 -1.16
CA PHE D 262 -11.42 32.85 -2.30
C PHE D 262 -11.73 33.81 -3.43
N ALA D 263 -12.50 34.86 -3.13
CA ALA D 263 -13.04 35.73 -4.15
C ALA D 263 -11.93 36.36 -4.98
N GLY D 264 -10.86 36.77 -4.31
CA GLY D 264 -9.88 37.65 -4.92
C GLY D 264 -8.76 36.90 -5.60
N GLN D 265 -8.54 35.64 -5.19
CA GLN D 265 -7.36 34.91 -5.65
C GLN D 265 -7.39 34.66 -7.16
N HIS D 266 -8.31 33.80 -7.61
CA HIS D 266 -8.30 33.40 -9.02
C HIS D 266 -8.71 34.53 -9.96
N THR D 267 -9.77 35.25 -9.61
CA THR D 267 -10.23 36.34 -10.47
C THR D 267 -9.11 37.33 -10.75
N SER D 268 -8.36 37.73 -9.73
CA SER D 268 -7.31 38.73 -9.92
C SER D 268 -6.12 38.15 -10.69
N SER D 269 -5.77 36.90 -10.37
CA SER D 269 -4.68 36.20 -11.07
C SER D 269 -4.99 36.05 -12.56
N ILE D 270 -6.20 35.64 -12.85
CA ILE D 270 -6.63 35.41 -14.21
C ILE D 270 -6.67 36.73 -14.98
N THR D 271 -7.12 37.78 -14.30
CA THR D 271 -7.21 39.09 -14.93
C THR D 271 -5.80 39.62 -15.31
N THR D 272 -4.84 39.44 -14.40
CA THR D 272 -3.44 39.79 -14.66
C THR D 272 -2.87 38.98 -15.81
N THR D 273 -3.04 37.66 -15.73
CA THR D 273 -2.53 36.76 -16.75
C THR D 273 -3.11 37.09 -18.12
N TRP D 274 -4.43 37.26 -18.19
CA TRP D 274 -5.07 37.59 -19.44
C TRP D 274 -4.54 38.90 -20.02
N SER D 275 -4.32 39.88 -19.14
CA SER D 275 -3.87 41.19 -19.59
C SER D 275 -2.44 41.14 -20.14
N MET D 276 -1.56 40.42 -19.44
CA MET D 276 -0.18 40.27 -19.92
C MET D 276 -0.12 39.51 -21.25
N LEU D 277 -0.86 38.42 -21.35
CA LEU D 277 -0.91 37.63 -22.58
C LEU D 277 -1.28 38.50 -23.77
N HIS D 278 -2.36 39.27 -23.65
CA HIS D 278 -2.73 40.18 -24.70
C HIS D 278 -1.62 41.19 -24.97
N LEU D 279 -1.08 41.78 -23.91
CA LEU D 279 -0.14 42.88 -24.05
C LEU D 279 1.18 42.44 -24.71
N MET D 280 1.46 41.14 -24.63
CA MET D 280 2.72 40.62 -25.19
C MET D 280 2.56 40.11 -26.62
N HIS D 281 1.30 39.96 -27.06
CA HIS D 281 1.02 39.44 -28.39
C HIS D 281 1.36 40.48 -29.45
N PRO D 282 2.06 40.06 -30.53
CA PRO D 282 2.53 41.03 -31.53
C PRO D 282 1.40 41.92 -32.02
N ALA D 283 0.23 41.33 -32.23
CA ALA D 283 -0.93 42.07 -32.72
C ALA D 283 -1.25 43.27 -31.83
N ASN D 284 -0.72 43.28 -30.61
CA ASN D 284 -1.07 44.32 -29.65
C ASN D 284 0.05 45.32 -29.34
N VAL D 285 1.02 45.42 -30.25
CA VAL D 285 2.20 46.27 -30.02
C VAL D 285 1.81 47.70 -29.61
N LYS D 286 0.76 48.21 -30.24
CA LYS D 286 0.26 49.57 -29.98
C LYS D 286 -0.15 49.76 -28.53
N HIS D 287 -0.82 48.76 -27.98
CA HIS D 287 -1.28 48.83 -26.60
C HIS D 287 -0.14 48.62 -25.63
N LEU D 288 0.79 47.74 -26.00
CA LEU D 288 2.02 47.61 -25.23
C LEU D 288 2.76 48.94 -25.21
N GLU D 289 2.81 49.60 -26.36
CA GLU D 289 3.40 50.92 -26.50
C GLU D 289 2.77 51.93 -25.55
N ALA D 290 1.44 52.00 -25.58
CA ALA D 290 0.67 52.89 -24.73
C ALA D 290 0.93 52.60 -23.25
N LEU D 291 1.01 51.34 -22.87
CA LEU D 291 1.25 51.01 -21.49
C LEU D 291 2.65 51.45 -21.07
N ARG D 292 3.62 51.27 -21.96
CA ARG D 292 4.99 51.72 -21.72
C ARG D 292 5.06 53.22 -21.53
N LYS D 293 4.31 53.95 -22.36
CA LYS D 293 4.22 55.41 -22.23
C LYS D 293 3.64 55.80 -20.88
N GLU D 294 2.51 55.19 -20.52
CA GLU D 294 1.88 55.43 -19.24
C GLU D 294 2.84 55.32 -18.05
N ILE D 295 3.69 54.29 -18.05
CA ILE D 295 4.56 54.04 -16.89
C ILE D 295 5.97 54.59 -17.07
N GLU D 296 6.20 55.26 -18.19
CA GLU D 296 7.55 55.73 -18.52
C GLU D 296 8.08 56.71 -17.47
N GLU D 297 7.21 57.57 -16.95
CA GLU D 297 7.65 58.61 -16.01
C GLU D 297 7.79 58.10 -14.58
N PHE D 298 7.22 56.93 -14.30
CA PHE D 298 7.06 56.45 -12.91
C PHE D 298 8.39 56.18 -12.20
N PRO D 299 8.46 56.47 -10.89
CA PRO D 299 9.64 56.19 -10.07
C PRO D 299 9.82 54.70 -9.74
N ALA D 300 11.03 54.32 -9.37
CA ALA D 300 11.32 52.93 -8.96
C ALA D 300 10.34 52.42 -7.91
N GLN D 301 10.11 53.22 -6.87
CA GLN D 301 9.13 52.86 -5.85
C GLN D 301 7.80 53.62 -6.05
N LEU D 302 6.86 52.95 -6.71
CA LEU D 302 5.52 53.49 -7.00
C LEU D 302 4.80 53.96 -5.74
N ASN D 303 3.88 54.91 -5.90
CA ASN D 303 3.03 55.35 -4.81
C ASN D 303 1.55 55.19 -5.15
N TYR D 304 0.71 55.44 -4.17
CA TYR D 304 -0.74 55.35 -4.32
C TYR D 304 -1.25 56.10 -5.56
N ASN D 305 -0.71 57.29 -5.82
CA ASN D 305 -1.22 58.13 -6.91
C ASN D 305 -0.86 57.62 -8.30
N ASN D 306 0.35 57.08 -8.46
CA ASN D 306 0.73 56.53 -9.75
C ASN D 306 -0.30 55.52 -10.21
N VAL D 307 -0.57 54.54 -9.35
CA VAL D 307 -1.42 53.41 -9.70
C VAL D 307 -2.90 53.82 -9.71
N MET D 308 -3.35 54.49 -8.64
CA MET D 308 -4.76 54.89 -8.54
C MET D 308 -5.14 55.92 -9.61
N ASP D 309 -4.24 56.86 -9.88
CA ASP D 309 -4.62 58.07 -10.60
C ASP D 309 -3.98 58.20 -11.99
N GLU D 310 -2.83 57.56 -12.20
CA GLU D 310 -2.06 57.81 -13.43
C GLU D 310 -1.87 56.55 -14.28
N MET D 311 -2.73 55.56 -14.05
CA MET D 311 -2.73 54.34 -14.86
C MET D 311 -4.12 54.04 -15.44
N PRO D 312 -4.75 55.04 -16.07
CA PRO D 312 -6.04 54.77 -16.71
C PRO D 312 -5.96 53.76 -17.84
N PHE D 313 -4.83 53.70 -18.56
CA PHE D 313 -4.78 52.78 -19.68
C PHE D 313 -4.70 51.33 -19.20
N ALA D 314 -3.78 51.07 -18.27
CA ALA D 314 -3.67 49.76 -17.64
C ALA D 314 -5.01 49.29 -17.12
N GLU D 315 -5.74 50.18 -16.46
CA GLU D 315 -7.07 49.84 -15.97
C GLU D 315 -7.98 49.40 -17.11
N ARG D 316 -7.91 50.11 -18.22
CA ARG D 316 -8.68 49.74 -19.40
C ARG D 316 -8.25 48.38 -19.95
N CYS D 317 -6.95 48.08 -19.88
CA CYS D 317 -6.46 46.76 -20.26
C CYS D 317 -7.06 45.67 -19.36
N ALA D 318 -7.03 45.89 -18.06
CA ALA D 318 -7.57 44.92 -17.10
C ALA D 318 -9.06 44.72 -17.34
N ARG D 319 -9.79 45.82 -17.52
CA ARG D 319 -11.23 45.74 -17.68
C ARG D 319 -11.62 45.04 -18.98
N GLU D 320 -10.88 45.31 -20.05
CA GLU D 320 -11.18 44.69 -21.35
C GLU D 320 -10.86 43.19 -21.34
N SER D 321 -9.85 42.80 -20.56
CA SER D 321 -9.54 41.38 -20.38
C SER D 321 -10.71 40.64 -19.72
N ILE D 322 -11.28 41.27 -18.69
CA ILE D 322 -12.46 40.74 -18.02
C ILE D 322 -13.68 40.77 -18.94
N ARG D 323 -13.79 41.84 -19.74
CA ARG D 323 -14.88 41.93 -20.71
C ARG D 323 -14.86 40.73 -21.66
N ARG D 324 -13.71 40.48 -22.29
CA ARG D 324 -13.60 39.45 -23.32
C ARG D 324 -13.70 38.03 -22.73
N ASP D 325 -13.09 37.84 -21.57
CA ASP D 325 -13.05 36.51 -20.96
C ASP D 325 -13.37 36.59 -19.48
N PRO D 326 -14.66 36.82 -19.17
CA PRO D 326 -15.01 37.00 -17.76
C PRO D 326 -14.77 35.75 -16.94
N PRO D 327 -14.10 35.89 -15.78
CA PRO D 327 -13.75 34.72 -14.98
C PRO D 327 -14.98 34.07 -14.35
N LEU D 328 -16.05 34.84 -14.16
CA LEU D 328 -17.31 34.29 -13.68
C LEU D 328 -18.34 34.31 -14.80
N LEU D 329 -18.74 33.12 -15.25
CA LEU D 329 -19.51 32.98 -16.48
C LEU D 329 -20.99 33.27 -16.26
N MET D 330 -21.49 32.88 -15.10
CA MET D 330 -22.91 32.98 -14.77
C MET D 330 -23.08 33.49 -13.35
N LEU D 331 -23.86 34.55 -13.19
CA LEU D 331 -24.30 35.01 -11.90
C LEU D 331 -25.71 34.54 -11.68
N MET D 332 -26.02 34.04 -10.48
CA MET D 332 -27.31 33.38 -10.29
C MET D 332 -27.99 33.82 -9.01
N ARG D 333 -29.32 33.80 -9.02
CA ARG D 333 -30.13 33.99 -7.84
C ARG D 333 -31.25 32.96 -7.83
N LYS D 334 -31.77 32.66 -6.65
CA LYS D 334 -33.04 31.97 -6.54
C LYS D 334 -34.19 32.96 -6.55
N VAL D 335 -35.20 32.67 -7.37
CA VAL D 335 -36.38 33.52 -7.44
C VAL D 335 -37.33 33.19 -6.29
N MET D 336 -37.50 34.14 -5.38
CA MET D 336 -38.29 33.92 -4.17
C MET D 336 -39.73 34.38 -4.35
N ALA D 337 -39.98 35.12 -5.42
CA ALA D 337 -41.32 35.57 -5.78
C ALA D 337 -41.36 36.00 -7.24
N ASP D 338 -42.50 35.83 -7.90
CA ASP D 338 -42.61 36.18 -9.33
C ASP D 338 -42.10 37.59 -9.62
N VAL D 339 -41.26 37.70 -10.66
CA VAL D 339 -40.73 39.00 -11.07
C VAL D 339 -40.87 39.22 -12.57
N LYS D 340 -41.11 40.46 -12.95
CA LYS D 340 -41.07 40.85 -14.35
C LYS D 340 -39.64 40.96 -14.84
N VAL D 341 -39.38 40.40 -15.99
CA VAL D 341 -38.14 40.63 -16.71
C VAL D 341 -38.45 40.65 -18.19
N GLY D 342 -38.15 41.77 -18.84
CA GLY D 342 -38.54 41.98 -20.22
C GLY D 342 -40.05 41.87 -20.32
N SER D 343 -40.54 41.18 -21.34
CA SER D 343 -41.98 40.98 -21.50
C SER D 343 -42.59 40.01 -20.50
N TYR D 344 -41.76 39.28 -19.75
CA TYR D 344 -42.18 38.02 -19.12
C TYR D 344 -42.33 38.08 -17.61
N VAL D 345 -43.00 37.07 -17.06
CA VAL D 345 -42.93 36.82 -15.62
C VAL D 345 -42.02 35.61 -15.34
N VAL D 346 -41.02 35.81 -14.47
CA VAL D 346 -40.18 34.69 -14.04
C VAL D 346 -40.66 34.14 -12.70
N PRO D 347 -41.09 32.87 -12.69
CA PRO D 347 -41.86 32.36 -11.55
C PRO D 347 -40.98 32.04 -10.35
N LYS D 348 -41.51 32.32 -9.17
CA LYS D 348 -40.94 31.80 -7.93
C LYS D 348 -40.50 30.34 -8.12
N GLY D 349 -39.26 30.05 -7.73
CA GLY D 349 -38.75 28.68 -7.84
C GLY D 349 -37.68 28.52 -8.89
N ASP D 350 -37.72 29.35 -9.92
CA ASP D 350 -36.64 29.41 -10.90
C ASP D 350 -35.33 29.78 -10.25
N ILE D 351 -34.23 29.28 -10.78
CA ILE D 351 -32.97 30.00 -10.74
C ILE D 351 -32.97 31.01 -11.86
N ILE D 352 -32.68 32.27 -11.53
CA ILE D 352 -32.50 33.28 -12.55
C ILE D 352 -31.00 33.60 -12.68
N ALA D 353 -30.56 33.78 -13.92
CA ALA D 353 -29.13 33.93 -14.19
C ALA D 353 -28.89 35.10 -15.13
N CYS D 354 -27.79 35.80 -14.91
CA CYS D 354 -27.32 36.78 -15.86
C CYS D 354 -25.85 36.48 -16.17
N SER D 355 -25.51 36.39 -17.46
CA SER D 355 -24.22 35.82 -17.87
C SER D 355 -23.28 36.89 -18.40
N PRO D 356 -22.21 37.20 -17.65
CA PRO D 356 -21.16 38.05 -18.20
C PRO D 356 -20.60 37.52 -19.52
N LEU D 357 -20.41 36.21 -19.62
CA LEU D 357 -19.95 35.62 -20.86
C LEU D 357 -20.89 35.94 -22.03
N LEU D 358 -22.17 35.71 -21.84
CA LEU D 358 -23.16 35.91 -22.89
C LEU D 358 -23.29 37.39 -23.24
N SER D 359 -23.44 38.23 -22.23
CA SER D 359 -23.66 39.65 -22.45
C SER D 359 -22.43 40.37 -23.02
N HIS D 360 -21.23 39.92 -22.65
CA HIS D 360 -20.01 40.56 -23.13
C HIS D 360 -19.72 40.19 -24.57
N HIS D 361 -20.52 39.29 -25.11
CA HIS D 361 -20.39 38.91 -26.50
C HIS D 361 -21.59 39.30 -27.33
N ASP D 362 -22.45 40.13 -26.76
CA ASP D 362 -23.49 40.80 -27.50
C ASP D 362 -22.90 41.79 -28.50
N GLU D 363 -23.23 41.61 -29.78
CA GLU D 363 -22.54 42.35 -30.84
C GLU D 363 -23.03 43.79 -30.99
N GLU D 364 -24.21 44.10 -30.45
CA GLU D 364 -24.59 45.50 -30.25
C GLU D 364 -23.70 46.19 -29.20
N ALA D 365 -23.61 45.59 -28.01
CA ALA D 365 -22.84 46.18 -26.91
C ALA D 365 -21.33 46.16 -27.16
N PHE D 366 -20.84 45.10 -27.81
CA PHE D 366 -19.42 44.91 -28.01
C PHE D 366 -19.16 44.34 -29.40
N PRO D 367 -19.12 45.21 -30.43
CA PRO D 367 -18.87 44.75 -31.78
C PRO D 367 -17.55 43.98 -31.88
N GLU D 368 -17.57 42.88 -32.64
CA GLU D 368 -16.39 42.03 -32.80
C GLU D 368 -15.80 41.61 -31.45
N PRO D 369 -16.62 40.94 -30.60
CA PRO D 369 -16.32 40.85 -29.17
C PRO D 369 -15.10 39.97 -28.84
N ARG D 370 -14.69 39.07 -29.74
CA ARG D 370 -13.46 38.29 -29.51
C ARG D 370 -12.19 39.12 -29.72
N ARG D 371 -12.31 40.31 -30.29
CA ARG D 371 -11.17 41.21 -30.38
C ARG D 371 -10.91 41.91 -29.04
N TRP D 372 -9.71 41.74 -28.50
CA TRP D 372 -9.30 42.46 -27.32
C TRP D 372 -8.91 43.87 -27.68
N ASP D 373 -9.65 44.84 -27.15
CA ASP D 373 -9.42 46.23 -27.49
C ASP D 373 -9.70 47.14 -26.29
N PRO D 374 -8.63 47.53 -25.57
CA PRO D 374 -8.80 48.30 -24.34
C PRO D 374 -9.34 49.70 -24.60
N GLU D 375 -9.29 50.14 -25.85
CA GLU D 375 -9.80 51.45 -26.21
C GLU D 375 -11.31 51.44 -26.46
N ARG D 376 -11.94 50.28 -26.34
CA ARG D 376 -13.39 50.18 -26.59
C ARG D 376 -14.22 50.70 -25.39
N ASP D 377 -15.47 51.06 -25.67
CA ASP D 377 -16.43 51.43 -24.62
C ASP D 377 -17.76 50.76 -24.93
N GLU D 378 -18.53 50.44 -23.90
CA GLU D 378 -19.83 49.79 -24.09
C GLU D 378 -20.76 50.65 -24.95
N LYS D 379 -21.42 50.02 -25.92
CA LYS D 379 -22.34 50.74 -26.79
C LYS D 379 -23.76 50.61 -26.25
N VAL D 380 -23.92 49.78 -25.23
CA VAL D 380 -25.18 49.61 -24.54
C VAL D 380 -24.95 49.81 -23.06
N GLU D 381 -25.80 50.62 -22.45
CA GLU D 381 -25.63 51.04 -21.09
C GLU D 381 -25.71 49.84 -20.14
N GLY D 382 -24.76 49.71 -19.23
CA GLY D 382 -24.80 48.62 -18.24
C GLY D 382 -24.49 47.24 -18.80
N ALA D 383 -23.96 47.18 -20.02
CA ALA D 383 -23.67 45.91 -20.68
C ALA D 383 -22.47 45.21 -20.05
N PHE D 384 -21.50 45.98 -19.57
CA PHE D 384 -20.39 45.38 -18.88
C PHE D 384 -20.80 45.01 -17.47
N ILE D 385 -20.67 43.73 -17.15
CA ILE D 385 -21.05 43.25 -15.83
C ILE D 385 -19.99 42.35 -15.24
N GLY D 386 -18.74 42.56 -15.65
CA GLY D 386 -17.63 41.74 -15.21
C GLY D 386 -17.41 41.78 -13.71
N PHE D 387 -17.89 42.83 -13.07
CA PHE D 387 -17.85 42.93 -11.60
C PHE D 387 -19.25 42.90 -11.01
N GLY D 388 -20.22 42.40 -11.77
CA GLY D 388 -21.60 42.46 -11.32
C GLY D 388 -22.12 43.88 -11.22
N ALA D 389 -23.20 44.06 -10.44
CA ALA D 389 -23.91 45.33 -10.38
C ALA D 389 -24.96 45.26 -9.28
N GLY D 390 -25.50 46.41 -8.88
CA GLY D 390 -26.61 46.43 -7.92
C GLY D 390 -26.30 45.82 -6.57
N VAL D 391 -27.22 45.00 -6.06
CA VAL D 391 -27.24 44.64 -4.64
C VAL D 391 -26.00 43.83 -4.26
N HIS D 392 -25.48 43.03 -5.19
CA HIS D 392 -24.33 42.17 -4.89
C HIS D 392 -23.12 42.47 -5.77
N LYS D 393 -22.98 43.74 -6.15
CA LYS D 393 -21.84 44.20 -6.93
C LYS D 393 -20.52 43.93 -6.20
N CYS D 394 -19.45 43.74 -6.97
CA CYS D 394 -18.17 43.33 -6.38
C CYS D 394 -17.66 44.37 -5.39
N ILE D 395 -17.32 43.91 -4.18
CA ILE D 395 -16.76 44.83 -3.17
C ILE D 395 -15.24 44.85 -3.20
N GLY D 396 -14.65 43.98 -4.02
CA GLY D 396 -13.20 43.87 -4.10
C GLY D 396 -12.62 44.46 -5.37
N GLN D 397 -13.49 45.06 -6.19
CA GLN D 397 -13.07 45.52 -7.53
C GLN D 397 -11.82 46.39 -7.50
N LYS D 398 -11.80 47.40 -6.64
CA LYS D 398 -10.70 48.36 -6.63
C LYS D 398 -9.40 47.72 -6.12
N PHE D 399 -9.51 46.88 -5.10
CA PHE D 399 -8.34 46.12 -4.61
C PHE D 399 -7.80 45.20 -5.69
N GLY D 400 -8.69 44.42 -6.31
CA GLY D 400 -8.30 43.56 -7.44
C GLY D 400 -7.61 44.33 -8.54
N LEU D 401 -8.20 45.45 -8.96
CA LEU D 401 -7.62 46.24 -10.04
C LEU D 401 -6.31 46.91 -9.58
N LEU D 402 -6.22 47.22 -8.29
CA LEU D 402 -4.97 47.75 -7.74
C LEU D 402 -3.81 46.76 -7.92
N GLN D 403 -4.06 45.50 -7.56
CA GLN D 403 -3.06 44.45 -7.71
C GLN D 403 -2.69 44.27 -9.16
N VAL D 404 -3.70 44.12 -10.01
CA VAL D 404 -3.45 43.88 -11.43
C VAL D 404 -2.58 44.99 -12.01
N LYS D 405 -2.93 46.23 -11.69
CA LYS D 405 -2.25 47.37 -12.28
C LYS D 405 -0.85 47.53 -11.72
N THR D 406 -0.66 47.23 -10.45
CA THR D 406 0.68 47.32 -9.85
C THR D 406 1.60 46.26 -10.43
N ILE D 407 1.08 45.05 -10.59
CA ILE D 407 1.87 43.96 -11.16
C ILE D 407 2.26 44.27 -12.61
N LEU D 408 1.30 44.78 -13.37
CA LEU D 408 1.54 45.14 -14.76
C LEU D 408 2.66 46.17 -14.85
N ALA D 409 2.55 47.21 -14.03
CA ALA D 409 3.57 48.27 -14.01
C ALA D 409 4.92 47.72 -13.58
N THR D 410 4.93 46.90 -12.53
CA THR D 410 6.18 46.37 -11.99
C THR D 410 6.81 45.38 -12.97
N ALA D 411 5.99 44.51 -13.57
CA ALA D 411 6.48 43.49 -14.49
C ALA D 411 7.09 44.08 -15.77
N PHE D 412 6.30 44.91 -16.47
CA PHE D 412 6.75 45.47 -17.74
C PHE D 412 7.83 46.55 -17.55
N ARG D 413 7.98 47.08 -16.33
CA ARG D 413 9.13 47.92 -16.07
C ARG D 413 10.41 47.12 -16.31
N SER D 414 10.53 45.98 -15.62
CA SER D 414 11.80 45.25 -15.57
C SER D 414 11.93 44.14 -16.63
N TYR D 415 10.83 43.76 -17.28
CA TYR D 415 10.85 42.65 -18.26
C TYR D 415 10.09 42.95 -19.55
N ASP D 416 10.41 42.20 -20.59
CA ASP D 416 9.49 41.95 -21.69
C ASP D 416 9.13 40.48 -21.77
N PHE D 417 8.13 40.14 -22.58
CA PHE D 417 7.60 38.77 -22.64
C PHE D 417 7.29 38.35 -24.07
N GLN D 418 7.52 37.07 -24.36
CA GLN D 418 7.12 36.49 -25.64
C GLN D 418 6.20 35.28 -25.44
N LEU D 419 5.04 35.30 -26.08
CA LEU D 419 4.20 34.11 -26.22
C LEU D 419 4.94 33.00 -26.93
N LEU D 420 4.73 31.76 -26.49
CA LEU D 420 5.30 30.61 -27.18
C LEU D 420 4.23 29.87 -27.98
N ARG D 421 3.30 30.63 -28.52
CA ARG D 421 2.17 30.12 -29.26
C ARG D 421 1.80 31.22 -30.22
N ASP D 422 1.16 30.88 -31.32
CA ASP D 422 0.83 31.92 -32.29
C ASP D 422 -0.31 32.77 -31.77
N GLU D 423 -1.23 32.15 -31.07
CA GLU D 423 -2.41 32.87 -30.59
C GLU D 423 -2.41 33.02 -29.06
N VAL D 424 -3.14 34.02 -28.61
CA VAL D 424 -3.56 34.09 -27.23
C VAL D 424 -4.31 32.81 -26.83
N PRO D 425 -4.06 32.30 -25.62
CA PRO D 425 -4.66 31.04 -25.16
C PRO D 425 -6.19 31.05 -25.29
N ASP D 426 -6.77 29.88 -25.53
CA ASP D 426 -8.19 29.68 -25.38
C ASP D 426 -8.58 29.74 -23.91
N PRO D 427 -9.75 30.31 -23.62
CA PRO D 427 -10.31 30.16 -22.27
C PRO D 427 -10.64 28.71 -21.99
N ASP D 428 -10.41 28.28 -20.76
CA ASP D 428 -10.71 26.92 -20.35
C ASP D 428 -11.95 26.91 -19.45
N TYR D 429 -13.08 26.44 -19.99
CA TYR D 429 -14.36 26.57 -19.29
C TYR D 429 -14.62 25.45 -18.28
N HIS D 430 -13.62 24.61 -18.02
CA HIS D 430 -13.83 23.46 -17.13
C HIS D 430 -13.68 23.77 -15.66
N THR D 431 -13.25 24.99 -15.33
CA THR D 431 -12.96 25.32 -13.94
C THR D 431 -14.03 26.25 -13.35
N MET D 432 -14.13 26.29 -12.02
CA MET D 432 -15.14 27.13 -11.36
C MET D 432 -14.95 28.60 -11.68
N VAL D 433 -13.70 29.04 -11.64
CA VAL D 433 -13.34 30.36 -12.06
C VAL D 433 -12.52 30.25 -13.34
N VAL D 434 -13.01 30.87 -14.40
CA VAL D 434 -12.49 30.60 -15.73
C VAL D 434 -11.29 31.50 -16.08
N GLY D 435 -10.20 30.88 -16.51
CA GLY D 435 -9.04 31.64 -16.99
C GLY D 435 -8.51 31.09 -18.30
N PRO D 436 -7.33 31.55 -18.72
CA PRO D 436 -6.71 31.00 -19.91
C PRO D 436 -6.27 29.56 -19.64
N THR D 437 -6.29 28.73 -20.68
CA THR D 437 -5.85 27.33 -20.54
C THR D 437 -4.42 27.25 -20.03
N ALA D 438 -4.24 26.64 -18.86
CA ALA D 438 -2.96 26.68 -18.14
C ALA D 438 -1.80 26.18 -19.00
N SER D 439 -2.05 25.14 -19.79
CA SER D 439 -0.99 24.54 -20.59
C SER D 439 -0.61 25.40 -21.80
N GLN D 440 -1.39 26.43 -22.08
CA GLN D 440 -1.10 27.33 -23.19
C GLN D 440 -0.43 28.63 -22.72
N CYS D 441 -0.15 28.71 -21.41
CA CYS D 441 0.33 29.94 -20.80
C CYS D 441 1.84 29.98 -20.60
N ARG D 442 2.59 29.20 -21.38
CA ARG D 442 4.03 29.25 -21.28
C ARG D 442 4.56 30.44 -22.06
N VAL D 443 5.38 31.23 -21.39
CA VAL D 443 5.94 32.43 -21.98
C VAL D 443 7.43 32.54 -21.66
N LYS D 444 8.14 33.26 -22.52
CA LYS D 444 9.53 33.60 -22.28
C LYS D 444 9.62 35.01 -21.67
N TYR D 445 10.27 35.14 -20.51
CA TYR D 445 10.62 36.44 -19.96
C TYR D 445 11.99 36.90 -20.44
N ILE D 446 12.15 38.20 -20.56
CA ILE D 446 13.38 38.80 -21.08
C ILE D 446 13.73 40.00 -20.23
N ARG D 447 14.78 39.86 -19.42
CA ARG D 447 15.17 40.91 -18.50
C ARG D 447 15.58 42.16 -19.27
N ARG D 448 15.06 43.31 -18.86
CA ARG D 448 15.44 44.57 -19.48
C ARG D 448 16.61 45.21 -18.73
#